data_1R57
#
_entry.id   1R57
#
_entity_poly.entity_id   1
_entity_poly.type   'polypeptide(L)'
_entity_poly.pdbx_seq_one_letter_code
;MSNLEIKQGENKFYIGDDENNALAEITYRFVDNNEINIDHTGVSDELGGQGVGKKLLKAVVEHARENNLKIIASCSFAKH
MLEKEDSYQDVYLGLEHHHHHH
;
_entity_poly.pdbx_strand_id   A
#
# COMPACT_ATOMS: atom_id res chain seq x y z
N MET A 1 -0.18 1.89 25.95
CA MET A 1 0.08 3.33 26.14
C MET A 1 0.90 3.86 24.97
N SER A 2 0.34 4.85 24.27
CA SER A 2 0.96 5.45 23.08
C SER A 2 1.41 4.37 22.09
N ASN A 3 0.44 3.65 21.54
CA ASN A 3 0.72 2.54 20.64
C ASN A 3 -0.11 2.64 19.37
N LEU A 4 0.23 3.59 18.51
CA LEU A 4 -0.43 3.74 17.22
C LEU A 4 0.61 3.98 16.14
N GLU A 5 1.85 3.74 16.52
CA GLU A 5 3.01 3.95 15.64
C GLU A 5 3.10 2.87 14.57
N ILE A 6 3.86 3.16 13.53
CA ILE A 6 4.08 2.21 12.44
C ILE A 6 5.47 1.61 12.55
N LYS A 7 5.55 0.30 12.68
CA LYS A 7 6.82 -0.39 12.83
C LYS A 7 7.49 -0.55 11.47
N GLN A 8 8.72 -0.05 11.37
CA GLN A 8 9.48 -0.12 10.13
C GLN A 8 10.25 -1.42 10.04
N GLY A 9 9.90 -2.24 9.06
CA GLY A 9 10.60 -3.50 8.85
C GLY A 9 11.22 -3.57 7.47
N GLU A 10 11.67 -4.77 7.09
CA GLU A 10 12.33 -4.97 5.81
C GLU A 10 11.38 -4.71 4.64
N ASN A 11 11.41 -3.48 4.12
CA ASN A 11 10.54 -3.07 3.01
C ASN A 11 9.06 -3.32 3.34
N LYS A 12 8.75 -3.29 4.62
CA LYS A 12 7.40 -3.55 5.08
C LYS A 12 7.07 -2.65 6.27
N PHE A 13 5.84 -2.16 6.31
CA PHE A 13 5.38 -1.36 7.42
C PHE A 13 4.18 -2.04 8.07
N TYR A 14 4.26 -2.29 9.37
CA TYR A 14 3.17 -2.96 10.06
C TYR A 14 2.79 -2.26 11.35
N ILE A 15 1.50 -2.24 11.63
CA ILE A 15 0.98 -1.69 12.85
C ILE A 15 0.42 -2.81 13.72
N GLY A 16 0.98 -2.97 14.90
CA GLY A 16 0.56 -4.01 15.81
C GLY A 16 1.53 -4.17 16.95
N ASP A 17 1.34 -5.19 17.77
CA ASP A 17 2.21 -5.44 18.91
C ASP A 17 3.53 -6.02 18.45
N ASP A 18 3.46 -7.05 17.62
CA ASP A 18 4.63 -7.74 17.15
C ASP A 18 4.39 -8.33 15.76
N GLU A 19 5.25 -9.25 15.35
CA GLU A 19 5.14 -9.88 14.04
C GLU A 19 3.86 -10.71 13.93
N ASN A 20 3.47 -11.35 15.03
CA ASN A 20 2.26 -12.17 15.05
C ASN A 20 1.03 -11.30 15.22
N ASN A 21 1.15 -10.27 16.05
CA ASN A 21 0.06 -9.32 16.28
C ASN A 21 0.09 -8.18 15.27
N ALA A 22 0.56 -8.48 14.07
CA ALA A 22 0.54 -7.51 12.99
C ALA A 22 -0.87 -7.44 12.42
N LEU A 23 -1.67 -6.52 12.94
CA LEU A 23 -3.07 -6.41 12.55
C LEU A 23 -3.21 -5.80 11.16
N ALA A 24 -2.28 -4.91 10.83
CA ALA A 24 -2.29 -4.28 9.52
C ALA A 24 -0.87 -4.04 9.04
N GLU A 25 -0.48 -4.71 7.97
CA GLU A 25 0.84 -4.52 7.40
C GLU A 25 0.78 -4.45 5.88
N ILE A 26 1.76 -3.80 5.29
CA ILE A 26 1.86 -3.66 3.84
C ILE A 26 3.31 -3.82 3.41
N THR A 27 3.53 -4.47 2.28
CA THR A 27 4.88 -4.72 1.78
C THR A 27 5.04 -4.16 0.38
N TYR A 28 6.25 -3.69 0.06
CA TYR A 28 6.55 -3.21 -1.27
C TYR A 28 7.99 -3.54 -1.63
N ARG A 29 8.22 -3.99 -2.85
CA ARG A 29 9.56 -4.31 -3.29
C ARG A 29 9.85 -3.61 -4.62
N PHE A 30 11.13 -3.38 -4.88
CA PHE A 30 11.56 -2.76 -6.12
C PHE A 30 11.65 -3.83 -7.20
N VAL A 31 10.63 -3.90 -8.04
CA VAL A 31 10.56 -4.93 -9.07
C VAL A 31 11.53 -4.65 -10.22
N ASP A 32 11.65 -3.39 -10.60
CA ASP A 32 12.52 -3.02 -11.71
C ASP A 32 13.51 -1.96 -11.27
N ASN A 33 13.09 -0.70 -11.22
CA ASN A 33 13.91 0.37 -10.67
C ASN A 33 13.11 1.26 -9.74
N ASN A 34 12.44 2.27 -10.31
CA ASN A 34 11.62 3.18 -9.51
C ASN A 34 10.21 2.63 -9.38
N GLU A 35 9.98 1.49 -10.00
CA GLU A 35 8.68 0.83 -9.94
C GLU A 35 8.62 -0.09 -8.73
N ILE A 36 7.68 0.17 -7.85
CA ILE A 36 7.46 -0.67 -6.68
C ILE A 36 6.08 -1.28 -6.74
N ASN A 37 5.95 -2.49 -6.24
CA ASN A 37 4.66 -3.14 -6.18
C ASN A 37 4.27 -3.42 -4.74
N ILE A 38 3.00 -3.26 -4.44
CA ILE A 38 2.48 -3.71 -3.17
C ILE A 38 2.34 -5.22 -3.21
N ASP A 39 3.35 -5.88 -2.65
CA ASP A 39 3.49 -7.32 -2.73
C ASP A 39 2.37 -8.03 -2.00
N HIS A 40 2.21 -7.69 -0.74
CA HIS A 40 1.19 -8.29 0.11
C HIS A 40 0.63 -7.25 1.07
N THR A 41 -0.66 -7.33 1.33
CA THR A 41 -1.29 -6.41 2.26
C THR A 41 -2.10 -7.16 3.31
N GLY A 42 -1.45 -7.49 4.41
CA GLY A 42 -2.11 -8.18 5.49
C GLY A 42 -2.78 -7.21 6.44
N VAL A 43 -3.86 -6.60 5.98
CA VAL A 43 -4.59 -5.63 6.78
C VAL A 43 -5.96 -6.17 7.15
N SER A 44 -6.20 -6.30 8.44
CA SER A 44 -7.50 -6.70 8.93
C SER A 44 -8.46 -5.52 8.81
N ASP A 45 -9.59 -5.74 8.17
CA ASP A 45 -10.56 -4.68 7.97
C ASP A 45 -11.86 -5.02 8.68
N GLU A 46 -12.11 -4.29 9.73
CA GLU A 46 -13.30 -4.50 10.56
C GLU A 46 -14.57 -4.01 9.84
N LEU A 47 -14.61 -2.72 9.53
CA LEU A 47 -15.83 -2.12 8.98
C LEU A 47 -15.51 -1.09 7.88
N GLY A 48 -14.32 -1.15 7.31
CA GLY A 48 -13.95 -0.19 6.29
C GLY A 48 -13.48 1.13 6.88
N GLY A 49 -14.35 1.74 7.67
CA GLY A 49 -14.00 2.99 8.33
C GLY A 49 -12.89 2.81 9.35
N GLN A 50 -12.80 1.58 9.87
CA GLN A 50 -11.75 1.22 10.81
C GLN A 50 -10.65 0.47 10.08
N GLY A 51 -10.59 0.66 8.77
CA GLY A 51 -9.58 0.01 7.96
C GLY A 51 -8.25 0.74 8.05
N VAL A 52 -7.34 0.18 8.84
CA VAL A 52 -6.03 0.78 9.06
C VAL A 52 -5.22 0.86 7.76
N GLY A 53 -5.66 0.09 6.76
CA GLY A 53 -4.99 0.07 5.48
C GLY A 53 -4.87 1.44 4.84
N LYS A 54 -5.85 2.30 5.09
CA LYS A 54 -5.83 3.65 4.50
C LYS A 54 -4.64 4.45 5.02
N LYS A 55 -4.31 4.27 6.29
CA LYS A 55 -3.19 4.98 6.91
C LYS A 55 -1.88 4.51 6.29
N LEU A 56 -1.79 3.20 6.04
CA LEU A 56 -0.62 2.62 5.40
C LEU A 56 -0.50 3.11 3.95
N LEU A 57 -1.62 3.06 3.23
CA LEU A 57 -1.67 3.52 1.84
C LEU A 57 -1.21 4.96 1.72
N LYS A 58 -1.71 5.82 2.60
CA LYS A 58 -1.33 7.23 2.61
C LYS A 58 0.18 7.37 2.72
N ALA A 59 0.76 6.65 3.68
CA ALA A 59 2.19 6.72 3.94
C ALA A 59 3.00 6.24 2.73
N VAL A 60 2.57 5.12 2.15
CA VAL A 60 3.28 4.56 1.00
C VAL A 60 3.22 5.49 -0.21
N VAL A 61 2.03 5.96 -0.55
CA VAL A 61 1.87 6.86 -1.70
C VAL A 61 2.61 8.18 -1.47
N GLU A 62 2.52 8.70 -0.25
CA GLU A 62 3.20 9.94 0.12
C GLU A 62 4.70 9.79 -0.06
N HIS A 63 5.23 8.68 0.46
CA HIS A 63 6.65 8.39 0.37
C HIS A 63 7.05 8.18 -1.10
N ALA A 64 6.21 7.46 -1.83
CA ALA A 64 6.49 7.13 -3.23
C ALA A 64 6.51 8.36 -4.12
N ARG A 65 5.54 9.26 -3.92
CA ARG A 65 5.46 10.48 -4.71
C ARG A 65 6.75 11.30 -4.59
N GLU A 66 7.21 11.46 -3.35
CA GLU A 66 8.41 12.25 -3.09
C GLU A 66 9.66 11.53 -3.58
N ASN A 67 9.56 10.22 -3.78
CA ASN A 67 10.71 9.42 -4.22
C ASN A 67 10.64 9.12 -5.72
N ASN A 68 9.61 9.64 -6.39
CA ASN A 68 9.43 9.42 -7.84
C ASN A 68 9.16 7.95 -8.13
N LEU A 69 8.61 7.23 -7.16
CA LEU A 69 8.34 5.82 -7.32
C LEU A 69 6.98 5.58 -7.97
N LYS A 70 6.89 4.56 -8.78
CA LYS A 70 5.64 4.18 -9.42
C LYS A 70 5.04 3.00 -8.66
N ILE A 71 3.77 3.12 -8.28
CA ILE A 71 3.15 2.09 -7.46
C ILE A 71 2.21 1.20 -8.25
N ILE A 72 2.55 -0.07 -8.29
CA ILE A 72 1.64 -1.09 -8.78
C ILE A 72 1.31 -2.05 -7.64
N ALA A 73 0.43 -3.00 -7.87
CA ALA A 73 0.04 -3.91 -6.80
C ALA A 73 -0.12 -5.33 -7.32
N SER A 74 0.48 -6.28 -6.62
CA SER A 74 0.33 -7.68 -6.96
C SER A 74 -0.88 -8.26 -6.21
N CYS A 75 -1.28 -7.57 -5.16
CA CYS A 75 -2.45 -7.97 -4.39
C CYS A 75 -3.69 -7.23 -4.87
N SER A 76 -4.74 -7.97 -5.16
CA SER A 76 -5.99 -7.41 -5.69
C SER A 76 -6.61 -6.42 -4.71
N PHE A 77 -6.44 -6.69 -3.41
CA PHE A 77 -6.96 -5.84 -2.35
C PHE A 77 -6.45 -4.41 -2.51
N ALA A 78 -5.14 -4.26 -2.59
CA ALA A 78 -4.53 -2.95 -2.76
C ALA A 78 -4.82 -2.40 -4.14
N LYS A 79 -4.76 -3.27 -5.14
CA LYS A 79 -4.94 -2.88 -6.54
C LYS A 79 -6.29 -2.22 -6.78
N HIS A 80 -7.34 -2.79 -6.21
CA HIS A 80 -8.69 -2.30 -6.43
C HIS A 80 -8.98 -1.04 -5.60
N MET A 81 -8.32 -0.91 -4.46
CA MET A 81 -8.52 0.27 -3.62
C MET A 81 -7.95 1.51 -4.29
N LEU A 82 -6.73 1.38 -4.81
CA LEU A 82 -6.08 2.50 -5.50
C LEU A 82 -6.75 2.77 -6.85
N GLU A 83 -7.45 1.77 -7.36
CA GLU A 83 -8.15 1.87 -8.63
C GLU A 83 -9.29 2.88 -8.54
N LYS A 84 -10.04 2.83 -7.44
CA LYS A 84 -11.20 3.70 -7.27
C LYS A 84 -10.76 5.05 -6.73
N GLU A 85 -9.57 5.10 -6.15
CA GLU A 85 -9.08 6.29 -5.50
C GLU A 85 -8.23 7.12 -6.44
N ASP A 86 -8.86 8.06 -7.13
CA ASP A 86 -8.16 8.93 -8.06
C ASP A 86 -7.29 9.94 -7.33
N SER A 87 -7.39 9.95 -6.01
CA SER A 87 -6.58 10.86 -5.18
C SER A 87 -5.10 10.43 -5.20
N TYR A 88 -4.85 9.18 -5.55
CA TYR A 88 -3.49 8.65 -5.59
C TYR A 88 -3.07 8.41 -7.03
N GLN A 89 -3.68 9.13 -7.95
CA GLN A 89 -3.48 8.93 -9.38
C GLN A 89 -2.07 9.33 -9.83
N ASP A 90 -1.32 9.96 -8.93
CA ASP A 90 0.06 10.36 -9.22
C ASP A 90 0.95 9.17 -9.49
N VAL A 91 0.93 8.23 -8.56
CA VAL A 91 1.85 7.09 -8.61
C VAL A 91 1.15 5.83 -9.10
N TYR A 92 -0.17 5.86 -9.18
CA TYR A 92 -0.94 4.71 -9.62
C TYR A 92 -1.06 4.73 -11.14
N LEU A 93 -0.67 3.63 -11.76
CA LEU A 93 -0.75 3.50 -13.21
C LEU A 93 -2.12 3.01 -13.64
N GLY A 94 -2.47 1.81 -13.20
CA GLY A 94 -3.76 1.25 -13.53
C GLY A 94 -3.81 0.67 -14.94
N LEU A 95 -5.00 0.63 -15.52
CA LEU A 95 -5.17 0.12 -16.87
C LEU A 95 -6.43 0.71 -17.50
N GLU A 96 -6.33 1.07 -18.77
CA GLU A 96 -7.45 1.67 -19.49
C GLU A 96 -7.33 1.32 -20.97
N HIS A 97 -8.47 1.16 -21.65
CA HIS A 97 -8.49 0.69 -23.03
C HIS A 97 -8.60 1.88 -23.99
N HIS A 98 -8.15 3.03 -23.52
CA HIS A 98 -8.06 4.25 -24.33
C HIS A 98 -9.44 4.81 -24.67
N HIS A 99 -10.46 4.34 -23.96
CA HIS A 99 -11.79 4.89 -24.14
C HIS A 99 -12.02 5.95 -23.08
N HIS A 100 -11.18 6.98 -23.12
CA HIS A 100 -11.14 7.96 -22.07
C HIS A 100 -11.35 9.36 -22.60
N HIS A 101 -12.54 9.63 -23.12
CA HIS A 101 -12.96 10.99 -23.35
C HIS A 101 -13.32 11.56 -21.99
N HIS A 102 -13.87 10.68 -21.17
CA HIS A 102 -13.99 10.88 -19.74
C HIS A 102 -14.09 9.51 -19.07
N MET A 1 -7.92 5.14 22.77
CA MET A 1 -7.86 3.94 21.89
C MET A 1 -7.49 4.34 20.48
N SER A 2 -6.52 3.64 19.92
CA SER A 2 -6.06 3.89 18.55
C SER A 2 -5.17 2.74 18.10
N ASN A 3 -3.92 2.75 18.58
CA ASN A 3 -2.97 1.67 18.33
C ASN A 3 -2.66 1.51 16.85
N LEU A 4 -2.98 2.53 16.07
CA LEU A 4 -2.69 2.51 14.64
C LEU A 4 -1.26 2.99 14.40
N GLU A 5 -0.38 2.56 15.29
CA GLU A 5 1.03 2.92 15.23
C GLU A 5 1.77 1.98 14.29
N ILE A 6 2.46 2.54 13.31
CA ILE A 6 3.13 1.75 12.30
C ILE A 6 4.50 1.27 12.79
N LYS A 7 4.71 -0.03 12.73
CA LYS A 7 6.02 -0.61 12.99
C LYS A 7 6.70 -0.90 11.65
N GLN A 8 7.98 -0.64 11.55
CA GLN A 8 8.67 -0.79 10.27
C GLN A 8 9.58 -2.01 10.25
N GLY A 9 9.65 -2.63 9.09
CA GLY A 9 10.57 -3.72 8.86
C GLY A 9 11.15 -3.62 7.47
N GLU A 10 11.96 -4.59 7.08
CA GLU A 10 12.57 -4.57 5.76
C GLU A 10 11.53 -4.87 4.69
N ASN A 11 11.25 -3.87 3.86
CA ASN A 11 10.30 -3.99 2.75
C ASN A 11 8.87 -4.19 3.24
N LYS A 12 8.62 -3.93 4.52
CA LYS A 12 7.28 -4.11 5.07
C LYS A 12 6.98 -3.09 6.17
N PHE A 13 5.72 -2.67 6.22
CA PHE A 13 5.22 -1.86 7.30
C PHE A 13 4.00 -2.53 7.91
N TYR A 14 4.00 -2.71 9.22
CA TYR A 14 2.94 -3.44 9.86
C TYR A 14 2.43 -2.71 11.10
N ILE A 15 1.13 -2.54 11.16
CA ILE A 15 0.47 -1.96 12.32
C ILE A 15 0.12 -3.08 13.30
N GLY A 16 0.72 -3.02 14.47
CA GLY A 16 0.49 -4.03 15.48
C GLY A 16 1.49 -3.95 16.60
N ASP A 17 1.28 -4.75 17.63
CA ASP A 17 2.15 -4.73 18.79
C ASP A 17 3.45 -5.48 18.50
N ASP A 18 3.32 -6.68 17.96
CA ASP A 18 4.45 -7.54 17.72
C ASP A 18 4.51 -7.95 16.26
N GLU A 19 5.62 -8.55 15.83
CA GLU A 19 5.72 -9.09 14.49
C GLU A 19 4.81 -10.31 14.36
N ASN A 20 4.62 -11.00 15.47
CA ASN A 20 3.73 -12.14 15.53
C ASN A 20 2.30 -11.71 15.84
N ASN A 21 2.06 -10.40 15.77
CA ASN A 21 0.74 -9.84 16.01
C ASN A 21 0.56 -8.57 15.21
N ALA A 22 0.49 -8.74 13.90
CA ALA A 22 0.29 -7.62 12.99
C ALA A 22 -1.13 -7.64 12.43
N LEU A 23 -1.84 -6.54 12.61
CA LEU A 23 -3.22 -6.44 12.16
C LEU A 23 -3.28 -5.90 10.74
N ALA A 24 -2.23 -5.19 10.36
CA ALA A 24 -2.15 -4.62 9.02
C ALA A 24 -0.70 -4.61 8.53
N GLU A 25 -0.37 -5.55 7.66
CA GLU A 25 0.98 -5.68 7.14
C GLU A 25 1.02 -5.47 5.64
N ILE A 26 1.78 -4.47 5.20
CA ILE A 26 1.93 -4.18 3.77
C ILE A 26 3.39 -4.27 3.36
N THR A 27 3.65 -4.91 2.24
CA THR A 27 5.01 -5.07 1.73
C THR A 27 5.18 -4.37 0.39
N TYR A 28 6.42 -4.04 0.06
CA TYR A 28 6.72 -3.48 -1.25
C TYR A 28 8.15 -3.79 -1.65
N ARG A 29 8.36 -4.06 -2.92
CA ARG A 29 9.68 -4.41 -3.43
C ARG A 29 10.01 -3.53 -4.64
N PHE A 30 11.30 -3.26 -4.84
CA PHE A 30 11.74 -2.46 -5.97
C PHE A 30 11.88 -3.34 -7.21
N VAL A 31 10.88 -3.32 -8.07
CA VAL A 31 10.91 -4.11 -9.29
C VAL A 31 11.81 -3.49 -10.34
N ASP A 32 11.77 -2.16 -10.42
CA ASP A 32 12.60 -1.45 -11.39
C ASP A 32 12.93 -0.05 -10.90
N ASN A 33 13.90 0.02 -9.98
CA ASN A 33 14.46 1.27 -9.46
C ASN A 33 13.39 2.26 -9.01
N ASN A 34 12.87 3.03 -9.96
CA ASN A 34 11.87 4.06 -9.65
C ASN A 34 10.48 3.46 -9.55
N GLU A 35 10.40 2.15 -9.60
CA GLU A 35 9.12 1.45 -9.62
C GLU A 35 9.06 0.43 -8.49
N ILE A 36 8.05 0.58 -7.63
CA ILE A 36 7.89 -0.30 -6.49
C ILE A 36 6.57 -1.07 -6.56
N ASN A 37 6.65 -2.37 -6.33
CA ASN A 37 5.47 -3.22 -6.36
C ASN A 37 4.97 -3.49 -4.95
N ILE A 38 3.67 -3.57 -4.79
CA ILE A 38 3.07 -3.98 -3.53
C ILE A 38 2.39 -5.32 -3.74
N ASP A 39 3.00 -6.38 -3.23
CA ASP A 39 2.50 -7.73 -3.45
C ASP A 39 1.63 -8.21 -2.30
N HIS A 40 2.13 -8.11 -1.09
CA HIS A 40 1.43 -8.59 0.09
C HIS A 40 0.83 -7.44 0.88
N THR A 41 -0.47 -7.54 1.13
CA THR A 41 -1.16 -6.57 1.96
C THR A 41 -2.25 -7.26 2.78
N GLY A 42 -1.94 -7.51 4.05
CA GLY A 42 -2.88 -8.19 4.91
C GLY A 42 -3.37 -7.27 6.02
N VAL A 43 -4.57 -6.73 5.83
CA VAL A 43 -5.16 -5.82 6.80
C VAL A 43 -6.47 -6.37 7.33
N SER A 44 -6.58 -6.45 8.64
CA SER A 44 -7.80 -6.92 9.27
C SER A 44 -8.90 -5.86 9.11
N ASP A 45 -10.06 -6.30 8.66
CA ASP A 45 -11.15 -5.39 8.34
C ASP A 45 -12.32 -5.59 9.29
N GLU A 46 -12.11 -6.43 10.30
CA GLU A 46 -13.14 -6.72 11.30
C GLU A 46 -13.54 -5.46 12.07
N LEU A 47 -12.62 -4.50 12.14
CA LEU A 47 -12.88 -3.25 12.84
C LEU A 47 -14.03 -2.50 12.17
N GLY A 48 -14.03 -2.48 10.84
CA GLY A 48 -15.08 -1.81 10.10
C GLY A 48 -14.80 -0.33 9.94
N GLY A 49 -13.90 0.19 10.75
CA GLY A 49 -13.57 1.60 10.70
C GLY A 49 -12.09 1.83 10.93
N GLN A 50 -11.75 3.04 11.41
CA GLN A 50 -10.36 3.44 11.66
C GLN A 50 -9.59 3.61 10.34
N GLY A 51 -8.75 4.63 10.30
CA GLY A 51 -7.96 4.90 9.10
C GLY A 51 -6.74 3.99 9.00
N VAL A 52 -6.95 2.71 9.22
CA VAL A 52 -5.86 1.73 9.20
C VAL A 52 -5.24 1.64 7.81
N GLY A 53 -6.09 1.36 6.83
CA GLY A 53 -5.63 1.19 5.47
C GLY A 53 -5.04 2.45 4.89
N LYS A 54 -5.73 3.56 5.06
CA LYS A 54 -5.29 4.82 4.47
C LYS A 54 -4.00 5.34 5.11
N LYS A 55 -3.75 4.99 6.36
CA LYS A 55 -2.52 5.41 7.02
C LYS A 55 -1.32 4.71 6.37
N LEU A 56 -1.45 3.41 6.17
CA LEU A 56 -0.41 2.63 5.49
C LEU A 56 -0.27 3.08 4.04
N LEU A 57 -1.41 3.21 3.37
CA LEU A 57 -1.43 3.65 1.98
C LEU A 57 -0.78 5.01 1.84
N LYS A 58 -1.18 5.97 2.67
CA LYS A 58 -0.64 7.32 2.59
C LYS A 58 0.88 7.31 2.79
N ALA A 59 1.36 6.46 3.68
CA ALA A 59 2.79 6.36 3.95
C ALA A 59 3.55 5.89 2.71
N VAL A 60 3.01 4.87 2.05
CA VAL A 60 3.64 4.31 0.86
C VAL A 60 3.49 5.27 -0.32
N VAL A 61 2.33 5.90 -0.44
CA VAL A 61 2.09 6.86 -1.51
C VAL A 61 2.91 8.12 -1.31
N GLU A 62 3.10 8.51 -0.06
CA GLU A 62 3.97 9.63 0.28
C GLU A 62 5.39 9.30 -0.18
N HIS A 63 5.84 8.10 0.19
CA HIS A 63 7.12 7.57 -0.25
C HIS A 63 7.24 7.65 -1.78
N ALA A 64 6.18 7.27 -2.45
CA ALA A 64 6.14 7.30 -3.91
C ALA A 64 6.13 8.73 -4.43
N ARG A 65 5.40 9.61 -3.77
CA ARG A 65 5.29 10.99 -4.20
C ARG A 65 6.61 11.73 -4.04
N GLU A 66 7.30 11.48 -2.94
CA GLU A 66 8.59 12.13 -2.68
C GLU A 66 9.57 11.86 -3.81
N ASN A 67 9.75 10.59 -4.11
CA ASN A 67 10.78 10.17 -5.05
C ASN A 67 10.20 9.89 -6.44
N ASN A 68 8.93 10.25 -6.61
CA ASN A 68 8.21 10.03 -7.88
C ASN A 68 8.31 8.56 -8.31
N LEU A 69 8.04 7.67 -7.39
CA LEU A 69 8.13 6.25 -7.64
C LEU A 69 6.80 5.72 -8.16
N LYS A 70 6.86 4.86 -9.17
CA LYS A 70 5.67 4.27 -9.75
C LYS A 70 5.20 3.11 -8.89
N ILE A 71 3.89 2.99 -8.73
CA ILE A 71 3.32 1.96 -7.88
C ILE A 71 2.56 0.93 -8.72
N ILE A 72 2.90 -0.34 -8.53
CA ILE A 72 2.14 -1.43 -9.11
C ILE A 72 1.68 -2.39 -8.01
N ALA A 73 0.40 -2.70 -8.01
CA ALA A 73 -0.18 -3.52 -6.95
C ALA A 73 -0.49 -4.93 -7.43
N SER A 74 -0.12 -5.91 -6.63
CA SER A 74 -0.43 -7.31 -6.92
C SER A 74 -1.44 -7.83 -5.89
N CYS A 75 -1.73 -6.99 -4.91
CA CYS A 75 -2.70 -7.32 -3.87
C CYS A 75 -4.06 -6.72 -4.20
N SER A 76 -5.05 -7.58 -4.41
CA SER A 76 -6.39 -7.15 -4.77
C SER A 76 -6.98 -6.19 -3.74
N PHE A 77 -6.64 -6.40 -2.47
CA PHE A 77 -7.14 -5.57 -1.38
C PHE A 77 -6.76 -4.11 -1.59
N ALA A 78 -5.47 -3.87 -1.84
CA ALA A 78 -4.97 -2.51 -2.04
C ALA A 78 -5.35 -1.99 -3.42
N LYS A 79 -5.29 -2.87 -4.41
CA LYS A 79 -5.60 -2.53 -5.79
C LYS A 79 -6.99 -1.90 -5.91
N HIS A 80 -7.96 -2.49 -5.21
CA HIS A 80 -9.33 -2.00 -5.26
C HIS A 80 -9.46 -0.60 -4.66
N MET A 81 -8.57 -0.27 -3.74
CA MET A 81 -8.59 1.04 -3.11
C MET A 81 -7.83 2.07 -3.94
N LEU A 82 -6.85 1.59 -4.70
CA LEU A 82 -6.05 2.44 -5.56
C LEU A 82 -6.86 2.90 -6.77
N GLU A 83 -7.65 2.00 -7.34
CA GLU A 83 -8.51 2.33 -8.46
C GLU A 83 -9.77 3.07 -7.97
N LYS A 84 -10.05 2.93 -6.68
CA LYS A 84 -11.22 3.55 -6.09
C LYS A 84 -11.06 5.06 -6.03
N GLU A 85 -9.90 5.51 -5.59
CA GLU A 85 -9.67 6.92 -5.35
C GLU A 85 -8.67 7.51 -6.35
N ASP A 86 -8.83 8.78 -6.64
CA ASP A 86 -8.01 9.46 -7.65
C ASP A 86 -6.65 9.88 -7.11
N SER A 87 -6.49 9.78 -5.80
CA SER A 87 -5.31 10.29 -5.12
C SER A 87 -4.08 9.39 -5.35
N TYR A 88 -4.30 8.23 -5.96
CA TYR A 88 -3.22 7.27 -6.15
C TYR A 88 -2.88 7.07 -7.62
N GLN A 89 -3.76 7.55 -8.50
CA GLN A 89 -3.74 7.16 -9.91
C GLN A 89 -2.62 7.88 -10.69
N ASP A 90 -1.96 8.83 -10.07
CA ASP A 90 -0.85 9.53 -10.72
C ASP A 90 0.37 8.63 -10.83
N VAL A 91 0.67 7.92 -9.74
CA VAL A 91 1.85 7.08 -9.67
C VAL A 91 1.52 5.60 -9.85
N TYR A 92 0.29 5.22 -9.52
CA TYR A 92 -0.14 3.84 -9.64
C TYR A 92 -0.40 3.47 -11.09
N LEU A 93 0.28 2.42 -11.55
CA LEU A 93 0.05 1.86 -12.87
C LEU A 93 -0.93 0.70 -12.76
N GLY A 94 -0.68 -0.39 -13.46
CA GLY A 94 -1.50 -1.59 -13.34
C GLY A 94 -2.98 -1.31 -13.59
N LEU A 95 -3.26 -0.58 -14.65
CA LEU A 95 -4.62 -0.19 -14.97
C LEU A 95 -5.42 -1.38 -15.51
N GLU A 96 -4.86 -2.08 -16.47
CA GLU A 96 -5.58 -3.14 -17.15
C GLU A 96 -5.29 -4.51 -16.54
N HIS A 97 -6.34 -5.27 -16.27
CA HIS A 97 -6.21 -6.64 -15.82
C HIS A 97 -5.99 -7.54 -17.03
N HIS A 98 -4.77 -7.52 -17.55
CA HIS A 98 -4.45 -8.20 -18.81
C HIS A 98 -4.11 -9.67 -18.58
N HIS A 99 -5.07 -10.42 -18.07
CA HIS A 99 -4.97 -11.87 -17.89
C HIS A 99 -6.28 -12.39 -17.33
N HIS A 100 -6.44 -13.70 -17.29
CA HIS A 100 -7.65 -14.31 -16.76
C HIS A 100 -7.55 -14.55 -15.26
N HIS A 101 -6.44 -14.11 -14.67
CA HIS A 101 -6.23 -14.24 -13.23
C HIS A 101 -5.22 -13.22 -12.72
N HIS A 102 -4.03 -13.21 -13.31
CA HIS A 102 -2.97 -12.29 -12.94
C HIS A 102 -1.95 -12.23 -14.05
N MET A 1 7.17 1.53 23.82
CA MET A 1 5.85 1.71 24.48
C MET A 1 4.74 1.31 23.53
N SER A 2 3.86 0.44 24.00
CA SER A 2 2.75 -0.06 23.20
C SER A 2 1.92 1.08 22.61
N ASN A 3 1.94 1.20 21.30
CA ASN A 3 1.19 2.23 20.59
C ASN A 3 1.04 1.80 19.13
N LEU A 4 -0.04 2.24 18.48
CA LEU A 4 -0.26 1.91 17.08
C LEU A 4 0.63 2.77 16.17
N GLU A 5 1.93 2.55 16.29
CA GLU A 5 2.90 3.22 15.44
C GLU A 5 3.19 2.40 14.20
N ILE A 6 3.58 3.07 13.13
CA ILE A 6 3.99 2.38 11.92
C ILE A 6 5.37 1.79 12.12
N LYS A 7 5.42 0.52 12.48
CA LYS A 7 6.68 -0.17 12.70
C LYS A 7 7.30 -0.56 11.38
N GLN A 8 8.57 -0.20 11.21
CA GLN A 8 9.23 -0.35 9.94
C GLN A 8 10.07 -1.63 9.89
N GLY A 9 9.76 -2.47 8.92
CA GLY A 9 10.56 -3.64 8.65
C GLY A 9 11.13 -3.58 7.26
N GLU A 10 11.88 -4.60 6.85
CA GLU A 10 12.47 -4.59 5.53
C GLU A 10 11.41 -4.86 4.48
N ASN A 11 11.19 -3.87 3.63
CA ASN A 11 10.22 -3.96 2.53
C ASN A 11 8.79 -4.08 3.06
N LYS A 12 8.56 -3.70 4.32
CA LYS A 12 7.24 -3.81 4.90
C LYS A 12 7.02 -2.79 6.02
N PHE A 13 5.81 -2.28 6.10
CA PHE A 13 5.38 -1.47 7.23
C PHE A 13 4.21 -2.16 7.92
N TYR A 14 4.31 -2.36 9.21
CA TYR A 14 3.27 -3.07 9.94
C TYR A 14 2.88 -2.35 11.21
N ILE A 15 1.59 -2.35 11.50
CA ILE A 15 1.07 -1.73 12.70
C ILE A 15 0.47 -2.79 13.62
N GLY A 16 1.05 -2.95 14.79
CA GLY A 16 0.56 -3.92 15.74
C GLY A 16 1.40 -3.89 17.00
N ASP A 17 0.88 -4.47 18.07
CA ASP A 17 1.58 -4.49 19.34
C ASP A 17 2.77 -5.43 19.27
N ASP A 18 2.58 -6.56 18.63
CA ASP A 18 3.64 -7.55 18.48
C ASP A 18 3.87 -7.82 17.00
N GLU A 19 5.02 -8.39 16.66
CA GLU A 19 5.32 -8.70 15.26
C GLU A 19 4.49 -9.89 14.79
N ASN A 20 4.12 -10.76 15.72
CA ASN A 20 3.26 -11.89 15.40
C ASN A 20 1.82 -11.42 15.27
N ASN A 21 1.45 -10.44 16.09
CA ASN A 21 0.09 -9.94 16.13
C ASN A 21 0.02 -8.58 15.45
N ALA A 22 0.57 -8.53 14.25
CA ALA A 22 0.46 -7.35 13.42
C ALA A 22 -0.95 -7.24 12.87
N LEU A 23 -1.65 -6.17 13.24
CA LEU A 23 -3.03 -5.98 12.82
C LEU A 23 -3.10 -5.71 11.32
N ALA A 24 -2.09 -5.03 10.81
CA ALA A 24 -2.00 -4.75 9.39
C ALA A 24 -0.55 -4.56 8.97
N GLU A 25 -0.16 -5.23 7.90
CA GLU A 25 1.15 -5.04 7.31
C GLU A 25 1.03 -4.83 5.81
N ILE A 26 1.86 -3.95 5.28
CA ILE A 26 1.90 -3.73 3.84
C ILE A 26 3.32 -3.92 3.33
N THR A 27 3.46 -4.74 2.31
CA THR A 27 4.76 -5.05 1.75
C THR A 27 4.93 -4.41 0.38
N TYR A 28 6.11 -3.87 0.13
CA TYR A 28 6.41 -3.26 -1.14
C TYR A 28 7.88 -3.50 -1.48
N ARG A 29 8.16 -3.75 -2.75
CA ARG A 29 9.51 -4.06 -3.18
C ARG A 29 9.87 -3.32 -4.46
N PHE A 30 11.07 -2.79 -4.51
CA PHE A 30 11.57 -2.12 -5.70
C PHE A 30 11.88 -3.15 -6.78
N VAL A 31 10.94 -3.34 -7.69
CA VAL A 31 11.09 -4.32 -8.74
C VAL A 31 11.92 -3.75 -9.88
N ASP A 32 11.89 -2.43 -10.03
CA ASP A 32 12.62 -1.77 -11.09
C ASP A 32 13.21 -0.46 -10.57
N ASN A 33 13.54 0.46 -11.48
CA ASN A 33 14.22 1.69 -11.14
C ASN A 33 13.47 2.49 -10.07
N ASN A 34 12.22 2.84 -10.35
CA ASN A 34 11.40 3.59 -9.40
C ASN A 34 10.07 2.90 -9.17
N GLU A 35 9.92 1.71 -9.74
CA GLU A 35 8.68 0.97 -9.63
C GLU A 35 8.69 0.07 -8.41
N ILE A 36 7.74 0.31 -7.52
CA ILE A 36 7.59 -0.51 -6.32
C ILE A 36 6.33 -1.36 -6.44
N ASN A 37 6.45 -2.64 -6.09
CA ASN A 37 5.35 -3.57 -6.19
C ASN A 37 4.84 -3.95 -4.81
N ILE A 38 3.54 -3.78 -4.61
CA ILE A 38 2.88 -4.23 -3.40
C ILE A 38 2.25 -5.59 -3.66
N ASP A 39 2.91 -6.65 -3.17
CA ASP A 39 2.46 -8.00 -3.46
C ASP A 39 1.27 -8.37 -2.58
N HIS A 40 1.25 -7.88 -1.35
CA HIS A 40 0.14 -8.16 -0.45
C HIS A 40 0.00 -7.08 0.61
N THR A 41 -1.21 -6.92 1.10
CA THR A 41 -1.47 -6.04 2.21
C THR A 41 -2.27 -6.80 3.26
N GLY A 42 -1.56 -7.33 4.25
CA GLY A 42 -2.19 -8.16 5.26
C GLY A 42 -2.91 -7.34 6.29
N VAL A 43 -4.13 -6.92 5.98
CA VAL A 43 -4.93 -6.15 6.89
C VAL A 43 -5.96 -7.02 7.57
N SER A 44 -5.81 -7.22 8.87
CA SER A 44 -6.79 -7.94 9.64
C SER A 44 -7.99 -7.02 9.90
N ASP A 45 -9.18 -7.52 9.60
CA ASP A 45 -10.38 -6.70 9.68
C ASP A 45 -10.95 -6.64 11.09
N GLU A 46 -10.07 -6.84 12.08
CA GLU A 46 -10.43 -6.78 13.49
C GLU A 46 -10.95 -5.38 13.84
N LEU A 47 -10.43 -4.39 13.12
CA LEU A 47 -10.77 -3.00 13.38
C LEU A 47 -12.09 -2.62 12.70
N GLY A 48 -12.63 -3.55 11.93
CA GLY A 48 -13.89 -3.30 11.24
C GLY A 48 -13.75 -2.24 10.17
N GLY A 49 -14.26 -1.05 10.46
CA GLY A 49 -14.24 0.04 9.50
C GLY A 49 -13.01 0.92 9.65
N GLN A 50 -12.23 0.70 10.71
CA GLN A 50 -11.02 1.48 10.93
C GLN A 50 -9.93 1.05 9.94
N GLY A 51 -9.62 1.95 9.01
CA GLY A 51 -8.67 1.62 7.96
C GLY A 51 -7.23 1.78 8.39
N VAL A 52 -6.79 0.91 9.28
CA VAL A 52 -5.40 0.89 9.71
C VAL A 52 -4.48 0.57 8.53
N GLY A 53 -4.93 -0.36 7.69
CA GLY A 53 -4.18 -0.72 6.50
C GLY A 53 -4.18 0.40 5.48
N LYS A 54 -5.19 1.27 5.54
CA LYS A 54 -5.27 2.40 4.63
C LYS A 54 -4.17 3.40 4.97
N LYS A 55 -3.90 3.57 6.25
CA LYS A 55 -2.84 4.48 6.70
C LYS A 55 -1.49 3.97 6.22
N LEU A 56 -1.32 2.65 6.24
CA LEU A 56 -0.11 2.03 5.75
C LEU A 56 0.04 2.25 4.25
N LEU A 57 -1.03 1.99 3.50
CA LEU A 57 -1.04 2.24 2.07
C LEU A 57 -0.74 3.70 1.79
N LYS A 58 -1.37 4.57 2.56
CA LYS A 58 -1.16 6.01 2.44
C LYS A 58 0.31 6.35 2.61
N ALA A 59 0.94 5.76 3.61
CA ALA A 59 2.35 6.03 3.91
C ALA A 59 3.25 5.59 2.76
N VAL A 60 2.95 4.43 2.18
CA VAL A 60 3.72 3.92 1.05
C VAL A 60 3.54 4.82 -0.17
N VAL A 61 2.28 5.13 -0.49
CA VAL A 61 1.96 5.97 -1.63
C VAL A 61 2.53 7.38 -1.45
N GLU A 62 2.42 7.90 -0.23
CA GLU A 62 2.92 9.22 0.08
C GLU A 62 4.43 9.27 -0.11
N HIS A 63 5.11 8.24 0.40
CA HIS A 63 6.56 8.14 0.27
C HIS A 63 6.96 7.97 -1.19
N ALA A 64 6.15 7.23 -1.93
CA ALA A 64 6.36 7.05 -3.36
C ALA A 64 6.21 8.38 -4.09
N ARG A 65 5.19 9.13 -3.71
CA ARG A 65 4.92 10.43 -4.32
C ARG A 65 6.08 11.40 -4.07
N GLU A 66 6.68 11.31 -2.89
CA GLU A 66 7.83 12.13 -2.56
C GLU A 66 8.98 11.86 -3.53
N ASN A 67 9.21 10.58 -3.81
CA ASN A 67 10.40 10.15 -4.53
C ASN A 67 10.12 9.84 -5.99
N ASN A 68 8.94 10.26 -6.47
CA ASN A 68 8.57 10.09 -7.88
C ASN A 68 8.48 8.61 -8.25
N LEU A 69 8.15 7.78 -7.28
CA LEU A 69 8.10 6.35 -7.48
C LEU A 69 6.80 5.94 -8.20
N LYS A 70 6.85 4.81 -8.86
CA LYS A 70 5.69 4.26 -9.56
C LYS A 70 5.16 3.07 -8.80
N ILE A 71 3.85 2.98 -8.68
CA ILE A 71 3.24 1.96 -7.84
C ILE A 71 2.50 0.92 -8.67
N ILE A 72 2.88 -0.33 -8.48
CA ILE A 72 2.15 -1.46 -9.05
C ILE A 72 1.79 -2.43 -7.93
N ALA A 73 0.58 -2.94 -7.95
CA ALA A 73 0.09 -3.77 -6.87
C ALA A 73 -0.62 -5.01 -7.40
N SER A 74 -0.15 -6.17 -6.98
CA SER A 74 -0.79 -7.43 -7.36
C SER A 74 -1.90 -7.77 -6.37
N CYS A 75 -1.79 -7.20 -5.17
CA CYS A 75 -2.82 -7.36 -4.16
C CYS A 75 -4.08 -6.63 -4.59
N SER A 76 -5.11 -7.40 -4.94
CA SER A 76 -6.36 -6.84 -5.44
C SER A 76 -7.00 -5.88 -4.44
N PHE A 77 -6.86 -6.19 -3.15
CA PHE A 77 -7.40 -5.34 -2.09
C PHE A 77 -6.82 -3.93 -2.17
N ALA A 78 -5.50 -3.83 -2.12
CA ALA A 78 -4.82 -2.54 -2.20
C ALA A 78 -4.99 -1.91 -3.57
N LYS A 79 -4.92 -2.75 -4.60
CA LYS A 79 -5.03 -2.30 -5.99
C LYS A 79 -6.36 -1.58 -6.21
N HIS A 80 -7.44 -2.15 -5.72
CA HIS A 80 -8.77 -1.61 -5.98
C HIS A 80 -9.00 -0.32 -5.18
N MET A 81 -8.19 -0.10 -4.15
CA MET A 81 -8.28 1.15 -3.39
C MET A 81 -7.53 2.26 -4.11
N LEU A 82 -6.43 1.89 -4.77
CA LEU A 82 -5.68 2.83 -5.60
C LEU A 82 -6.47 3.15 -6.86
N GLU A 83 -7.19 2.13 -7.33
CA GLU A 83 -8.01 2.22 -8.54
C GLU A 83 -9.25 3.10 -8.30
N LYS A 84 -9.57 3.34 -7.04
CA LYS A 84 -10.79 4.07 -6.69
C LYS A 84 -10.68 5.56 -7.02
N GLU A 85 -9.71 6.23 -6.41
CA GLU A 85 -9.63 7.68 -6.49
C GLU A 85 -8.43 8.15 -7.31
N ASP A 86 -8.61 9.25 -8.03
CA ASP A 86 -7.57 9.79 -8.90
C ASP A 86 -6.47 10.49 -8.12
N SER A 87 -6.64 10.58 -6.81
CA SER A 87 -5.62 11.13 -5.93
C SER A 87 -4.37 10.25 -5.98
N TYR A 88 -4.56 8.99 -6.35
CA TYR A 88 -3.48 8.01 -6.42
C TYR A 88 -3.21 7.63 -7.88
N GLN A 89 -3.83 8.34 -8.81
CA GLN A 89 -3.82 7.97 -10.21
C GLN A 89 -2.53 8.36 -10.91
N ASP A 90 -1.79 9.29 -10.34
CA ASP A 90 -0.55 9.75 -10.96
C ASP A 90 0.64 8.93 -10.47
N VAL A 91 0.47 8.24 -9.35
CA VAL A 91 1.54 7.43 -8.79
C VAL A 91 1.33 5.95 -9.11
N TYR A 92 0.08 5.52 -9.08
CA TYR A 92 -0.27 4.14 -9.42
C TYR A 92 -0.53 4.03 -10.92
N LEU A 93 -0.12 2.92 -11.51
CA LEU A 93 -0.38 2.67 -12.92
C LEU A 93 -1.81 2.17 -13.10
N GLY A 94 -2.74 3.10 -13.13
CA GLY A 94 -4.15 2.75 -13.15
C GLY A 94 -4.77 2.90 -14.52
N LEU A 95 -4.39 2.03 -15.44
CA LEU A 95 -4.99 2.00 -16.77
C LEU A 95 -5.51 0.61 -17.08
N GLU A 96 -6.82 0.44 -16.96
CA GLU A 96 -7.45 -0.83 -17.28
C GLU A 96 -7.32 -1.11 -18.77
N HIS A 97 -6.94 -2.34 -19.11
CA HIS A 97 -6.91 -2.75 -20.51
C HIS A 97 -8.34 -2.95 -21.00
N HIS A 98 -8.89 -1.91 -21.59
CA HIS A 98 -10.28 -1.91 -22.01
C HIS A 98 -10.36 -1.95 -23.53
N HIS A 99 -9.19 -2.08 -24.16
CA HIS A 99 -9.10 -2.06 -25.61
C HIS A 99 -9.46 -3.42 -26.22
N HIS A 100 -10.75 -3.62 -26.43
CA HIS A 100 -11.26 -4.76 -27.18
C HIS A 100 -12.57 -4.35 -27.84
N HIS A 101 -12.84 -4.89 -29.02
CA HIS A 101 -14.05 -4.50 -29.75
C HIS A 101 -14.91 -5.70 -30.06
N HIS A 102 -16.13 -5.70 -29.53
CA HIS A 102 -17.13 -6.69 -29.87
C HIS A 102 -18.49 -6.03 -29.98
N MET A 1 -1.32 1.80 24.43
CA MET A 1 -2.12 0.55 24.38
C MET A 1 -3.18 0.67 23.29
N SER A 2 -3.29 -0.37 22.46
CA SER A 2 -4.18 -0.35 21.30
C SER A 2 -3.73 0.75 20.33
N ASN A 3 -2.41 0.82 20.14
CA ASN A 3 -1.81 1.83 19.30
C ASN A 3 -1.90 1.46 17.84
N LEU A 4 -2.40 2.38 17.04
CA LEU A 4 -2.44 2.22 15.59
C LEU A 4 -1.19 2.82 14.96
N GLU A 5 -0.11 2.79 15.72
CA GLU A 5 1.15 3.34 15.27
C GLU A 5 1.77 2.43 14.22
N ILE A 6 2.36 3.05 13.21
CA ILE A 6 2.97 2.32 12.12
C ILE A 6 4.39 1.89 12.50
N LYS A 7 4.56 0.61 12.78
CA LYS A 7 5.88 0.06 13.01
C LYS A 7 6.59 -0.13 11.67
N GLN A 8 7.68 0.59 11.49
CA GLN A 8 8.38 0.58 10.22
C GLN A 8 9.52 -0.42 10.24
N GLY A 9 9.72 -1.10 9.12
CA GLY A 9 10.81 -2.03 8.96
C GLY A 9 11.34 -2.00 7.55
N GLU A 10 12.23 -2.92 7.23
CA GLU A 10 12.85 -2.95 5.91
C GLU A 10 11.85 -3.43 4.86
N ASN A 11 11.42 -2.49 4.00
CA ASN A 11 10.48 -2.77 2.91
C ASN A 11 9.07 -3.03 3.44
N LYS A 12 8.86 -2.87 4.75
CA LYS A 12 7.58 -3.17 5.34
C LYS A 12 7.11 -2.09 6.31
N PHE A 13 5.83 -1.77 6.22
CA PHE A 13 5.17 -0.92 7.20
C PHE A 13 4.01 -1.69 7.80
N TYR A 14 4.11 -2.06 9.06
CA TYR A 14 3.08 -2.90 9.67
C TYR A 14 2.54 -2.27 10.94
N ILE A 15 1.21 -2.16 11.00
CA ILE A 15 0.53 -1.74 12.20
C ILE A 15 0.09 -2.95 13.00
N GLY A 16 0.60 -3.08 14.22
CA GLY A 16 0.25 -4.20 15.05
C GLY A 16 0.98 -4.17 16.37
N ASP A 17 0.66 -5.10 17.24
CA ASP A 17 1.28 -5.17 18.56
C ASP A 17 2.46 -6.14 18.53
N ASP A 18 2.56 -6.89 17.44
CA ASP A 18 3.64 -7.85 17.26
C ASP A 18 3.82 -8.10 15.77
N GLU A 19 4.91 -8.75 15.38
CA GLU A 19 5.14 -9.08 13.98
C GLU A 19 4.12 -10.13 13.52
N ASN A 20 3.72 -10.98 14.46
CA ASN A 20 2.74 -12.03 14.19
C ASN A 20 1.33 -11.47 14.35
N ASN A 21 1.22 -10.41 15.14
CA ASN A 21 -0.07 -9.77 15.39
C ASN A 21 -0.11 -8.43 14.66
N ALA A 22 0.24 -8.47 13.39
CA ALA A 22 0.17 -7.31 12.53
C ALA A 22 -1.14 -7.32 11.76
N LEU A 23 -2.02 -6.38 12.08
CA LEU A 23 -3.35 -6.35 11.49
C LEU A 23 -3.34 -5.55 10.19
N ALA A 24 -2.22 -4.90 9.91
CA ALA A 24 -2.08 -4.14 8.68
C ALA A 24 -0.62 -4.02 8.28
N GLU A 25 -0.12 -4.97 7.51
CA GLU A 25 1.26 -4.94 7.05
C GLU A 25 1.32 -4.77 5.53
N ILE A 26 1.92 -3.67 5.09
CA ILE A 26 2.08 -3.43 3.67
C ILE A 26 3.56 -3.42 3.30
N THR A 27 3.93 -4.16 2.27
CA THR A 27 5.31 -4.23 1.83
C THR A 27 5.42 -3.88 0.35
N TYR A 28 6.45 -3.14 -0.01
CA TYR A 28 6.69 -2.80 -1.40
C TYR A 28 8.06 -3.29 -1.83
N ARG A 29 8.11 -3.94 -2.99
CA ARG A 29 9.34 -4.51 -3.50
C ARG A 29 9.67 -3.95 -4.87
N PHE A 30 10.95 -3.75 -5.14
CA PHE A 30 11.37 -3.20 -6.41
C PHE A 30 11.32 -4.27 -7.49
N VAL A 31 10.81 -3.90 -8.67
CA VAL A 31 10.77 -4.83 -9.78
C VAL A 31 11.73 -4.42 -10.89
N ASP A 32 11.70 -3.16 -11.28
CA ASP A 32 12.59 -2.66 -12.31
C ASP A 32 13.47 -1.54 -11.75
N ASN A 33 13.01 -0.30 -11.88
CA ASN A 33 13.76 0.84 -11.35
C ASN A 33 12.88 1.70 -10.47
N ASN A 34 12.04 2.52 -11.10
CA ASN A 34 11.21 3.48 -10.37
C ASN A 34 9.83 2.91 -10.11
N GLU A 35 9.67 1.64 -10.41
CA GLU A 35 8.39 0.97 -10.20
C GLU A 35 8.47 0.00 -9.04
N ILE A 36 7.60 0.17 -8.07
CA ILE A 36 7.56 -0.68 -6.90
C ILE A 36 6.28 -1.52 -6.90
N ASN A 37 6.45 -2.82 -6.73
CA ASN A 37 5.33 -3.73 -6.70
C ASN A 37 4.93 -4.02 -5.26
N ILE A 38 3.66 -3.87 -4.97
CA ILE A 38 3.14 -4.24 -3.67
C ILE A 38 2.40 -5.56 -3.77
N ASP A 39 3.09 -6.63 -3.38
CA ASP A 39 2.55 -7.97 -3.50
C ASP A 39 1.94 -8.43 -2.19
N HIS A 40 2.36 -7.82 -1.10
CA HIS A 40 1.93 -8.24 0.22
C HIS A 40 1.33 -7.07 0.97
N THR A 41 0.03 -7.17 1.24
CA THR A 41 -0.66 -6.20 2.06
C THR A 41 -1.63 -6.93 3.00
N GLY A 42 -1.14 -7.25 4.18
CA GLY A 42 -1.91 -8.03 5.13
C GLY A 42 -2.76 -7.16 6.01
N VAL A 43 -3.84 -6.64 5.45
CA VAL A 43 -4.82 -5.90 6.21
C VAL A 43 -5.94 -6.84 6.63
N SER A 44 -6.20 -6.90 7.92
CA SER A 44 -7.22 -7.78 8.46
C SER A 44 -8.63 -7.28 8.09
N ASP A 45 -9.63 -8.09 8.41
CA ASP A 45 -11.02 -7.82 8.04
C ASP A 45 -11.65 -6.74 8.92
N GLU A 46 -10.85 -5.78 9.35
CA GLU A 46 -11.35 -4.68 10.17
C GLU A 46 -11.80 -3.53 9.27
N LEU A 47 -12.86 -3.80 8.51
CA LEU A 47 -13.50 -2.83 7.61
C LEU A 47 -12.66 -2.56 6.37
N GLY A 48 -11.36 -2.83 6.47
CA GLY A 48 -10.49 -2.72 5.31
C GLY A 48 -9.99 -1.32 5.05
N GLY A 49 -10.35 -0.79 3.88
CA GLY A 49 -9.85 0.50 3.45
C GLY A 49 -10.69 1.66 3.96
N GLN A 50 -10.94 1.66 5.26
CA GLN A 50 -11.68 2.75 5.88
C GLN A 50 -10.71 3.77 6.46
N GLY A 51 -9.84 3.31 7.35
CA GLY A 51 -8.86 4.18 7.95
C GLY A 51 -7.52 3.49 8.08
N VAL A 52 -7.53 2.26 8.58
CA VAL A 52 -6.30 1.51 8.78
C VAL A 52 -5.64 1.20 7.43
N GLY A 53 -6.45 0.77 6.47
CA GLY A 53 -5.93 0.49 5.14
C GLY A 53 -5.32 1.72 4.49
N LYS A 54 -5.99 2.86 4.66
CA LYS A 54 -5.52 4.10 4.05
C LYS A 54 -4.29 4.63 4.78
N LYS A 55 -4.19 4.31 6.07
CA LYS A 55 -3.05 4.72 6.87
C LYS A 55 -1.75 4.18 6.27
N LEU A 56 -1.78 2.90 5.89
CA LEU A 56 -0.64 2.26 5.25
C LEU A 56 -0.32 2.93 3.92
N LEU A 57 -1.34 3.03 3.06
CA LEU A 57 -1.16 3.56 1.72
C LEU A 57 -0.60 4.98 1.73
N LYS A 58 -1.09 5.81 2.63
CA LYS A 58 -0.64 7.20 2.72
C LYS A 58 0.85 7.25 3.04
N ALA A 59 1.28 6.37 3.94
CA ALA A 59 2.68 6.30 4.34
C ALA A 59 3.55 5.82 3.19
N VAL A 60 3.01 4.92 2.38
CA VAL A 60 3.73 4.40 1.22
C VAL A 60 3.81 5.45 0.12
N VAL A 61 2.69 6.13 -0.14
CA VAL A 61 2.65 7.18 -1.15
C VAL A 61 3.64 8.30 -0.83
N GLU A 62 3.79 8.57 0.47
CA GLU A 62 4.76 9.55 0.95
C GLU A 62 6.16 9.22 0.46
N HIS A 63 6.58 7.98 0.71
CA HIS A 63 7.90 7.51 0.30
C HIS A 63 7.97 7.33 -1.21
N ALA A 64 6.83 6.97 -1.81
CA ALA A 64 6.75 6.78 -3.25
C ALA A 64 6.99 8.09 -3.99
N ARG A 65 6.15 9.08 -3.73
CA ARG A 65 6.26 10.39 -4.39
C ARG A 65 7.63 11.01 -4.13
N GLU A 66 8.15 10.79 -2.92
CA GLU A 66 9.45 11.29 -2.53
C GLU A 66 10.54 10.81 -3.50
N ASN A 67 10.50 9.53 -3.84
CA ASN A 67 11.51 8.93 -4.71
C ASN A 67 11.00 8.85 -6.15
N ASN A 68 9.83 9.44 -6.40
CA ASN A 68 9.19 9.41 -7.72
C ASN A 68 8.77 7.99 -8.10
N LEU A 69 8.70 7.13 -7.09
CA LEU A 69 8.34 5.74 -7.29
C LEU A 69 6.88 5.60 -7.70
N LYS A 70 6.63 4.66 -8.59
CA LYS A 70 5.29 4.38 -9.05
C LYS A 70 4.85 3.01 -8.55
N ILE A 71 3.62 2.91 -8.11
CA ILE A 71 3.13 1.71 -7.46
C ILE A 71 2.36 0.81 -8.42
N ILE A 72 2.80 -0.44 -8.49
CA ILE A 72 2.05 -1.47 -9.18
C ILE A 72 1.74 -2.60 -8.19
N ALA A 73 0.53 -2.59 -7.67
CA ALA A 73 0.14 -3.53 -6.62
C ALA A 73 -0.39 -4.83 -7.21
N SER A 74 0.07 -5.94 -6.65
CA SER A 74 -0.45 -7.25 -7.00
C SER A 74 -1.39 -7.74 -5.91
N CYS A 75 -1.37 -7.05 -4.77
CA CYS A 75 -2.28 -7.33 -3.67
C CYS A 75 -3.68 -6.84 -4.03
N SER A 76 -4.58 -7.77 -4.33
CA SER A 76 -5.91 -7.44 -4.81
C SER A 76 -6.69 -6.56 -3.82
N PHE A 77 -6.48 -6.80 -2.53
CA PHE A 77 -7.18 -6.06 -1.49
C PHE A 77 -6.78 -4.58 -1.48
N ALA A 78 -5.48 -4.32 -1.54
CA ALA A 78 -4.98 -2.96 -1.46
C ALA A 78 -5.09 -2.26 -2.82
N LYS A 79 -4.85 -2.99 -3.90
CA LYS A 79 -4.94 -2.43 -5.23
C LYS A 79 -6.35 -1.93 -5.51
N HIS A 80 -7.34 -2.61 -4.94
CA HIS A 80 -8.73 -2.27 -5.16
C HIS A 80 -9.06 -0.90 -4.53
N MET A 81 -8.21 -0.46 -3.60
CA MET A 81 -8.36 0.87 -3.02
C MET A 81 -7.89 1.90 -4.03
N LEU A 82 -6.80 1.56 -4.72
CA LEU A 82 -6.21 2.42 -5.74
C LEU A 82 -7.16 2.58 -6.91
N GLU A 83 -7.86 1.48 -7.23
CA GLU A 83 -8.81 1.45 -8.32
C GLU A 83 -9.94 2.45 -8.10
N LYS A 84 -10.35 2.61 -6.84
CA LYS A 84 -11.48 3.46 -6.51
C LYS A 84 -11.06 4.88 -6.18
N GLU A 85 -10.20 5.04 -5.17
CA GLU A 85 -9.84 6.38 -4.72
C GLU A 85 -8.83 7.00 -5.67
N ASP A 86 -9.31 7.98 -6.44
CA ASP A 86 -8.55 8.60 -7.52
C ASP A 86 -7.25 9.23 -7.03
N SER A 87 -7.26 9.68 -5.78
CA SER A 87 -6.09 10.32 -5.19
C SER A 87 -4.86 9.40 -5.20
N TYR A 88 -5.10 8.09 -5.26
CA TYR A 88 -4.02 7.13 -5.19
C TYR A 88 -3.35 6.93 -6.56
N GLN A 89 -3.99 7.42 -7.62
CA GLN A 89 -3.44 7.26 -8.96
C GLN A 89 -2.34 8.29 -9.23
N ASP A 90 -1.94 9.01 -8.18
CA ASP A 90 -0.79 9.91 -8.25
C ASP A 90 0.48 9.10 -8.45
N VAL A 91 0.56 8.00 -7.71
CA VAL A 91 1.71 7.12 -7.79
C VAL A 91 1.36 5.81 -8.50
N TYR A 92 0.08 5.49 -8.55
CA TYR A 92 -0.37 4.28 -9.24
C TYR A 92 -0.36 4.49 -10.74
N LEU A 93 0.13 3.50 -11.47
CA LEU A 93 0.18 3.56 -12.92
C LEU A 93 -1.19 3.25 -13.51
N GLY A 94 -1.99 4.30 -13.65
CA GLY A 94 -3.31 4.17 -14.22
C GLY A 94 -3.29 3.85 -15.69
N LEU A 95 -4.37 3.26 -16.19
CA LEU A 95 -4.46 2.87 -17.58
C LEU A 95 -5.28 3.88 -18.37
N GLU A 96 -4.91 4.09 -19.62
CA GLU A 96 -5.65 4.98 -20.50
C GLU A 96 -6.33 4.19 -21.61
N HIS A 97 -7.36 4.78 -22.20
CA HIS A 97 -8.12 4.13 -23.26
C HIS A 97 -7.25 3.91 -24.50
N HIS A 98 -7.61 2.91 -25.29
CA HIS A 98 -6.91 2.63 -26.53
C HIS A 98 -7.59 3.33 -27.70
N HIS A 99 -6.80 3.77 -28.66
CA HIS A 99 -7.33 4.48 -29.80
C HIS A 99 -7.34 3.58 -31.03
N HIS A 100 -6.22 2.91 -31.27
CA HIS A 100 -6.09 2.00 -32.40
C HIS A 100 -6.10 0.56 -31.91
N HIS A 101 -7.26 -0.08 -31.94
CA HIS A 101 -7.38 -1.45 -31.45
C HIS A 101 -7.06 -2.46 -32.55
N HIS A 102 -5.78 -2.72 -32.73
CA HIS A 102 -5.32 -3.67 -33.73
C HIS A 102 -3.83 -3.93 -33.51
N MET A 1 3.34 1.79 26.24
CA MET A 1 2.90 3.10 25.73
C MET A 1 2.48 2.99 24.27
N SER A 2 1.17 2.85 24.05
CA SER A 2 0.59 2.72 22.72
C SER A 2 0.93 1.35 22.11
N ASN A 3 0.12 0.91 21.17
CA ASN A 3 0.30 -0.38 20.53
C ASN A 3 0.01 -0.27 19.04
N LEU A 4 -0.08 0.96 18.56
CA LEU A 4 -0.51 1.20 17.18
C LEU A 4 0.56 1.98 16.42
N GLU A 5 0.10 2.73 15.44
CA GLU A 5 0.96 3.48 14.51
C GLU A 5 1.74 2.55 13.60
N ILE A 6 2.57 3.14 12.75
CA ILE A 6 3.28 2.39 11.73
C ILE A 6 4.55 1.77 12.28
N LYS A 7 4.51 0.46 12.46
CA LYS A 7 5.68 -0.28 12.87
C LYS A 7 6.41 -0.77 11.62
N GLN A 8 7.60 -0.25 11.39
CA GLN A 8 8.33 -0.52 10.15
C GLN A 8 8.98 -1.89 10.18
N GLY A 9 9.27 -2.40 9.00
CA GLY A 9 9.99 -3.64 8.85
C GLY A 9 10.71 -3.68 7.52
N GLU A 10 11.45 -4.74 7.26
CA GLU A 10 12.21 -4.87 6.02
C GLU A 10 11.28 -5.08 4.84
N ASN A 11 11.07 -4.01 4.08
CA ASN A 11 10.26 -4.02 2.85
C ASN A 11 8.77 -4.14 3.17
N LYS A 12 8.37 -3.80 4.39
CA LYS A 12 6.95 -3.77 4.72
C LYS A 12 6.66 -2.85 5.89
N PHE A 13 5.48 -2.27 5.87
CA PHE A 13 4.97 -1.50 7.01
C PHE A 13 3.76 -2.22 7.57
N TYR A 14 3.69 -2.33 8.88
CA TYR A 14 2.58 -3.03 9.51
C TYR A 14 2.15 -2.29 10.77
N ILE A 15 0.86 -2.36 11.05
CA ILE A 15 0.32 -1.77 12.26
C ILE A 15 -0.09 -2.85 13.24
N GLY A 16 0.51 -2.77 14.42
CA GLY A 16 0.33 -3.76 15.45
C GLY A 16 1.53 -3.75 16.37
N ASP A 17 1.55 -4.62 17.37
CA ASP A 17 2.70 -4.70 18.28
C ASP A 17 3.92 -5.26 17.58
N ASP A 18 3.70 -6.26 16.73
CA ASP A 18 4.79 -6.88 16.00
C ASP A 18 4.27 -7.42 14.67
N GLU A 19 5.08 -8.21 13.99
CA GLU A 19 4.71 -8.72 12.67
C GLU A 19 4.01 -10.08 12.77
N ASN A 20 4.08 -10.69 13.94
CA ASN A 20 3.42 -11.97 14.17
C ASN A 20 1.97 -11.76 14.58
N ASN A 21 1.67 -10.57 15.10
CA ASN A 21 0.32 -10.24 15.50
C ASN A 21 -0.13 -8.94 14.82
N ALA A 22 0.46 -8.67 13.66
CA ALA A 22 0.13 -7.49 12.88
C ALA A 22 -1.33 -7.52 12.44
N LEU A 23 -2.08 -6.50 12.81
CA LEU A 23 -3.49 -6.44 12.48
C LEU A 23 -3.66 -6.05 11.02
N ALA A 24 -2.66 -5.35 10.48
CA ALA A 24 -2.63 -5.02 9.06
C ALA A 24 -1.21 -4.76 8.60
N GLU A 25 -0.80 -5.40 7.51
CA GLU A 25 0.54 -5.18 6.98
C GLU A 25 0.49 -4.92 5.48
N ILE A 26 1.44 -4.14 4.99
CA ILE A 26 1.56 -3.87 3.56
C ILE A 26 3.00 -4.03 3.12
N THR A 27 3.21 -4.84 2.10
CA THR A 27 4.55 -5.13 1.60
C THR A 27 4.81 -4.41 0.28
N TYR A 28 6.02 -3.88 0.13
CA TYR A 28 6.41 -3.20 -1.09
C TYR A 28 7.92 -3.26 -1.24
N ARG A 29 8.39 -3.37 -2.47
CA ARG A 29 9.82 -3.46 -2.72
C ARG A 29 10.18 -2.85 -4.07
N PHE A 30 11.38 -2.28 -4.13
CA PHE A 30 11.91 -1.72 -5.37
C PHE A 30 12.38 -2.84 -6.28
N VAL A 31 11.60 -3.14 -7.30
CA VAL A 31 11.90 -4.27 -8.18
C VAL A 31 13.01 -3.94 -9.18
N ASP A 32 13.09 -2.68 -9.59
CA ASP A 32 14.12 -2.26 -10.53
C ASP A 32 14.78 -0.96 -10.07
N ASN A 33 14.14 0.17 -10.37
CA ASN A 33 14.71 1.46 -10.01
C ASN A 33 13.72 2.28 -9.20
N ASN A 34 12.62 2.65 -9.83
CA ASN A 34 11.60 3.47 -9.19
C ASN A 34 10.29 2.70 -9.11
N GLU A 35 10.32 1.48 -9.61
CA GLU A 35 9.15 0.63 -9.62
C GLU A 35 9.04 -0.11 -8.30
N ILE A 36 7.91 0.07 -7.62
CA ILE A 36 7.64 -0.63 -6.37
C ILE A 36 6.38 -1.46 -6.48
N ASN A 37 6.48 -2.74 -6.18
CA ASN A 37 5.33 -3.63 -6.28
C ASN A 37 4.83 -3.98 -4.89
N ILE A 38 3.51 -3.98 -4.74
CA ILE A 38 2.88 -4.37 -3.48
C ILE A 38 2.44 -5.83 -3.55
N ASP A 39 3.17 -6.70 -2.86
CA ASP A 39 2.96 -8.13 -2.96
C ASP A 39 1.71 -8.57 -2.18
N HIS A 40 1.66 -8.20 -0.92
CA HIS A 40 0.55 -8.59 -0.05
C HIS A 40 0.13 -7.43 0.86
N THR A 41 -1.18 -7.30 1.06
CA THR A 41 -1.72 -6.33 2.00
C THR A 41 -2.95 -6.89 2.69
N GLY A 42 -2.80 -7.24 3.96
CA GLY A 42 -3.91 -7.80 4.70
C GLY A 42 -4.38 -6.87 5.79
N VAL A 43 -5.54 -6.25 5.58
CA VAL A 43 -6.12 -5.37 6.57
C VAL A 43 -7.35 -6.03 7.19
N SER A 44 -7.33 -6.18 8.51
CA SER A 44 -8.43 -6.81 9.23
C SER A 44 -9.68 -5.92 9.21
N ASP A 45 -10.85 -6.56 9.29
CA ASP A 45 -12.12 -5.84 9.31
C ASP A 45 -12.76 -5.94 10.67
N GLU A 46 -11.95 -6.27 11.68
CA GLU A 46 -12.46 -6.54 13.02
C GLU A 46 -13.22 -5.35 13.62
N LEU A 47 -12.89 -4.14 13.17
CA LEU A 47 -13.57 -2.95 13.67
C LEU A 47 -14.52 -2.38 12.62
N GLY A 48 -14.74 -3.13 11.55
CA GLY A 48 -15.61 -2.68 10.48
C GLY A 48 -15.11 -1.41 9.81
N GLY A 49 -13.90 -1.47 9.28
CA GLY A 49 -13.32 -0.29 8.67
C GLY A 49 -12.43 0.47 9.63
N GLN A 50 -11.14 0.52 9.33
CA GLN A 50 -10.17 1.16 10.21
C GLN A 50 -9.35 2.18 9.44
N GLY A 51 -8.83 3.17 10.13
CA GLY A 51 -7.95 4.15 9.51
C GLY A 51 -6.55 3.60 9.34
N VAL A 52 -6.38 2.37 9.79
CA VAL A 52 -5.10 1.66 9.70
C VAL A 52 -4.65 1.54 8.24
N GLY A 53 -5.60 1.27 7.36
CA GLY A 53 -5.27 1.02 5.97
C GLY A 53 -4.69 2.24 5.26
N LYS A 54 -5.41 3.35 5.29
CA LYS A 54 -5.01 4.54 4.54
C LYS A 54 -3.73 5.15 5.11
N LYS A 55 -3.45 4.91 6.39
CA LYS A 55 -2.21 5.36 6.99
C LYS A 55 -1.02 4.67 6.31
N LEU A 56 -1.11 3.35 6.17
CA LEU A 56 -0.05 2.59 5.54
C LEU A 56 0.06 2.91 4.05
N LEU A 57 -1.09 3.01 3.39
CA LEU A 57 -1.14 3.33 1.98
C LEU A 57 -0.51 4.69 1.69
N LYS A 58 -0.90 5.70 2.47
CA LYS A 58 -0.42 7.05 2.23
C LYS A 58 1.08 7.14 2.47
N ALA A 59 1.58 6.36 3.41
CA ALA A 59 3.02 6.32 3.69
C ALA A 59 3.81 5.93 2.44
N VAL A 60 3.29 4.94 1.73
CA VAL A 60 3.92 4.48 0.49
C VAL A 60 3.77 5.54 -0.60
N VAL A 61 2.57 6.09 -0.73
CA VAL A 61 2.28 7.09 -1.76
C VAL A 61 3.12 8.35 -1.56
N GLU A 62 3.29 8.77 -0.32
CA GLU A 62 4.06 9.96 -0.01
C GLU A 62 5.52 9.77 -0.42
N HIS A 63 6.04 8.57 -0.16
CA HIS A 63 7.42 8.25 -0.51
C HIS A 63 7.56 8.13 -2.03
N ALA A 64 6.46 7.75 -2.68
CA ALA A 64 6.42 7.66 -4.14
C ALA A 64 6.52 9.05 -4.75
N ARG A 65 5.90 10.03 -4.09
CA ARG A 65 6.00 11.42 -4.52
C ARG A 65 7.42 11.93 -4.39
N GLU A 66 8.13 11.43 -3.40
CA GLU A 66 9.48 11.86 -3.10
C GLU A 66 10.45 11.54 -4.25
N ASN A 67 10.67 10.26 -4.51
CA ASN A 67 11.68 9.86 -5.49
C ASN A 67 11.06 9.46 -6.83
N ASN A 68 9.80 9.86 -7.03
CA ASN A 68 9.07 9.57 -8.26
C ASN A 68 9.00 8.07 -8.48
N LEU A 69 8.20 7.41 -7.65
CA LEU A 69 8.07 5.96 -7.69
C LEU A 69 6.77 5.55 -8.35
N LYS A 70 6.83 4.46 -9.10
CA LYS A 70 5.67 3.93 -9.79
C LYS A 70 5.07 2.78 -8.98
N ILE A 71 3.85 2.98 -8.51
CA ILE A 71 3.21 2.01 -7.63
C ILE A 71 2.40 0.99 -8.43
N ILE A 72 2.82 -0.27 -8.34
CA ILE A 72 2.09 -1.36 -8.95
C ILE A 72 1.69 -2.38 -7.88
N ALA A 73 0.41 -2.66 -7.77
CA ALA A 73 -0.09 -3.56 -6.75
C ALA A 73 -0.31 -4.96 -7.30
N SER A 74 0.45 -5.92 -6.79
CA SER A 74 0.27 -7.31 -7.16
C SER A 74 -0.91 -7.89 -6.38
N CYS A 75 -1.04 -7.44 -5.13
CA CYS A 75 -2.13 -7.86 -4.27
C CYS A 75 -3.45 -7.29 -4.79
N SER A 76 -4.41 -8.16 -5.07
CA SER A 76 -5.71 -7.75 -5.57
C SER A 76 -6.42 -6.80 -4.59
N PHE A 77 -6.24 -7.06 -3.30
CA PHE A 77 -6.82 -6.22 -2.27
C PHE A 77 -6.30 -4.79 -2.38
N ALA A 78 -4.97 -4.66 -2.32
CA ALA A 78 -4.32 -3.36 -2.42
C ALA A 78 -4.59 -2.71 -3.78
N LYS A 79 -4.74 -3.55 -4.79
CA LYS A 79 -5.02 -3.09 -6.15
C LYS A 79 -6.33 -2.30 -6.18
N HIS A 80 -7.33 -2.79 -5.46
CA HIS A 80 -8.62 -2.11 -5.42
C HIS A 80 -8.64 -0.99 -4.38
N MET A 81 -7.75 -1.10 -3.38
CA MET A 81 -7.63 -0.08 -2.35
C MET A 81 -7.25 1.27 -2.95
N LEU A 82 -6.15 1.29 -3.69
CA LEU A 82 -5.67 2.51 -4.33
C LEU A 82 -6.60 2.90 -5.48
N GLU A 83 -7.35 1.93 -5.95
CA GLU A 83 -8.24 2.10 -7.08
C GLU A 83 -9.52 2.85 -6.69
N LYS A 84 -9.89 2.75 -5.42
CA LYS A 84 -11.10 3.41 -4.95
C LYS A 84 -10.80 4.78 -4.36
N GLU A 85 -9.53 5.18 -4.44
CA GLU A 85 -9.13 6.51 -4.02
C GLU A 85 -8.54 7.26 -5.22
N ASP A 86 -9.31 8.21 -5.74
CA ASP A 86 -8.90 8.97 -6.91
C ASP A 86 -7.70 9.84 -6.61
N SER A 87 -7.52 10.17 -5.33
CA SER A 87 -6.39 11.00 -4.91
C SER A 87 -5.08 10.23 -5.01
N TYR A 88 -5.16 8.91 -5.17
CA TYR A 88 -3.97 8.09 -5.36
C TYR A 88 -3.81 7.69 -6.82
N GLN A 89 -4.84 7.96 -7.63
CA GLN A 89 -4.81 7.59 -9.04
C GLN A 89 -4.02 8.61 -9.85
N ASP A 90 -2.70 8.46 -9.77
CA ASP A 90 -1.77 9.31 -10.50
C ASP A 90 -0.40 8.67 -10.49
N VAL A 91 -0.01 8.16 -9.33
CA VAL A 91 1.25 7.42 -9.19
C VAL A 91 1.01 5.91 -9.32
N TYR A 92 -0.25 5.51 -9.19
CA TYR A 92 -0.64 4.12 -9.36
C TYR A 92 -1.00 3.84 -10.82
N LEU A 93 -0.43 2.77 -11.37
CA LEU A 93 -0.70 2.41 -12.75
C LEU A 93 -1.92 1.50 -12.83
N GLY A 94 -3.08 2.11 -12.97
CA GLY A 94 -4.31 1.36 -13.05
C GLY A 94 -4.69 1.01 -14.48
N LEU A 95 -4.00 0.03 -15.05
CA LEU A 95 -4.29 -0.43 -16.39
C LEU A 95 -3.49 -1.69 -16.70
N GLU A 96 -3.91 -2.44 -17.72
CA GLU A 96 -3.14 -3.57 -18.21
C GLU A 96 -1.99 -3.08 -19.05
N HIS A 97 -1.10 -3.98 -19.47
CA HIS A 97 -0.03 -3.57 -20.37
C HIS A 97 -0.58 -3.48 -21.79
N HIS A 98 -1.24 -2.36 -22.06
CA HIS A 98 -1.94 -2.15 -23.32
C HIS A 98 -1.07 -1.32 -24.27
N HIS A 99 0.11 -0.95 -23.80
CA HIS A 99 1.03 -0.18 -24.63
C HIS A 99 1.95 -1.11 -25.38
N HIS A 100 1.92 -1.02 -26.71
CA HIS A 100 2.76 -1.84 -27.55
C HIS A 100 4.13 -1.19 -27.70
N HIS A 101 4.15 -0.07 -28.41
CA HIS A 101 5.37 0.72 -28.59
C HIS A 101 5.01 2.20 -28.64
N HIS A 102 3.84 2.48 -29.22
CA HIS A 102 3.30 3.83 -29.26
C HIS A 102 1.88 3.81 -28.73
N MET A 1 0.45 3.95 22.21
CA MET A 1 -1.01 4.18 22.20
C MET A 1 -1.73 2.92 21.71
N SER A 2 -1.73 1.90 22.56
CA SER A 2 -2.25 0.58 22.24
C SER A 2 -1.39 -0.09 21.15
N ASN A 3 -1.66 0.24 19.89
CA ASN A 3 -0.95 -0.34 18.76
C ASN A 3 -1.08 0.54 17.53
N LEU A 4 -1.31 1.82 17.75
CA LEU A 4 -1.55 2.75 16.66
C LEU A 4 -0.24 3.29 16.09
N GLU A 5 0.87 2.89 16.69
CA GLU A 5 2.18 3.34 16.26
C GLU A 5 2.60 2.55 15.02
N ILE A 6 2.70 3.24 13.89
CA ILE A 6 3.14 2.62 12.66
C ILE A 6 4.56 2.08 12.80
N LYS A 7 4.70 0.77 12.74
CA LYS A 7 6.00 0.13 12.86
C LYS A 7 6.59 -0.14 11.50
N GLN A 8 7.90 0.04 11.40
CA GLN A 8 8.61 -0.11 10.15
C GLN A 8 9.37 -1.42 10.10
N GLY A 9 9.41 -2.02 8.92
CA GLY A 9 10.14 -3.25 8.71
C GLY A 9 10.79 -3.27 7.35
N GLU A 10 11.29 -4.44 6.93
CA GLU A 10 11.97 -4.58 5.65
C GLU A 10 11.01 -4.37 4.49
N ASN A 11 11.02 -3.16 3.93
CA ASN A 11 10.16 -2.79 2.80
C ASN A 11 8.70 -2.98 3.14
N LYS A 12 8.36 -2.86 4.42
CA LYS A 12 7.01 -3.11 4.87
C LYS A 12 6.65 -2.24 6.07
N PHE A 13 5.39 -1.87 6.17
CA PHE A 13 4.88 -1.19 7.34
C PHE A 13 3.80 -2.06 7.96
N TYR A 14 3.80 -2.16 9.29
CA TYR A 14 2.83 -3.01 9.96
C TYR A 14 2.28 -2.34 11.21
N ILE A 15 0.98 -2.47 11.39
CA ILE A 15 0.32 -1.96 12.57
C ILE A 15 -0.34 -3.11 13.32
N GLY A 16 -0.23 -3.10 14.63
CA GLY A 16 -0.78 -4.17 15.44
C GLY A 16 0.06 -4.44 16.66
N ASP A 17 -0.01 -5.68 17.14
CA ASP A 17 0.68 -6.06 18.37
C ASP A 17 2.19 -6.10 18.16
N ASP A 18 2.63 -6.81 17.14
CA ASP A 18 4.05 -7.02 16.88
C ASP A 18 4.24 -7.45 15.43
N GLU A 19 5.47 -7.72 15.03
CA GLU A 19 5.73 -8.26 13.71
C GLU A 19 5.23 -9.71 13.65
N ASN A 20 5.24 -10.36 14.82
CA ASN A 20 4.71 -11.71 14.94
C ASN A 20 3.18 -11.69 14.93
N ASN A 21 2.62 -10.61 15.48
CA ASN A 21 1.17 -10.48 15.57
C ASN A 21 0.71 -9.22 14.87
N ALA A 22 1.09 -9.10 13.60
CA ALA A 22 0.68 -7.96 12.79
C ALA A 22 -0.80 -8.04 12.47
N LEU A 23 -1.52 -6.97 12.75
CA LEU A 23 -2.95 -6.93 12.47
C LEU A 23 -3.19 -6.36 11.08
N ALA A 24 -2.18 -5.68 10.56
CA ALA A 24 -2.23 -5.10 9.23
C ALA A 24 -0.83 -4.79 8.74
N GLU A 25 -0.34 -5.56 7.77
CA GLU A 25 0.97 -5.30 7.21
C GLU A 25 0.90 -5.16 5.69
N ILE A 26 1.66 -4.21 5.16
CA ILE A 26 1.72 -3.98 3.74
C ILE A 26 3.17 -3.90 3.28
N THR A 27 3.50 -4.60 2.21
CA THR A 27 4.86 -4.63 1.70
C THR A 27 4.96 -3.88 0.38
N TYR A 28 6.03 -3.12 0.22
CA TYR A 28 6.30 -2.46 -1.04
C TYR A 28 7.76 -2.66 -1.43
N ARG A 29 7.97 -3.55 -2.38
CA ARG A 29 9.32 -3.90 -2.78
C ARG A 29 9.57 -3.47 -4.22
N PHE A 30 10.83 -3.34 -4.57
CA PHE A 30 11.21 -2.79 -5.86
C PHE A 30 11.18 -3.86 -6.95
N VAL A 31 10.48 -3.57 -8.03
CA VAL A 31 10.54 -4.39 -9.24
C VAL A 31 11.45 -3.72 -10.25
N ASP A 32 11.75 -2.46 -9.96
CA ASP A 32 12.66 -1.67 -10.76
C ASP A 32 13.24 -0.56 -9.87
N ASN A 33 14.15 0.24 -10.40
CA ASN A 33 14.81 1.29 -9.62
C ASN A 33 13.84 2.39 -9.22
N ASN A 34 12.84 2.63 -10.06
CA ASN A 34 11.86 3.68 -9.77
C ASN A 34 10.44 3.12 -9.81
N GLU A 35 10.31 1.81 -9.77
CA GLU A 35 9.00 1.18 -9.78
C GLU A 35 8.90 0.15 -8.66
N ILE A 36 7.83 0.22 -7.88
CA ILE A 36 7.64 -0.66 -6.75
C ILE A 36 6.33 -1.43 -6.87
N ASN A 37 6.29 -2.59 -6.25
CA ASN A 37 5.08 -3.41 -6.26
C ASN A 37 4.68 -3.75 -4.84
N ILE A 38 3.38 -3.91 -4.62
CA ILE A 38 2.88 -4.30 -3.32
C ILE A 38 2.57 -5.79 -3.31
N ASP A 39 3.37 -6.54 -2.57
CA ASP A 39 3.22 -7.99 -2.51
C ASP A 39 2.04 -8.37 -1.63
N HIS A 40 2.17 -8.06 -0.35
CA HIS A 40 1.18 -8.46 0.64
C HIS A 40 0.51 -7.23 1.25
N THR A 41 -0.80 -7.30 1.42
CA THR A 41 -1.54 -6.28 2.12
C THR A 41 -2.60 -6.92 3.01
N GLY A 42 -2.22 -7.25 4.23
CA GLY A 42 -3.12 -7.93 5.13
C GLY A 42 -3.66 -7.02 6.19
N VAL A 43 -4.57 -6.17 5.80
CA VAL A 43 -5.21 -5.26 6.74
C VAL A 43 -6.51 -5.86 7.24
N SER A 44 -6.48 -6.39 8.45
CA SER A 44 -7.66 -7.01 9.05
C SER A 44 -8.76 -5.97 9.24
N ASP A 45 -9.93 -6.28 8.72
CA ASP A 45 -11.07 -5.39 8.80
C ASP A 45 -11.84 -5.63 10.08
N GLU A 46 -11.40 -6.63 10.84
CA GLU A 46 -11.97 -6.95 12.14
C GLU A 46 -11.72 -5.80 13.12
N LEU A 47 -10.77 -4.93 12.77
CA LEU A 47 -10.43 -3.78 13.61
C LEU A 47 -11.56 -2.76 13.63
N GLY A 48 -12.54 -2.94 12.76
CA GLY A 48 -13.71 -2.08 12.77
C GLY A 48 -13.62 -0.99 11.73
N GLY A 49 -13.85 0.24 12.16
CA GLY A 49 -13.84 1.37 11.25
C GLY A 49 -12.52 2.11 11.26
N GLN A 50 -11.45 1.40 11.58
CA GLN A 50 -10.13 1.99 11.60
C GLN A 50 -9.49 1.88 10.22
N GLY A 51 -9.20 3.02 9.61
CA GLY A 51 -8.63 3.02 8.27
C GLY A 51 -7.15 2.73 8.26
N VAL A 52 -6.77 1.62 8.89
CA VAL A 52 -5.37 1.23 9.01
C VAL A 52 -4.74 1.03 7.63
N GLY A 53 -5.49 0.41 6.73
CA GLY A 53 -5.00 0.16 5.39
C GLY A 53 -4.66 1.44 4.64
N LYS A 54 -5.55 2.42 4.74
CA LYS A 54 -5.34 3.70 4.06
C LYS A 54 -4.14 4.43 4.63
N LYS A 55 -3.97 4.38 5.95
CA LYS A 55 -2.87 5.08 6.60
C LYS A 55 -1.52 4.46 6.20
N LEU A 56 -1.48 3.13 6.17
CA LEU A 56 -0.27 2.43 5.75
C LEU A 56 0.04 2.71 4.29
N LEU A 57 -0.98 2.63 3.45
CA LEU A 57 -0.81 2.86 2.02
C LEU A 57 -0.42 4.31 1.75
N LYS A 58 -0.96 5.22 2.54
CA LYS A 58 -0.67 6.64 2.40
C LYS A 58 0.84 6.89 2.47
N ALA A 59 1.48 6.33 3.50
CA ALA A 59 2.92 6.49 3.68
C ALA A 59 3.69 5.93 2.49
N VAL A 60 3.21 4.79 1.96
CA VAL A 60 3.83 4.18 0.79
C VAL A 60 3.70 5.11 -0.42
N VAL A 61 2.50 5.64 -0.62
CA VAL A 61 2.23 6.55 -1.73
C VAL A 61 3.04 7.84 -1.58
N GLU A 62 3.14 8.34 -0.36
CA GLU A 62 3.97 9.52 -0.08
C GLU A 62 5.42 9.24 -0.44
N HIS A 63 5.90 8.06 -0.08
CA HIS A 63 7.26 7.65 -0.38
C HIS A 63 7.45 7.55 -1.89
N ALA A 64 6.45 7.00 -2.58
CA ALA A 64 6.49 6.87 -4.03
C ALA A 64 6.47 8.22 -4.71
N ARG A 65 5.58 9.09 -4.25
CA ARG A 65 5.48 10.45 -4.78
C ARG A 65 6.82 11.17 -4.69
N GLU A 66 7.44 11.11 -3.52
CA GLU A 66 8.70 11.79 -3.27
C GLU A 66 9.82 11.19 -4.12
N ASN A 67 9.89 9.86 -4.14
CA ASN A 67 10.99 9.16 -4.81
C ASN A 67 10.70 8.96 -6.31
N ASN A 68 9.56 9.47 -6.76
CA ASN A 68 9.16 9.37 -8.17
C ASN A 68 8.94 7.91 -8.57
N LEU A 69 8.48 7.12 -7.62
CA LEU A 69 8.25 5.70 -7.83
C LEU A 69 6.86 5.46 -8.42
N LYS A 70 6.76 4.46 -9.28
CA LYS A 70 5.47 4.04 -9.80
C LYS A 70 4.95 2.86 -9.00
N ILE A 71 3.66 2.86 -8.72
CA ILE A 71 3.07 1.85 -7.85
C ILE A 71 2.20 0.86 -8.62
N ILE A 72 2.55 -0.42 -8.51
CA ILE A 72 1.72 -1.49 -9.01
C ILE A 72 1.41 -2.47 -7.88
N ALA A 73 0.17 -2.48 -7.43
CA ALA A 73 -0.23 -3.33 -6.32
C ALA A 73 -0.63 -4.71 -6.80
N SER A 74 0.18 -5.71 -6.48
CA SER A 74 -0.13 -7.09 -6.84
C SER A 74 -1.28 -7.59 -5.96
N CYS A 75 -1.23 -7.25 -4.68
CA CYS A 75 -2.32 -7.57 -3.77
C CYS A 75 -3.59 -6.85 -4.19
N SER A 76 -4.61 -7.61 -4.54
CA SER A 76 -5.85 -7.05 -5.05
C SER A 76 -6.58 -6.22 -3.99
N PHE A 77 -6.21 -6.39 -2.73
CA PHE A 77 -6.78 -5.59 -1.65
C PHE A 77 -6.33 -4.14 -1.79
N ALA A 78 -5.03 -3.94 -1.96
CA ALA A 78 -4.46 -2.62 -2.18
C ALA A 78 -4.75 -2.14 -3.60
N LYS A 79 -4.78 -3.10 -4.51
CA LYS A 79 -5.02 -2.85 -5.93
C LYS A 79 -6.30 -2.03 -6.13
N HIS A 80 -7.42 -2.55 -5.63
CA HIS A 80 -8.72 -1.92 -5.87
C HIS A 80 -8.84 -0.60 -5.13
N MET A 81 -8.03 -0.41 -4.10
CA MET A 81 -8.05 0.84 -3.34
C MET A 81 -7.40 1.95 -4.17
N LEU A 82 -6.35 1.59 -4.91
CA LEU A 82 -5.61 2.53 -5.74
C LEU A 82 -6.44 2.95 -6.96
N GLU A 83 -7.31 2.05 -7.41
CA GLU A 83 -8.10 2.27 -8.62
C GLU A 83 -9.14 3.37 -8.41
N LYS A 84 -9.77 3.36 -7.26
CA LYS A 84 -10.93 4.19 -7.01
C LYS A 84 -10.54 5.60 -6.55
N GLU A 85 -9.61 5.68 -5.63
CA GLU A 85 -9.25 6.95 -5.03
C GLU A 85 -8.19 7.68 -5.86
N ASP A 86 -8.55 8.85 -6.36
CA ASP A 86 -7.68 9.62 -7.24
C ASP A 86 -6.39 10.06 -6.56
N SER A 87 -6.44 10.18 -5.23
CA SER A 87 -5.28 10.58 -4.45
C SER A 87 -4.14 9.57 -4.62
N TYR A 88 -4.50 8.33 -4.97
CA TYR A 88 -3.52 7.29 -5.16
C TYR A 88 -3.23 7.07 -6.65
N GLN A 89 -4.19 7.46 -7.49
CA GLN A 89 -4.11 7.19 -8.92
C GLN A 89 -3.01 8.02 -9.59
N ASP A 90 -2.51 9.02 -8.88
CA ASP A 90 -1.42 9.85 -9.38
C ASP A 90 -0.16 9.02 -9.64
N VAL A 91 0.11 8.08 -8.75
CA VAL A 91 1.28 7.22 -8.88
C VAL A 91 0.85 5.80 -9.27
N TYR A 92 -0.43 5.66 -9.58
CA TYR A 92 -1.00 4.38 -9.96
C TYR A 92 -1.14 4.28 -11.46
N LEU A 93 -0.77 3.14 -12.02
CA LEU A 93 -0.81 2.94 -13.47
C LEU A 93 -2.21 2.58 -13.94
N GLY A 94 -2.67 1.39 -13.59
CA GLY A 94 -3.99 0.95 -14.00
C GLY A 94 -4.02 -0.53 -14.32
N LEU A 95 -4.64 -1.30 -13.44
CA LEU A 95 -4.69 -2.75 -13.60
C LEU A 95 -6.08 -3.23 -14.02
N GLU A 96 -6.81 -2.37 -14.70
CA GLU A 96 -8.10 -2.77 -15.27
C GLU A 96 -8.16 -2.36 -16.74
N HIS A 97 -8.43 -1.09 -16.99
CA HIS A 97 -8.56 -0.58 -18.34
C HIS A 97 -7.97 0.83 -18.45
N HIS A 98 -6.83 0.93 -19.08
CA HIS A 98 -6.27 2.23 -19.43
C HIS A 98 -6.38 2.40 -20.95
N HIS A 99 -6.95 1.37 -21.56
CA HIS A 99 -7.21 1.34 -23.00
C HIS A 99 -8.05 0.11 -23.30
N HIS A 100 -8.73 0.11 -24.44
CA HIS A 100 -9.52 -1.05 -24.84
C HIS A 100 -8.61 -2.04 -25.54
N HIS A 101 -8.31 -1.77 -26.80
CA HIS A 101 -7.29 -2.50 -27.53
C HIS A 101 -6.46 -1.52 -28.35
N HIS A 102 -7.08 -0.38 -28.65
CA HIS A 102 -6.39 0.74 -29.26
C HIS A 102 -6.60 1.98 -28.40
N MET A 1 -0.17 -6.38 23.13
CA MET A 1 -0.59 -5.20 23.92
C MET A 1 -1.34 -4.24 23.03
N SER A 2 -2.10 -3.34 23.64
CA SER A 2 -2.84 -2.33 22.89
C SER A 2 -1.89 -1.28 22.32
N ASN A 3 -1.42 -1.51 21.12
CA ASN A 3 -0.51 -0.60 20.45
C ASN A 3 -0.55 -0.82 18.94
N LEU A 4 -0.38 0.26 18.19
CA LEU A 4 -0.39 0.18 16.73
C LEU A 4 0.97 0.59 16.17
N GLU A 5 1.12 1.86 15.80
CA GLU A 5 2.37 2.40 15.26
C GLU A 5 2.70 1.82 13.89
N ILE A 6 3.10 2.67 12.96
CA ILE A 6 3.54 2.21 11.66
C ILE A 6 4.98 1.70 11.77
N LYS A 7 5.10 0.40 12.00
CA LYS A 7 6.41 -0.22 12.13
C LYS A 7 6.96 -0.56 10.74
N GLN A 8 8.07 0.05 10.37
CA GLN A 8 8.68 -0.24 9.09
C GLN A 8 9.86 -1.20 9.27
N GLY A 9 9.96 -2.15 8.36
CA GLY A 9 11.02 -3.13 8.41
C GLY A 9 10.96 -4.09 7.26
N GLU A 10 12.13 -4.48 6.75
CA GLU A 10 12.28 -5.45 5.66
C GLU A 10 11.31 -5.22 4.49
N ASN A 11 11.20 -3.95 4.06
CA ASN A 11 10.34 -3.56 2.93
C ASN A 11 8.86 -3.69 3.29
N LYS A 12 8.58 -3.77 4.57
CA LYS A 12 7.22 -3.97 5.04
C LYS A 12 6.83 -2.89 6.05
N PHE A 13 5.70 -2.24 5.79
CA PHE A 13 5.11 -1.32 6.74
C PHE A 13 3.95 -2.02 7.45
N TYR A 14 4.17 -2.43 8.68
CA TYR A 14 3.17 -3.18 9.41
C TYR A 14 2.75 -2.46 10.68
N ILE A 15 1.45 -2.26 10.82
CA ILE A 15 0.91 -1.71 12.05
C ILE A 15 0.56 -2.84 13.01
N GLY A 16 1.27 -2.86 14.13
CA GLY A 16 1.04 -3.89 15.12
C GLY A 16 1.97 -3.75 16.29
N ASP A 17 1.63 -4.43 17.38
CA ASP A 17 2.41 -4.38 18.60
C ASP A 17 3.57 -5.38 18.56
N ASP A 18 3.55 -6.21 17.54
CA ASP A 18 4.60 -7.21 17.35
C ASP A 18 4.63 -7.65 15.89
N GLU A 19 5.73 -8.25 15.47
CA GLU A 19 5.87 -8.73 14.09
C GLU A 19 4.81 -9.78 13.78
N ASN A 20 4.55 -10.67 14.75
CA ASN A 20 3.54 -11.71 14.58
C ASN A 20 2.15 -11.19 14.90
N ASN A 21 2.10 -9.94 15.35
CA ASN A 21 0.84 -9.32 15.73
C ASN A 21 0.55 -8.11 14.84
N ALA A 22 1.03 -8.18 13.61
CA ALA A 22 0.77 -7.13 12.64
C ALA A 22 -0.67 -7.25 12.12
N LEU A 23 -1.51 -6.31 12.51
CA LEU A 23 -2.91 -6.31 12.10
C LEU A 23 -3.05 -5.81 10.67
N ALA A 24 -2.10 -4.98 10.26
CA ALA A 24 -2.12 -4.39 8.93
C ALA A 24 -0.71 -4.21 8.38
N GLU A 25 -0.27 -5.14 7.55
CA GLU A 25 1.07 -5.06 6.97
C GLU A 25 1.00 -4.90 5.45
N ILE A 26 1.50 -3.78 4.95
CA ILE A 26 1.57 -3.56 3.53
C ILE A 26 3.01 -3.69 3.04
N THR A 27 3.25 -4.65 2.16
CA THR A 27 4.59 -4.93 1.69
C THR A 27 4.75 -4.53 0.23
N TYR A 28 5.90 -3.96 -0.10
CA TYR A 28 6.21 -3.59 -1.48
C TYR A 28 7.69 -3.74 -1.74
N ARG A 29 8.02 -4.35 -2.87
CA ARG A 29 9.41 -4.56 -3.23
C ARG A 29 9.80 -3.67 -4.38
N PHE A 30 11.03 -3.19 -4.34
CA PHE A 30 11.59 -2.40 -5.43
C PHE A 30 12.07 -3.33 -6.53
N VAL A 31 11.17 -3.69 -7.44
CA VAL A 31 11.46 -4.65 -8.48
C VAL A 31 12.31 -4.02 -9.59
N ASP A 32 12.28 -2.69 -9.66
CA ASP A 32 13.10 -1.98 -10.62
C ASP A 32 13.39 -0.57 -10.11
N ASN A 33 13.91 -0.52 -8.87
CA ASN A 33 14.31 0.71 -8.21
C ASN A 33 13.12 1.62 -7.90
N ASN A 34 12.62 2.32 -8.92
CA ASN A 34 11.47 3.20 -8.73
C ASN A 34 10.17 2.45 -8.96
N GLU A 35 10.29 1.23 -9.47
CA GLU A 35 9.13 0.37 -9.67
C GLU A 35 8.85 -0.40 -8.38
N ILE A 36 7.82 0.00 -7.67
CA ILE A 36 7.49 -0.66 -6.41
C ILE A 36 6.26 -1.56 -6.55
N ASN A 37 6.48 -2.85 -6.36
CA ASN A 37 5.42 -3.84 -6.47
C ASN A 37 4.87 -4.20 -5.11
N ILE A 38 3.63 -3.82 -4.86
CA ILE A 38 2.97 -4.18 -3.60
C ILE A 38 2.49 -5.62 -3.68
N ASP A 39 3.17 -6.50 -2.93
CA ASP A 39 2.87 -7.91 -2.93
C ASP A 39 1.52 -8.16 -2.26
N HIS A 40 1.38 -7.70 -1.03
CA HIS A 40 0.15 -7.90 -0.29
C HIS A 40 -0.05 -6.80 0.73
N THR A 41 -1.29 -6.40 0.90
CA THR A 41 -1.67 -5.51 1.99
C THR A 41 -2.47 -6.29 3.01
N GLY A 42 -1.77 -6.88 3.96
CA GLY A 42 -2.39 -7.77 4.91
C GLY A 42 -3.05 -7.04 6.06
N VAL A 43 -4.23 -6.50 5.80
CA VAL A 43 -5.02 -5.86 6.83
C VAL A 43 -6.17 -6.78 7.23
N SER A 44 -6.23 -7.15 8.50
CA SER A 44 -7.32 -7.99 8.97
C SER A 44 -8.62 -7.20 8.96
N ASP A 45 -9.63 -7.81 8.39
CA ASP A 45 -10.91 -7.16 8.20
C ASP A 45 -11.98 -7.82 9.03
N GLU A 46 -12.10 -7.37 10.28
CA GLU A 46 -13.10 -7.89 11.19
C GLU A 46 -14.08 -6.80 11.56
N LEU A 47 -13.97 -5.68 10.87
CA LEU A 47 -14.78 -4.51 11.18
C LEU A 47 -15.21 -3.83 9.87
N GLY A 48 -14.24 -3.36 9.11
CA GLY A 48 -14.55 -2.69 7.86
C GLY A 48 -13.45 -1.73 7.44
N GLY A 49 -13.78 -0.83 6.53
CA GLY A 49 -12.82 0.15 6.06
C GLY A 49 -12.55 1.23 7.08
N GLN A 50 -11.66 0.92 8.03
CA GLN A 50 -11.31 1.88 9.07
C GLN A 50 -10.11 2.72 8.64
N GLY A 51 -9.82 3.78 9.38
CA GLY A 51 -8.76 4.71 9.01
C GLY A 51 -7.40 4.05 8.85
N VAL A 52 -7.16 2.97 9.60
CA VAL A 52 -5.91 2.22 9.52
C VAL A 52 -5.56 1.87 8.07
N GLY A 53 -6.56 1.51 7.29
CA GLY A 53 -6.34 1.11 5.91
C GLY A 53 -5.72 2.22 5.09
N LYS A 54 -6.33 3.40 5.12
CA LYS A 54 -5.84 4.53 4.33
C LYS A 54 -4.58 5.11 4.97
N LYS A 55 -4.37 4.84 6.25
CA LYS A 55 -3.18 5.31 6.95
C LYS A 55 -1.93 4.67 6.35
N LEU A 56 -2.03 3.38 6.03
CA LEU A 56 -0.93 2.67 5.39
C LEU A 56 -0.70 3.20 3.99
N LEU A 57 -1.77 3.27 3.20
CA LEU A 57 -1.69 3.76 1.84
C LEU A 57 -1.14 5.19 1.81
N LYS A 58 -1.54 5.98 2.80
CA LYS A 58 -1.03 7.33 2.96
C LYS A 58 0.50 7.33 3.02
N ALA A 59 1.04 6.55 3.94
CA ALA A 59 2.48 6.50 4.17
C ALA A 59 3.22 6.01 2.93
N VAL A 60 2.69 4.98 2.28
CA VAL A 60 3.33 4.40 1.12
C VAL A 60 3.31 5.37 -0.06
N VAL A 61 2.13 5.90 -0.39
CA VAL A 61 1.98 6.81 -1.53
C VAL A 61 2.79 8.09 -1.30
N GLU A 62 2.79 8.58 -0.07
CA GLU A 62 3.50 9.79 0.29
C GLU A 62 5.00 9.61 0.05
N HIS A 63 5.56 8.53 0.59
CA HIS A 63 6.97 8.22 0.42
C HIS A 63 7.29 7.88 -1.04
N ALA A 64 6.34 7.25 -1.71
CA ALA A 64 6.48 6.94 -3.12
C ALA A 64 6.64 8.21 -3.93
N ARG A 65 5.71 9.14 -3.75
CA ARG A 65 5.72 10.40 -4.48
C ARG A 65 6.99 11.20 -4.17
N GLU A 66 7.52 11.04 -2.96
CA GLU A 66 8.78 11.68 -2.58
C GLU A 66 9.91 11.26 -3.51
N ASN A 67 10.03 9.97 -3.76
CA ASN A 67 11.16 9.42 -4.48
C ASN A 67 10.82 9.11 -5.93
N ASN A 68 9.66 9.60 -6.38
CA ASN A 68 9.21 9.39 -7.76
C ASN A 68 8.99 7.89 -8.01
N LEU A 69 8.53 7.19 -6.98
CA LEU A 69 8.27 5.77 -7.07
C LEU A 69 6.90 5.53 -7.68
N LYS A 70 6.85 4.59 -8.62
CA LYS A 70 5.61 4.27 -9.30
C LYS A 70 5.02 2.98 -8.75
N ILE A 71 3.74 3.04 -8.44
CA ILE A 71 3.08 1.96 -7.70
C ILE A 71 2.40 0.96 -8.63
N ILE A 72 2.85 -0.28 -8.54
CA ILE A 72 2.19 -1.39 -9.20
C ILE A 72 1.71 -2.40 -8.16
N ALA A 73 0.41 -2.43 -7.92
CA ALA A 73 -0.18 -3.33 -6.94
C ALA A 73 -0.54 -4.65 -7.60
N SER A 74 0.12 -5.73 -7.17
CA SER A 74 -0.09 -7.03 -7.76
C SER A 74 -1.22 -7.77 -7.06
N CYS A 75 -1.58 -7.30 -5.87
CA CYS A 75 -2.66 -7.91 -5.11
C CYS A 75 -3.99 -7.21 -5.40
N SER A 76 -5.05 -8.00 -5.54
CA SER A 76 -6.36 -7.48 -5.89
C SER A 76 -6.85 -6.46 -4.86
N PHE A 77 -6.69 -6.80 -3.59
CA PHE A 77 -7.15 -5.95 -2.49
C PHE A 77 -6.57 -4.53 -2.59
N ALA A 78 -5.24 -4.44 -2.61
CA ALA A 78 -4.55 -3.15 -2.66
C ALA A 78 -4.86 -2.41 -3.96
N LYS A 79 -4.83 -3.13 -5.07
CA LYS A 79 -5.05 -2.51 -6.37
C LYS A 79 -6.47 -1.98 -6.48
N HIS A 80 -7.39 -2.63 -5.77
CA HIS A 80 -8.78 -2.22 -5.78
C HIS A 80 -8.96 -0.93 -4.98
N MET A 81 -8.24 -0.82 -3.88
CA MET A 81 -8.30 0.37 -3.02
C MET A 81 -7.66 1.57 -3.72
N LEU A 82 -6.46 1.36 -4.26
CA LEU A 82 -5.73 2.43 -4.93
C LEU A 82 -6.48 2.93 -6.16
N GLU A 83 -7.22 2.04 -6.80
CA GLU A 83 -7.96 2.37 -8.02
C GLU A 83 -9.31 3.00 -7.66
N LYS A 84 -9.75 2.81 -6.42
CA LYS A 84 -11.02 3.39 -5.98
C LYS A 84 -10.79 4.81 -5.49
N GLU A 85 -9.59 5.05 -4.98
CA GLU A 85 -9.19 6.38 -4.55
C GLU A 85 -8.56 7.13 -5.73
N ASP A 86 -9.25 8.15 -6.22
CA ASP A 86 -8.84 8.85 -7.43
C ASP A 86 -7.46 9.51 -7.23
N SER A 87 -7.25 10.05 -6.04
CA SER A 87 -6.01 10.76 -5.74
C SER A 87 -4.80 9.82 -5.68
N TYR A 88 -5.03 8.55 -5.33
CA TYR A 88 -3.94 7.59 -5.21
C TYR A 88 -3.51 7.05 -6.57
N GLN A 89 -4.30 7.33 -7.59
CA GLN A 89 -3.99 6.85 -8.93
C GLN A 89 -2.98 7.76 -9.63
N ASP A 90 -2.43 8.70 -8.89
CA ASP A 90 -1.37 9.57 -9.43
C ASP A 90 -0.09 8.76 -9.65
N VAL A 91 0.38 8.12 -8.59
CA VAL A 91 1.58 7.30 -8.68
C VAL A 91 1.24 5.88 -9.10
N TYR A 92 -0.05 5.57 -9.13
CA TYR A 92 -0.52 4.27 -9.56
C TYR A 92 -0.61 4.22 -11.08
N LEU A 93 0.13 3.31 -11.69
CA LEU A 93 0.08 3.13 -13.13
C LEU A 93 -0.48 1.76 -13.48
N GLY A 94 -0.19 0.78 -12.63
CA GLY A 94 -0.72 -0.56 -12.82
C GLY A 94 -0.15 -1.23 -14.05
N LEU A 95 -1.02 -1.83 -14.85
CA LEU A 95 -0.60 -2.54 -16.05
C LEU A 95 -0.76 -1.64 -17.28
N GLU A 96 0.25 -1.63 -18.13
CA GLU A 96 0.20 -0.85 -19.35
C GLU A 96 -0.70 -1.52 -20.37
N HIS A 97 -0.40 -2.77 -20.67
CA HIS A 97 -1.18 -3.55 -21.63
C HIS A 97 -1.95 -4.65 -20.92
N HIS A 98 -3.14 -4.95 -21.43
CA HIS A 98 -3.96 -6.02 -20.89
C HIS A 98 -3.30 -7.37 -21.11
N HIS A 99 -2.62 -7.86 -20.08
CA HIS A 99 -1.82 -9.07 -20.19
C HIS A 99 -2.58 -10.26 -19.61
N HIS A 100 -2.47 -11.40 -20.29
CA HIS A 100 -3.07 -12.65 -19.84
C HIS A 100 -2.17 -13.31 -18.80
N HIS A 101 -2.75 -13.91 -17.78
CA HIS A 101 -1.96 -14.58 -16.75
C HIS A 101 -1.18 -15.76 -17.33
N HIS A 102 -0.09 -16.13 -16.68
CA HIS A 102 0.71 -17.26 -17.12
C HIS A 102 0.03 -18.56 -16.70
N MET A 1 -2.07 -5.04 22.16
CA MET A 1 -2.20 -3.65 21.68
C MET A 1 -1.27 -2.73 22.46
N SER A 2 -0.69 -1.76 21.77
CA SER A 2 0.20 -0.80 22.38
C SER A 2 -0.15 0.61 21.95
N ASN A 3 0.16 0.93 20.70
CA ASN A 3 -0.14 2.23 20.13
C ASN A 3 -0.15 2.12 18.61
N LEU A 4 -0.99 2.90 17.96
CA LEU A 4 -1.06 2.87 16.50
C LEU A 4 0.09 3.66 15.89
N GLU A 5 1.24 3.00 15.78
CA GLU A 5 2.43 3.62 15.21
C GLU A 5 2.81 2.92 13.91
N ILE A 6 3.22 3.70 12.93
CA ILE A 6 3.61 3.18 11.64
C ILE A 6 5.03 2.61 11.70
N LYS A 7 5.12 1.31 11.89
CA LYS A 7 6.40 0.63 11.90
C LYS A 7 6.79 0.25 10.48
N GLN A 8 8.00 0.58 10.08
CA GLN A 8 8.51 0.14 8.80
C GLN A 8 9.53 -0.97 9.02
N GLY A 9 9.34 -2.05 8.30
CA GLY A 9 10.20 -3.21 8.43
C GLY A 9 10.97 -3.46 7.16
N GLU A 10 11.23 -4.73 6.87
CA GLU A 10 11.97 -5.16 5.68
C GLU A 10 11.25 -4.68 4.41
N ASN A 11 11.54 -3.43 4.03
CA ASN A 11 10.88 -2.77 2.90
C ASN A 11 9.37 -2.97 2.97
N LYS A 12 8.81 -2.71 4.14
CA LYS A 12 7.39 -2.89 4.36
C LYS A 12 6.88 -1.96 5.47
N PHE A 13 5.57 -1.80 5.53
CA PHE A 13 4.95 -1.05 6.62
C PHE A 13 3.97 -1.96 7.36
N TYR A 14 4.02 -1.94 8.67
CA TYR A 14 3.15 -2.79 9.47
C TYR A 14 2.82 -2.14 10.81
N ILE A 15 1.57 -2.29 11.22
CA ILE A 15 1.12 -1.81 12.51
C ILE A 15 0.49 -2.96 13.27
N GLY A 16 0.98 -3.21 14.47
CA GLY A 16 0.45 -4.30 15.27
C GLY A 16 1.10 -4.36 16.64
N ASP A 17 0.70 -5.35 17.42
CA ASP A 17 1.25 -5.53 18.77
C ASP A 17 2.58 -6.25 18.69
N ASP A 18 2.74 -7.01 17.62
CA ASP A 18 3.95 -7.80 17.41
C ASP A 18 4.14 -8.01 15.90
N GLU A 19 5.29 -8.51 15.50
CA GLU A 19 5.53 -8.84 14.10
C GLU A 19 4.57 -9.93 13.64
N ASN A 20 4.33 -10.89 14.52
CA ASN A 20 3.39 -11.98 14.24
C ASN A 20 1.96 -11.47 14.41
N ASN A 21 1.78 -10.57 15.35
CA ASN A 21 0.47 -9.99 15.64
C ASN A 21 0.28 -8.70 14.84
N ALA A 22 0.74 -8.73 13.59
CA ALA A 22 0.57 -7.61 12.69
C ALA A 22 -0.90 -7.46 12.30
N LEU A 23 -1.52 -6.38 12.75
CA LEU A 23 -2.93 -6.16 12.51
C LEU A 23 -3.15 -5.51 11.16
N ALA A 24 -2.20 -4.69 10.75
CA ALA A 24 -2.24 -4.05 9.45
C ALA A 24 -0.86 -4.04 8.81
N GLU A 25 -0.66 -4.90 7.84
CA GLU A 25 0.64 -5.01 7.18
C GLU A 25 0.52 -4.77 5.68
N ILE A 26 1.58 -4.24 5.09
CA ILE A 26 1.68 -4.09 3.65
C ILE A 26 3.14 -4.16 3.21
N THR A 27 3.46 -5.16 2.41
CA THR A 27 4.83 -5.34 1.93
C THR A 27 4.96 -4.97 0.47
N TYR A 28 6.05 -4.30 0.11
CA TYR A 28 6.30 -3.96 -1.27
C TYR A 28 7.71 -4.36 -1.67
N ARG A 29 7.98 -4.38 -2.96
CA ARG A 29 9.31 -4.72 -3.45
C ARG A 29 9.66 -3.87 -4.66
N PHE A 30 10.95 -3.67 -4.87
CA PHE A 30 11.43 -2.92 -6.02
C PHE A 30 11.63 -3.87 -7.19
N VAL A 31 10.66 -3.89 -8.11
CA VAL A 31 10.68 -4.84 -9.21
C VAL A 31 11.65 -4.41 -10.31
N ASP A 32 11.67 -3.12 -10.64
CA ASP A 32 12.51 -2.65 -11.72
C ASP A 32 13.46 -1.56 -11.22
N ASN A 33 13.02 -0.30 -11.27
CA ASN A 33 13.86 0.80 -10.81
C ASN A 33 13.15 1.61 -9.73
N ASN A 34 12.06 2.27 -10.10
CA ASN A 34 11.30 3.07 -9.17
C ASN A 34 9.92 2.46 -8.95
N GLU A 35 9.65 1.41 -9.69
CA GLU A 35 8.38 0.72 -9.60
C GLU A 35 8.35 -0.17 -8.36
N ILE A 36 7.48 0.17 -7.43
CA ILE A 36 7.32 -0.60 -6.22
C ILE A 36 6.04 -1.44 -6.29
N ASN A 37 6.21 -2.74 -6.13
CA ASN A 37 5.09 -3.68 -6.22
C ASN A 37 4.63 -4.12 -4.84
N ILE A 38 3.40 -3.81 -4.50
CA ILE A 38 2.79 -4.28 -3.27
C ILE A 38 2.44 -5.77 -3.43
N ASP A 39 3.16 -6.61 -2.71
CA ASP A 39 3.01 -8.05 -2.84
C ASP A 39 1.90 -8.57 -1.93
N HIS A 40 2.08 -8.37 -0.64
CA HIS A 40 1.13 -8.88 0.33
C HIS A 40 0.62 -7.74 1.21
N THR A 41 -0.64 -7.84 1.64
CA THR A 41 -1.22 -6.85 2.51
C THR A 41 -1.93 -7.53 3.68
N GLY A 42 -1.17 -7.78 4.74
CA GLY A 42 -1.73 -8.45 5.91
C GLY A 42 -2.52 -7.53 6.81
N VAL A 43 -3.58 -6.95 6.27
CA VAL A 43 -4.48 -6.12 7.06
C VAL A 43 -5.67 -6.94 7.50
N SER A 44 -5.88 -7.00 8.81
CA SER A 44 -6.98 -7.77 9.37
C SER A 44 -8.32 -7.18 8.96
N ASP A 45 -9.22 -8.05 8.59
CA ASP A 45 -10.58 -7.66 8.24
C ASP A 45 -11.52 -8.06 9.36
N GLU A 46 -10.94 -8.75 10.34
CA GLU A 46 -11.70 -9.24 11.49
C GLU A 46 -11.65 -8.20 12.61
N LEU A 47 -10.79 -7.20 12.40
CA LEU A 47 -10.65 -6.10 13.33
C LEU A 47 -11.95 -5.30 13.45
N GLY A 48 -12.37 -4.74 12.33
CA GLY A 48 -13.60 -3.96 12.31
C GLY A 48 -13.42 -2.65 11.55
N GLY A 49 -12.33 -1.95 11.84
CA GLY A 49 -12.06 -0.70 11.16
C GLY A 49 -11.04 -0.86 10.05
N GLN A 50 -11.43 -0.52 8.83
CA GLN A 50 -10.55 -0.68 7.68
C GLN A 50 -9.77 0.60 7.41
N GLY A 51 -9.94 1.59 8.29
CA GLY A 51 -9.22 2.84 8.16
C GLY A 51 -7.72 2.63 8.13
N VAL A 52 -7.26 1.57 8.81
CA VAL A 52 -5.84 1.23 8.85
C VAL A 52 -5.29 0.96 7.46
N GLY A 53 -6.16 0.51 6.56
CA GLY A 53 -5.74 0.23 5.20
C GLY A 53 -5.28 1.48 4.49
N LYS A 54 -6.05 2.55 4.62
CA LYS A 54 -5.72 3.81 3.98
C LYS A 54 -4.63 4.55 4.76
N LYS A 55 -4.50 4.23 6.04
CA LYS A 55 -3.42 4.78 6.86
C LYS A 55 -2.07 4.38 6.28
N LEU A 56 -1.88 3.09 6.09
CA LEU A 56 -0.65 2.57 5.50
C LEU A 56 -0.55 2.96 4.04
N LEU A 57 -1.68 2.91 3.35
CA LEU A 57 -1.73 3.22 1.93
C LEU A 57 -1.26 4.63 1.66
N LYS A 58 -1.71 5.57 2.50
CA LYS A 58 -1.31 6.96 2.36
C LYS A 58 0.18 7.11 2.58
N ALA A 59 0.71 6.39 3.57
CA ALA A 59 2.12 6.44 3.88
C ALA A 59 2.96 5.97 2.69
N VAL A 60 2.47 4.93 2.01
CA VAL A 60 3.14 4.42 0.83
C VAL A 60 3.10 5.43 -0.30
N VAL A 61 1.91 5.93 -0.60
CA VAL A 61 1.72 6.92 -1.66
C VAL A 61 2.54 8.18 -1.41
N GLU A 62 2.47 8.67 -0.18
CA GLU A 62 3.18 9.88 0.22
C GLU A 62 4.68 9.71 0.04
N HIS A 63 5.20 8.59 0.52
CA HIS A 63 6.62 8.31 0.43
C HIS A 63 7.04 8.03 -1.02
N ALA A 64 6.14 7.45 -1.79
CA ALA A 64 6.39 7.19 -3.20
C ALA A 64 6.55 8.50 -3.95
N ARG A 65 5.69 9.47 -3.65
CA ARG A 65 5.75 10.77 -4.29
C ARG A 65 7.08 11.47 -3.98
N GLU A 66 7.60 11.23 -2.78
CA GLU A 66 8.89 11.79 -2.37
C GLU A 66 10.00 11.34 -3.30
N ASN A 67 10.07 10.03 -3.53
CA ASN A 67 11.19 9.44 -4.27
C ASN A 67 10.83 9.19 -5.72
N ASN A 68 9.70 9.74 -6.16
CA ASN A 68 9.25 9.62 -7.56
C ASN A 68 9.05 8.15 -7.92
N LEU A 69 8.55 7.37 -6.97
CA LEU A 69 8.34 5.95 -7.16
C LEU A 69 7.00 5.69 -7.84
N LYS A 70 6.93 4.60 -8.60
CA LYS A 70 5.70 4.23 -9.28
C LYS A 70 5.06 3.05 -8.57
N ILE A 71 3.82 3.22 -8.17
CA ILE A 71 3.14 2.23 -7.35
C ILE A 71 2.35 1.22 -8.20
N ILE A 72 2.71 -0.03 -8.07
CA ILE A 72 1.95 -1.13 -8.65
C ILE A 72 1.66 -2.17 -7.57
N ALA A 73 0.60 -2.95 -7.73
CA ALA A 73 0.22 -3.88 -6.69
C ALA A 73 -0.24 -5.21 -7.25
N SER A 74 0.37 -6.29 -6.76
CA SER A 74 -0.07 -7.63 -7.11
C SER A 74 -1.22 -8.04 -6.21
N CYS A 75 -1.26 -7.42 -5.02
CA CYS A 75 -2.35 -7.62 -4.10
C CYS A 75 -3.57 -6.83 -4.55
N SER A 76 -4.58 -7.54 -5.03
CA SER A 76 -5.78 -6.91 -5.57
C SER A 76 -6.53 -6.11 -4.49
N PHE A 77 -6.38 -6.53 -3.24
CA PHE A 77 -6.99 -5.83 -2.12
C PHE A 77 -6.46 -4.39 -2.04
N ALA A 78 -5.15 -4.25 -2.03
CA ALA A 78 -4.51 -2.94 -1.98
C ALA A 78 -4.66 -2.23 -3.31
N LYS A 79 -4.58 -3.01 -4.39
CA LYS A 79 -4.69 -2.46 -5.75
C LYS A 79 -6.01 -1.73 -5.92
N HIS A 80 -7.12 -2.34 -5.53
CA HIS A 80 -8.43 -1.76 -5.76
C HIS A 80 -8.67 -0.56 -4.84
N MET A 81 -7.95 -0.51 -3.72
CA MET A 81 -8.04 0.64 -2.83
C MET A 81 -7.36 1.85 -3.46
N LEU A 82 -6.24 1.59 -4.13
CA LEU A 82 -5.53 2.62 -4.89
C LEU A 82 -6.30 2.98 -6.14
N GLU A 83 -6.97 1.98 -6.69
CA GLU A 83 -7.71 2.12 -7.94
C GLU A 83 -9.00 2.91 -7.75
N LYS A 84 -9.57 2.80 -6.56
CA LYS A 84 -10.81 3.50 -6.25
C LYS A 84 -10.54 4.96 -5.90
N GLU A 85 -9.36 5.25 -5.37
CA GLU A 85 -9.02 6.59 -4.97
C GLU A 85 -8.36 7.33 -6.14
N ASP A 86 -9.11 8.24 -6.73
CA ASP A 86 -8.65 8.98 -7.91
C ASP A 86 -7.40 9.79 -7.59
N SER A 87 -7.27 10.18 -6.32
CA SER A 87 -6.19 11.07 -5.90
C SER A 87 -4.84 10.34 -5.80
N TYR A 88 -4.81 9.05 -6.10
CA TYR A 88 -3.56 8.30 -6.03
C TYR A 88 -3.01 8.01 -7.43
N GLN A 89 -3.75 8.41 -8.47
CA GLN A 89 -3.39 8.06 -9.84
C GLN A 89 -2.32 9.00 -10.43
N ASP A 90 -1.47 9.55 -9.57
CA ASP A 90 -0.30 10.30 -10.04
C ASP A 90 0.97 9.51 -9.77
N VAL A 91 0.89 8.58 -8.82
CA VAL A 91 2.00 7.68 -8.53
C VAL A 91 1.60 6.23 -8.73
N TYR A 92 0.33 5.93 -8.46
CA TYR A 92 -0.19 4.60 -8.69
C TYR A 92 -0.53 4.41 -10.17
N LEU A 93 -0.02 3.35 -10.76
CA LEU A 93 -0.21 3.10 -12.18
C LEU A 93 -1.55 2.42 -12.45
N GLY A 94 -2.63 3.15 -12.19
CA GLY A 94 -3.96 2.68 -12.51
C GLY A 94 -4.44 3.29 -13.80
N LEU A 95 -3.57 4.10 -14.39
CA LEU A 95 -3.86 4.81 -15.63
C LEU A 95 -3.40 4.00 -16.83
N GLU A 96 -3.48 2.67 -16.69
CA GLU A 96 -2.94 1.75 -17.68
C GLU A 96 -3.50 2.00 -19.09
N HIS A 97 -4.84 2.16 -19.20
CA HIS A 97 -5.46 2.57 -20.47
C HIS A 97 -7.00 2.54 -20.39
N HIS A 98 -7.57 1.57 -19.69
CA HIS A 98 -9.03 1.41 -19.72
C HIS A 98 -9.70 2.08 -18.53
N HIS A 99 -9.02 2.11 -17.39
CA HIS A 99 -9.54 2.74 -16.16
C HIS A 99 -10.93 2.18 -15.81
N HIS A 100 -11.69 2.91 -14.99
CA HIS A 100 -13.11 2.61 -14.73
C HIS A 100 -13.30 1.23 -14.09
N HIS A 101 -13.34 0.20 -14.92
CA HIS A 101 -13.58 -1.17 -14.50
C HIS A 101 -13.61 -2.02 -15.75
N HIS A 102 -14.38 -1.55 -16.72
CA HIS A 102 -14.37 -2.09 -18.06
C HIS A 102 -13.72 -1.06 -18.98
N MET A 1 3.35 4.39 21.42
CA MET A 1 2.24 5.17 22.02
C MET A 1 0.92 4.39 21.94
N SER A 2 0.55 3.98 20.73
CA SER A 2 -0.67 3.22 20.53
C SER A 2 -0.33 1.82 20.02
N ASN A 3 -1.33 1.09 19.54
CA ASN A 3 -1.11 -0.20 18.91
C ASN A 3 -1.08 -0.07 17.40
N LEU A 4 -1.69 1.01 16.90
CA LEU A 4 -1.74 1.27 15.47
C LEU A 4 -0.54 2.11 15.02
N GLU A 5 0.59 1.90 15.68
CA GLU A 5 1.82 2.59 15.34
C GLU A 5 2.33 2.10 13.99
N ILE A 6 2.56 3.02 13.07
CA ILE A 6 3.10 2.69 11.76
C ILE A 6 4.59 2.36 11.88
N LYS A 7 4.91 1.08 11.79
CA LYS A 7 6.28 0.63 11.90
C LYS A 7 6.86 0.34 10.51
N GLN A 8 8.11 0.76 10.30
CA GLN A 8 8.76 0.51 9.03
C GLN A 8 9.66 -0.71 9.12
N GLY A 9 9.82 -1.41 8.01
CA GLY A 9 10.65 -2.60 7.98
C GLY A 9 11.24 -2.83 6.61
N GLU A 10 11.79 -4.03 6.41
CA GLU A 10 12.44 -4.39 5.15
C GLU A 10 11.44 -4.39 4.00
N ASN A 11 11.46 -3.32 3.21
CA ASN A 11 10.62 -3.20 2.01
C ASN A 11 9.14 -3.26 2.37
N LYS A 12 8.80 -2.85 3.58
CA LYS A 12 7.41 -2.96 4.03
C LYS A 12 7.10 -1.99 5.16
N PHE A 13 5.82 -1.73 5.33
CA PHE A 13 5.32 -0.97 6.47
C PHE A 13 4.23 -1.78 7.15
N TYR A 14 4.26 -1.87 8.46
CA TYR A 14 3.29 -2.68 9.18
C TYR A 14 2.76 -1.98 10.42
N ILE A 15 1.46 -2.13 10.63
CA ILE A 15 0.80 -1.57 11.79
C ILE A 15 0.35 -2.71 12.71
N GLY A 16 0.80 -2.66 13.94
CA GLY A 16 0.43 -3.68 14.89
C GLY A 16 1.16 -3.52 16.20
N ASP A 17 0.64 -4.19 17.23
CA ASP A 17 1.24 -4.15 18.56
C ASP A 17 2.59 -4.85 18.56
N ASP A 18 2.65 -5.99 17.90
CA ASP A 18 3.87 -6.78 17.81
C ASP A 18 4.09 -7.19 16.36
N GLU A 19 5.29 -7.68 16.04
CA GLU A 19 5.58 -8.09 14.68
C GLU A 19 4.84 -9.38 14.33
N ASN A 20 4.50 -10.15 15.38
CA ASN A 20 3.66 -11.33 15.22
C ASN A 20 2.20 -10.91 15.27
N ASN A 21 1.93 -9.87 16.04
CA ASN A 21 0.58 -9.37 16.26
C ASN A 21 0.31 -8.19 15.33
N ALA A 22 0.74 -8.32 14.09
CA ALA A 22 0.49 -7.29 13.09
C ALA A 22 -0.93 -7.42 12.55
N LEU A 23 -1.71 -6.37 12.72
CA LEU A 23 -3.11 -6.38 12.32
C LEU A 23 -3.25 -5.97 10.86
N ALA A 24 -2.22 -5.31 10.34
CA ALA A 24 -2.22 -4.88 8.95
C ALA A 24 -0.80 -4.57 8.49
N GLU A 25 -0.28 -5.38 7.57
CA GLU A 25 1.05 -5.13 7.03
C GLU A 25 1.00 -5.08 5.51
N ILE A 26 1.75 -4.15 4.93
CA ILE A 26 1.82 -4.00 3.49
C ILE A 26 3.27 -4.03 3.02
N THR A 27 3.53 -4.85 2.02
CA THR A 27 4.87 -4.98 1.47
C THR A 27 4.94 -4.39 0.06
N TYR A 28 6.01 -3.68 -0.22
CA TYR A 28 6.23 -3.14 -1.55
C TYR A 28 7.52 -3.71 -2.13
N ARG A 29 7.40 -4.42 -3.24
CA ARG A 29 8.53 -5.10 -3.83
C ARG A 29 9.05 -4.31 -5.02
N PHE A 30 10.34 -4.40 -5.24
CA PHE A 30 11.00 -3.63 -6.29
C PHE A 30 11.19 -4.48 -7.54
N VAL A 31 10.40 -4.18 -8.57
CA VAL A 31 10.51 -4.91 -9.82
C VAL A 31 11.57 -4.29 -10.72
N ASP A 32 11.60 -2.96 -10.79
CA ASP A 32 12.59 -2.27 -11.62
C ASP A 32 12.89 -0.87 -11.09
N ASN A 33 14.01 -0.77 -10.38
CA ASN A 33 14.56 0.50 -9.92
C ASN A 33 13.61 1.26 -8.99
N ASN A 34 12.67 1.99 -9.57
CA ASN A 34 11.78 2.86 -8.80
C ASN A 34 10.32 2.42 -8.94
N GLU A 35 10.11 1.35 -9.68
CA GLU A 35 8.76 0.82 -9.84
C GLU A 35 8.52 -0.23 -8.76
N ILE A 36 7.64 0.08 -7.84
CA ILE A 36 7.34 -0.82 -6.73
C ILE A 36 5.92 -1.37 -6.87
N ASN A 37 5.74 -2.60 -6.46
CA ASN A 37 4.43 -3.24 -6.51
C ASN A 37 4.04 -3.71 -5.12
N ILE A 38 2.76 -3.56 -4.78
CA ILE A 38 2.25 -4.12 -3.54
C ILE A 38 2.19 -5.64 -3.66
N ASP A 39 3.05 -6.29 -2.92
CA ASP A 39 3.14 -7.75 -2.93
C ASP A 39 2.14 -8.35 -1.95
N HIS A 40 2.05 -7.76 -0.77
CA HIS A 40 1.16 -8.27 0.27
C HIS A 40 0.48 -7.11 1.00
N THR A 41 -0.78 -7.31 1.33
CA THR A 41 -1.52 -6.37 2.17
C THR A 41 -2.52 -7.15 3.01
N GLY A 42 -2.14 -7.44 4.25
CA GLY A 42 -2.99 -8.21 5.12
C GLY A 42 -3.61 -7.34 6.19
N VAL A 43 -4.78 -6.80 5.92
CA VAL A 43 -5.45 -5.93 6.86
C VAL A 43 -6.64 -6.66 7.50
N SER A 44 -6.48 -7.03 8.75
CA SER A 44 -7.58 -7.59 9.51
C SER A 44 -8.33 -6.49 10.23
N ASP A 45 -9.62 -6.41 9.96
CA ASP A 45 -10.44 -5.36 10.53
C ASP A 45 -10.98 -5.77 11.90
N GLU A 46 -11.58 -6.96 11.96
CA GLU A 46 -12.08 -7.56 13.20
C GLU A 46 -13.09 -6.66 13.91
N LEU A 47 -12.58 -5.70 14.66
CA LEU A 47 -13.41 -4.78 15.41
C LEU A 47 -14.08 -3.79 14.45
N GLY A 48 -13.36 -3.45 13.39
CA GLY A 48 -13.88 -2.52 12.41
C GLY A 48 -12.86 -2.21 11.33
N GLY A 49 -11.62 -1.97 11.75
CA GLY A 49 -10.57 -1.68 10.80
C GLY A 49 -10.49 -0.21 10.44
N GLN A 50 -11.65 0.40 10.18
CA GLN A 50 -11.75 1.81 9.82
C GLN A 50 -11.02 2.10 8.51
N GLY A 51 -9.73 2.41 8.61
CA GLY A 51 -8.96 2.71 7.42
C GLY A 51 -7.48 2.48 7.63
N VAL A 52 -7.13 1.46 8.42
CA VAL A 52 -5.72 1.12 8.68
C VAL A 52 -4.99 0.88 7.36
N GLY A 53 -5.62 0.12 6.47
CA GLY A 53 -5.03 -0.16 5.17
C GLY A 53 -4.80 1.09 4.36
N LYS A 54 -5.74 2.02 4.42
CA LYS A 54 -5.64 3.27 3.68
C LYS A 54 -4.52 4.14 4.23
N LYS A 55 -4.34 4.09 5.54
CA LYS A 55 -3.27 4.84 6.19
C LYS A 55 -1.91 4.28 5.79
N LEU A 56 -1.82 2.96 5.70
CA LEU A 56 -0.62 2.32 5.19
C LEU A 56 -0.34 2.75 3.76
N LEU A 57 -1.39 2.71 2.93
CA LEU A 57 -1.30 3.17 1.55
C LEU A 57 -0.81 4.61 1.50
N LYS A 58 -1.40 5.46 2.33
CA LYS A 58 -1.03 6.87 2.38
C LYS A 58 0.45 7.02 2.71
N ALA A 59 0.91 6.29 3.71
CA ALA A 59 2.32 6.34 4.12
C ALA A 59 3.22 5.87 2.99
N VAL A 60 2.81 4.83 2.28
CA VAL A 60 3.54 4.35 1.12
C VAL A 60 3.58 5.43 0.05
N VAL A 61 2.44 6.05 -0.22
CA VAL A 61 2.35 7.15 -1.18
C VAL A 61 3.27 8.30 -0.78
N GLU A 62 3.25 8.65 0.50
CA GLU A 62 4.12 9.69 1.04
C GLU A 62 5.58 9.40 0.74
N HIS A 63 6.04 8.23 1.19
CA HIS A 63 7.43 7.83 1.00
C HIS A 63 7.76 7.70 -0.49
N ALA A 64 6.81 7.17 -1.26
CA ALA A 64 6.99 7.00 -2.69
C ALA A 64 7.15 8.35 -3.38
N ARG A 65 6.32 9.32 -2.98
CA ARG A 65 6.34 10.64 -3.59
C ARG A 65 7.66 11.35 -3.30
N GLU A 66 8.23 11.10 -2.14
CA GLU A 66 9.51 11.68 -1.77
C GLU A 66 10.64 11.11 -2.62
N ASN A 67 10.54 9.82 -2.94
CA ASN A 67 11.59 9.15 -3.71
C ASN A 67 11.25 9.10 -5.19
N ASN A 68 10.09 9.65 -5.54
CA ASN A 68 9.57 9.61 -6.91
C ASN A 68 9.42 8.16 -7.40
N LEU A 69 8.83 7.33 -6.55
CA LEU A 69 8.58 5.95 -6.89
C LEU A 69 7.20 5.83 -7.54
N LYS A 70 7.06 4.88 -8.45
CA LYS A 70 5.78 4.63 -9.09
C LYS A 70 5.20 3.33 -8.55
N ILE A 71 3.91 3.36 -8.26
CA ILE A 71 3.26 2.29 -7.53
C ILE A 71 2.31 1.47 -8.40
N ILE A 72 2.53 0.16 -8.40
CA ILE A 72 1.58 -0.79 -8.94
C ILE A 72 1.26 -1.82 -7.85
N ALA A 73 0.36 -2.75 -8.12
CA ALA A 73 -0.05 -3.70 -7.10
C ALA A 73 -0.28 -5.10 -7.66
N SER A 74 0.34 -6.09 -7.05
CA SER A 74 0.09 -7.48 -7.38
C SER A 74 -1.05 -8.01 -6.52
N CYS A 75 -1.12 -7.50 -5.30
CA CYS A 75 -2.18 -7.86 -4.37
C CYS A 75 -3.49 -7.18 -4.77
N SER A 76 -4.51 -7.98 -5.06
CA SER A 76 -5.80 -7.46 -5.51
C SER A 76 -6.46 -6.59 -4.44
N PHE A 77 -6.28 -6.98 -3.18
CA PHE A 77 -6.85 -6.26 -2.05
C PHE A 77 -6.39 -4.81 -2.05
N ALA A 78 -5.09 -4.61 -2.25
CA ALA A 78 -4.53 -3.26 -2.28
C ALA A 78 -4.87 -2.56 -3.58
N LYS A 79 -4.83 -3.32 -4.68
CA LYS A 79 -5.16 -2.79 -6.00
C LYS A 79 -6.57 -2.20 -6.01
N HIS A 80 -7.49 -2.89 -5.35
CA HIS A 80 -8.87 -2.44 -5.27
C HIS A 80 -8.99 -1.15 -4.46
N MET A 81 -8.14 -0.99 -3.46
CA MET A 81 -8.16 0.21 -2.63
C MET A 81 -7.57 1.40 -3.40
N LEU A 82 -6.47 1.17 -4.10
CA LEU A 82 -5.83 2.20 -4.90
C LEU A 82 -6.73 2.63 -6.06
N GLU A 83 -7.53 1.69 -6.54
CA GLU A 83 -8.43 1.95 -7.66
C GLU A 83 -9.69 2.67 -7.19
N LYS A 84 -10.04 2.49 -5.92
CA LYS A 84 -11.28 3.04 -5.37
C LYS A 84 -11.24 4.56 -5.32
N GLU A 85 -10.06 5.10 -5.09
CA GLU A 85 -9.90 6.55 -4.99
C GLU A 85 -8.92 7.03 -6.04
N ASP A 86 -9.41 7.87 -6.95
CA ASP A 86 -8.62 8.32 -8.10
C ASP A 86 -7.61 9.39 -7.70
N SER A 87 -7.54 9.68 -6.42
CA SER A 87 -6.56 10.64 -5.91
C SER A 87 -5.16 10.02 -5.90
N TYR A 88 -5.11 8.69 -6.01
CA TYR A 88 -3.84 7.97 -5.94
C TYR A 88 -3.17 7.85 -7.31
N GLN A 89 -3.80 8.43 -8.33
CA GLN A 89 -3.30 8.29 -9.71
C GLN A 89 -1.91 8.92 -9.89
N ASP A 90 -1.50 9.74 -8.93
CA ASP A 90 -0.19 10.37 -8.99
C ASP A 90 0.93 9.35 -8.83
N VAL A 91 0.69 8.35 -8.00
CA VAL A 91 1.67 7.30 -7.75
C VAL A 91 1.21 5.98 -8.35
N TYR A 92 -0.08 5.70 -8.25
CA TYR A 92 -0.65 4.48 -8.79
C TYR A 92 -0.99 4.68 -10.26
N LEU A 93 -0.27 3.96 -11.11
CA LEU A 93 -0.46 4.07 -12.54
C LEU A 93 -1.56 3.14 -13.01
N GLY A 94 -1.27 1.85 -13.05
CA GLY A 94 -2.24 0.88 -13.51
C GLY A 94 -2.26 0.78 -15.02
N LEU A 95 -1.86 -0.37 -15.55
CA LEU A 95 -1.83 -0.56 -16.99
C LEU A 95 -3.04 -1.36 -17.45
N GLU A 96 -3.99 -0.67 -18.05
CA GLU A 96 -5.20 -1.30 -18.57
C GLU A 96 -4.87 -2.30 -19.69
N HIS A 97 -3.95 -1.90 -20.56
CA HIS A 97 -3.38 -2.78 -21.60
C HIS A 97 -4.42 -3.20 -22.65
N HIS A 98 -5.25 -4.17 -22.30
CA HIS A 98 -6.19 -4.75 -23.25
C HIS A 98 -7.17 -3.70 -23.75
N HIS A 99 -7.98 -3.17 -22.85
CA HIS A 99 -8.75 -1.98 -23.16
C HIS A 99 -7.83 -0.79 -23.00
N HIS A 100 -7.61 -0.05 -24.07
CA HIS A 100 -6.63 1.02 -24.03
C HIS A 100 -7.22 2.32 -24.57
N HIS A 101 -7.46 3.25 -23.65
CA HIS A 101 -7.97 4.58 -23.99
C HIS A 101 -9.33 4.50 -24.67
N HIS A 102 -10.10 3.48 -24.32
CA HIS A 102 -11.42 3.29 -24.90
C HIS A 102 -12.49 3.38 -23.80
N MET A 1 -1.59 9.93 23.80
CA MET A 1 -0.64 8.84 23.47
C MET A 1 -0.47 8.71 21.96
N SER A 2 0.64 9.21 21.44
CA SER A 2 0.95 9.03 20.03
C SER A 2 1.47 7.62 19.79
N ASN A 3 0.66 6.79 19.16
CA ASN A 3 1.03 5.41 18.87
C ASN A 3 0.19 4.92 17.70
N LEU A 4 0.25 3.61 17.41
CA LEU A 4 -0.45 3.02 16.27
C LEU A 4 0.04 3.66 14.97
N GLU A 5 1.27 4.17 15.02
CA GLU A 5 1.87 4.87 13.89
C GLU A 5 2.48 3.88 12.90
N ILE A 6 3.14 4.42 11.90
CA ILE A 6 3.73 3.61 10.85
C ILE A 6 5.05 3.01 11.33
N LYS A 7 5.04 1.72 11.61
CA LYS A 7 6.23 1.02 12.05
C LYS A 7 6.91 0.38 10.85
N GLN A 8 8.12 0.84 10.53
CA GLN A 8 8.84 0.35 9.37
C GLN A 8 9.49 -1.00 9.64
N GLY A 9 9.73 -1.76 8.60
CA GLY A 9 10.38 -3.05 8.73
C GLY A 9 10.92 -3.55 7.42
N GLU A 10 11.11 -4.85 7.34
CA GLU A 10 11.66 -5.52 6.16
C GLU A 10 10.80 -5.28 4.91
N ASN A 11 11.14 -4.21 4.17
CA ASN A 11 10.43 -3.88 2.92
C ASN A 11 8.94 -3.72 3.14
N LYS A 12 8.53 -3.42 4.36
CA LYS A 12 7.11 -3.31 4.67
C LYS A 12 6.85 -2.44 5.87
N PHE A 13 5.72 -1.76 5.86
CA PHE A 13 5.26 -0.99 6.99
C PHE A 13 4.14 -1.73 7.67
N TYR A 14 4.17 -1.83 8.99
CA TYR A 14 3.17 -2.60 9.70
C TYR A 14 2.65 -1.86 10.92
N ILE A 15 1.41 -2.13 11.26
CA ILE A 15 0.79 -1.60 12.46
C ILE A 15 0.30 -2.77 13.32
N GLY A 16 0.87 -2.90 14.50
CA GLY A 16 0.48 -3.96 15.40
C GLY A 16 1.39 -4.05 16.61
N ASP A 17 0.95 -4.80 17.60
CA ASP A 17 1.72 -4.99 18.84
C ASP A 17 3.00 -5.76 18.54
N ASP A 18 2.91 -6.68 17.60
CA ASP A 18 4.02 -7.51 17.18
C ASP A 18 3.71 -8.06 15.79
N GLU A 19 4.68 -8.65 15.10
CA GLU A 19 4.42 -9.22 13.78
C GLU A 19 3.58 -10.49 13.87
N ASN A 20 3.59 -11.13 15.03
CA ASN A 20 2.70 -12.27 15.28
C ASN A 20 1.26 -11.76 15.41
N ASN A 21 1.14 -10.54 15.92
CA ASN A 21 -0.16 -9.90 16.09
C ASN A 21 -0.30 -8.76 15.10
N ALA A 22 0.32 -8.91 13.95
CA ALA A 22 0.31 -7.88 12.92
C ALA A 22 -1.08 -7.71 12.36
N LEU A 23 -1.73 -6.62 12.72
CA LEU A 23 -3.08 -6.33 12.25
C LEU A 23 -3.06 -5.94 10.79
N ALA A 24 -2.02 -5.21 10.40
CA ALA A 24 -1.89 -4.76 9.02
C ALA A 24 -0.44 -4.49 8.66
N GLU A 25 0.03 -5.07 7.57
CA GLU A 25 1.35 -4.76 7.03
C GLU A 25 1.29 -4.65 5.51
N ILE A 26 2.05 -3.73 4.96
CA ILE A 26 2.08 -3.54 3.51
C ILE A 26 3.50 -3.69 2.97
N THR A 27 3.72 -4.74 2.20
CA THR A 27 5.03 -5.02 1.61
C THR A 27 5.19 -4.32 0.27
N TYR A 28 6.38 -3.79 0.01
CA TYR A 28 6.68 -3.20 -1.29
C TYR A 28 8.04 -3.67 -1.77
N ARG A 29 8.08 -4.15 -3.00
CA ARG A 29 9.31 -4.65 -3.59
C ARG A 29 9.68 -3.82 -4.81
N PHE A 30 10.90 -3.98 -5.29
CA PHE A 30 11.35 -3.26 -6.47
C PHE A 30 11.32 -4.18 -7.67
N VAL A 31 10.35 -3.98 -8.56
CA VAL A 31 10.27 -4.78 -9.78
C VAL A 31 11.33 -4.34 -10.77
N ASP A 32 11.73 -3.08 -10.67
CA ASP A 32 12.78 -2.54 -11.53
C ASP A 32 13.73 -1.70 -10.69
N ASN A 33 13.29 -0.50 -10.33
CA ASN A 33 14.07 0.38 -9.46
C ASN A 33 13.20 1.51 -8.92
N ASN A 34 12.61 2.30 -9.83
CA ASN A 34 11.74 3.39 -9.45
C ASN A 34 10.30 2.90 -9.34
N GLU A 35 10.10 1.65 -9.73
CA GLU A 35 8.79 1.03 -9.72
C GLU A 35 8.71 0.02 -8.58
N ILE A 36 7.84 0.29 -7.61
CA ILE A 36 7.69 -0.59 -6.47
C ILE A 36 6.33 -1.26 -6.48
N ASN A 37 6.31 -2.55 -6.21
CA ASN A 37 5.07 -3.30 -6.21
C ASN A 37 4.69 -3.70 -4.79
N ILE A 38 3.40 -3.59 -4.48
CA ILE A 38 2.90 -4.10 -3.22
C ILE A 38 2.58 -5.58 -3.37
N ASP A 39 3.48 -6.43 -2.86
CA ASP A 39 3.32 -7.87 -2.97
C ASP A 39 2.02 -8.31 -2.33
N HIS A 40 1.95 -8.20 -1.02
CA HIS A 40 0.75 -8.52 -0.28
C HIS A 40 0.41 -7.42 0.69
N THR A 41 -0.86 -7.24 0.96
CA THR A 41 -1.31 -6.31 1.97
C THR A 41 -1.96 -7.09 3.11
N GLY A 42 -1.16 -7.38 4.13
CA GLY A 42 -1.59 -8.26 5.19
C GLY A 42 -2.45 -7.55 6.21
N VAL A 43 -3.59 -7.07 5.78
CA VAL A 43 -4.55 -6.44 6.67
C VAL A 43 -5.60 -7.47 7.09
N SER A 44 -5.69 -7.72 8.38
CA SER A 44 -6.67 -8.66 8.89
C SER A 44 -8.07 -8.07 8.77
N ASP A 45 -9.05 -8.94 8.58
CA ASP A 45 -10.43 -8.52 8.39
C ASP A 45 -11.00 -7.93 9.68
N GLU A 46 -10.37 -8.23 10.80
CA GLU A 46 -10.85 -7.78 12.10
C GLU A 46 -10.52 -6.30 12.33
N LEU A 47 -11.43 -5.44 11.86
CA LEU A 47 -11.37 -3.99 12.10
C LEU A 47 -10.25 -3.30 11.29
N GLY A 48 -9.44 -4.09 10.60
CA GLY A 48 -8.34 -3.54 9.84
C GLY A 48 -8.80 -2.63 8.72
N GLY A 49 -10.05 -2.78 8.32
CA GLY A 49 -10.60 -1.98 7.24
C GLY A 49 -11.02 -0.59 7.70
N GLN A 50 -10.93 -0.33 9.00
CA GLN A 50 -11.32 0.97 9.53
C GLN A 50 -10.10 1.89 9.65
N GLY A 51 -9.81 2.61 8.58
CA GLY A 51 -8.74 3.60 8.61
C GLY A 51 -7.33 2.99 8.49
N VAL A 52 -7.07 1.95 9.27
CA VAL A 52 -5.74 1.33 9.36
C VAL A 52 -5.18 1.00 7.98
N GLY A 53 -5.98 0.38 7.14
CA GLY A 53 -5.54 0.02 5.80
C GLY A 53 -5.06 1.21 5.00
N LYS A 54 -5.72 2.35 5.16
CA LYS A 54 -5.39 3.53 4.38
C LYS A 54 -4.16 4.24 4.97
N LYS A 55 -3.90 3.99 6.25
CA LYS A 55 -2.72 4.54 6.89
C LYS A 55 -1.46 3.93 6.29
N LEU A 56 -1.55 2.66 5.93
CA LEU A 56 -0.44 1.97 5.29
C LEU A 56 -0.25 2.50 3.87
N LEU A 57 -1.35 2.74 3.18
CA LEU A 57 -1.32 3.32 1.85
C LEU A 57 -0.65 4.68 1.88
N LYS A 58 -0.98 5.49 2.89
CA LYS A 58 -0.37 6.80 3.05
C LYS A 58 1.15 6.69 3.12
N ALA A 59 1.63 5.73 3.91
CA ALA A 59 3.06 5.52 4.11
C ALA A 59 3.79 5.37 2.77
N VAL A 60 3.27 4.50 1.93
CA VAL A 60 3.90 4.21 0.65
C VAL A 60 3.74 5.37 -0.33
N VAL A 61 2.53 5.92 -0.42
CA VAL A 61 2.25 7.02 -1.34
C VAL A 61 3.03 8.28 -0.95
N GLU A 62 3.19 8.49 0.35
CA GLU A 62 3.97 9.62 0.86
C GLU A 62 5.40 9.56 0.33
N HIS A 63 6.04 8.41 0.52
CA HIS A 63 7.41 8.23 0.08
C HIS A 63 7.49 8.19 -1.44
N ALA A 64 6.39 7.77 -2.06
CA ALA A 64 6.28 7.77 -3.52
C ALA A 64 6.25 9.20 -4.04
N ARG A 65 5.55 10.08 -3.32
CA ARG A 65 5.55 11.51 -3.66
C ARG A 65 6.96 12.06 -3.65
N GLU A 66 7.74 11.65 -2.66
CA GLU A 66 9.10 12.12 -2.50
C GLU A 66 10.00 11.64 -3.63
N ASN A 67 10.06 10.34 -3.82
CA ASN A 67 11.04 9.74 -4.73
C ASN A 67 10.50 9.65 -6.15
N ASN A 68 9.23 10.03 -6.34
CA ASN A 68 8.58 9.96 -7.66
C ASN A 68 8.41 8.51 -8.10
N LEU A 69 8.16 7.65 -7.11
CA LEU A 69 8.07 6.22 -7.34
C LEU A 69 6.76 5.85 -8.03
N LYS A 70 6.79 4.76 -8.77
CA LYS A 70 5.59 4.22 -9.40
C LYS A 70 4.96 3.19 -8.50
N ILE A 71 3.64 3.27 -8.35
CA ILE A 71 2.92 2.38 -7.44
C ILE A 71 2.09 1.36 -8.20
N ILE A 72 2.46 0.09 -8.05
CA ILE A 72 1.65 -1.01 -8.55
C ILE A 72 1.45 -2.04 -7.44
N ALA A 73 0.32 -2.72 -7.46
CA ALA A 73 0.02 -3.65 -6.38
C ALA A 73 -0.35 -5.02 -6.93
N SER A 74 0.11 -6.06 -6.25
CA SER A 74 -0.20 -7.43 -6.61
C SER A 74 -1.43 -7.88 -5.82
N CYS A 75 -1.49 -7.44 -4.56
CA CYS A 75 -2.61 -7.73 -3.69
C CYS A 75 -3.89 -7.10 -4.23
N SER A 76 -4.86 -7.94 -4.58
CA SER A 76 -6.10 -7.49 -5.20
C SER A 76 -6.83 -6.46 -4.33
N PHE A 77 -6.80 -6.66 -3.02
CA PHE A 77 -7.47 -5.76 -2.08
C PHE A 77 -6.95 -4.33 -2.24
N ALA A 78 -5.63 -4.16 -2.09
CA ALA A 78 -5.01 -2.85 -2.19
C ALA A 78 -5.10 -2.31 -3.61
N LYS A 79 -4.89 -3.21 -4.58
CA LYS A 79 -4.91 -2.83 -5.99
C LYS A 79 -6.27 -2.23 -6.37
N HIS A 80 -7.34 -2.86 -5.92
CA HIS A 80 -8.69 -2.39 -6.24
C HIS A 80 -9.01 -1.08 -5.52
N MET A 81 -8.37 -0.85 -4.38
CA MET A 81 -8.58 0.37 -3.62
C MET A 81 -7.83 1.54 -4.26
N LEU A 82 -6.59 1.29 -4.68
CA LEU A 82 -5.79 2.29 -5.38
C LEU A 82 -6.44 2.63 -6.72
N GLU A 83 -7.14 1.64 -7.27
CA GLU A 83 -7.78 1.74 -8.57
C GLU A 83 -9.08 2.54 -8.48
N LYS A 84 -9.62 2.67 -7.29
CA LYS A 84 -10.91 3.33 -7.12
C LYS A 84 -10.74 4.79 -6.70
N GLU A 85 -9.79 5.04 -5.80
CA GLU A 85 -9.65 6.36 -5.20
C GLU A 85 -8.73 7.26 -6.04
N ASP A 86 -9.09 8.53 -6.11
CA ASP A 86 -8.44 9.49 -7.01
C ASP A 86 -7.07 9.93 -6.46
N SER A 87 -6.93 9.91 -5.15
CA SER A 87 -5.73 10.44 -4.49
C SER A 87 -4.47 9.65 -4.85
N TYR A 88 -4.65 8.46 -5.41
CA TYR A 88 -3.52 7.59 -5.72
C TYR A 88 -3.25 7.58 -7.23
N GLN A 89 -4.09 8.27 -7.98
CA GLN A 89 -4.08 8.17 -9.45
C GLN A 89 -2.88 8.88 -10.07
N ASP A 90 -2.01 9.44 -9.22
CA ASP A 90 -0.80 10.09 -9.72
C ASP A 90 0.38 9.14 -9.67
N VAL A 91 0.45 8.35 -8.60
CA VAL A 91 1.56 7.45 -8.40
C VAL A 91 1.21 6.03 -8.82
N TYR A 92 -0.04 5.65 -8.61
CA TYR A 92 -0.51 4.33 -9.01
C TYR A 92 -0.63 4.26 -10.53
N LEU A 93 -0.01 3.26 -11.12
CA LEU A 93 -0.01 3.09 -12.57
C LEU A 93 -1.36 2.55 -13.04
N GLY A 94 -2.36 3.40 -13.02
CA GLY A 94 -3.69 2.99 -13.43
C GLY A 94 -3.96 3.30 -14.89
N LEU A 95 -2.92 3.70 -15.61
CA LEU A 95 -3.04 4.03 -17.02
C LEU A 95 -3.51 2.80 -17.80
N GLU A 96 -3.01 1.64 -17.42
CA GLU A 96 -3.41 0.41 -18.06
C GLU A 96 -4.51 -0.28 -17.28
N HIS A 97 -5.73 0.11 -17.58
CA HIS A 97 -6.92 -0.52 -17.03
C HIS A 97 -7.63 -1.28 -18.14
N HIS A 98 -6.80 -1.83 -19.03
CA HIS A 98 -7.28 -2.53 -20.22
C HIS A 98 -8.13 -3.74 -19.83
N HIS A 99 -9.39 -3.72 -20.27
CA HIS A 99 -10.38 -4.76 -19.96
C HIS A 99 -10.65 -4.80 -18.46
N HIS A 100 -11.67 -4.06 -18.04
CA HIS A 100 -12.02 -3.97 -16.63
C HIS A 100 -13.50 -4.23 -16.43
N HIS A 101 -13.85 -5.47 -16.13
CA HIS A 101 -15.24 -5.83 -15.90
C HIS A 101 -15.35 -6.87 -14.81
N HIS A 102 -15.90 -6.46 -13.68
CA HIS A 102 -16.11 -7.36 -12.54
C HIS A 102 -17.14 -6.76 -11.59
N MET A 1 3.20 4.37 21.40
CA MET A 1 2.75 3.37 22.39
C MET A 1 1.25 3.16 22.29
N SER A 2 0.48 4.11 22.79
CA SER A 2 -0.97 4.03 22.76
C SER A 2 -1.50 4.80 21.56
N ASN A 3 -1.33 4.21 20.39
CA ASN A 3 -1.71 4.84 19.13
C ASN A 3 -1.44 3.91 17.97
N LEU A 4 -2.04 4.21 16.81
CA LEU A 4 -1.81 3.41 15.62
C LEU A 4 -0.52 3.86 14.94
N GLU A 5 0.59 3.40 15.46
CA GLU A 5 1.90 3.76 14.95
C GLU A 5 2.35 2.81 13.86
N ILE A 6 3.03 3.34 12.86
CA ILE A 6 3.51 2.53 11.75
C ILE A 6 4.91 2.02 12.03
N LYS A 7 5.04 0.71 12.12
CA LYS A 7 6.35 0.08 12.25
C LYS A 7 6.99 -0.06 10.87
N GLN A 8 8.14 0.55 10.69
CA GLN A 8 8.86 0.45 9.44
C GLN A 8 9.90 -0.66 9.53
N GLY A 9 9.96 -1.48 8.49
CA GLY A 9 10.90 -2.57 8.48
C GLY A 9 11.28 -3.00 7.09
N GLU A 10 12.01 -4.11 7.01
CA GLU A 10 12.48 -4.67 5.74
C GLU A 10 11.33 -4.87 4.75
N ASN A 11 11.20 -3.92 3.82
CA ASN A 11 10.22 -4.01 2.73
C ASN A 11 8.79 -4.05 3.21
N LYS A 12 8.54 -3.69 4.47
CA LYS A 12 7.20 -3.75 5.00
C LYS A 12 6.90 -2.60 5.95
N PHE A 13 5.70 -2.07 5.83
CA PHE A 13 5.16 -1.11 6.79
C PHE A 13 3.90 -1.70 7.40
N TYR A 14 3.88 -1.84 8.71
CA TYR A 14 2.74 -2.50 9.35
C TYR A 14 2.32 -1.79 10.63
N ILE A 15 1.03 -1.80 10.89
CA ILE A 15 0.50 -1.27 12.12
C ILE A 15 -0.03 -2.41 12.98
N GLY A 16 0.56 -2.53 14.15
CA GLY A 16 0.22 -3.58 15.08
C GLY A 16 1.25 -3.64 16.19
N ASP A 17 1.04 -4.48 17.18
CA ASP A 17 1.99 -4.59 18.28
C ASP A 17 3.07 -5.61 17.96
N ASP A 18 2.71 -6.60 17.14
CA ASP A 18 3.65 -7.61 16.69
C ASP A 18 3.42 -7.88 15.21
N GLU A 19 4.35 -8.58 14.57
CA GLU A 19 4.21 -8.93 13.15
C GLU A 19 3.17 -10.02 12.96
N ASN A 20 3.00 -10.86 13.98
CA ASN A 20 2.03 -11.96 13.92
C ASN A 20 0.62 -11.43 13.87
N ASN A 21 0.27 -10.58 14.83
CA ASN A 21 -1.08 -10.05 14.92
C ASN A 21 -1.16 -8.65 14.32
N ALA A 22 -0.36 -8.43 13.28
CA ALA A 22 -0.39 -7.17 12.57
C ALA A 22 -1.77 -6.95 11.96
N LEU A 23 -2.45 -5.92 12.42
CA LEU A 23 -3.81 -5.63 11.96
C LEU A 23 -3.79 -5.30 10.47
N ALA A 24 -2.72 -4.66 10.04
CA ALA A 24 -2.53 -4.39 8.62
C ALA A 24 -1.05 -4.22 8.30
N GLU A 25 -0.55 -5.02 7.37
CA GLU A 25 0.81 -4.86 6.89
C GLU A 25 0.85 -4.75 5.37
N ILE A 26 1.67 -3.84 4.87
CA ILE A 26 1.84 -3.68 3.44
C ILE A 26 3.32 -3.89 3.07
N THR A 27 3.55 -4.72 2.07
CA THR A 27 4.90 -5.00 1.63
C THR A 27 5.10 -4.54 0.19
N TYR A 28 6.23 -3.93 -0.07
CA TYR A 28 6.53 -3.46 -1.42
C TYR A 28 7.96 -3.84 -1.79
N ARG A 29 8.14 -4.25 -3.03
CA ARG A 29 9.45 -4.63 -3.52
C ARG A 29 9.77 -3.87 -4.81
N PHE A 30 11.01 -3.45 -4.94
CA PHE A 30 11.46 -2.78 -6.16
C PHE A 30 11.66 -3.81 -7.25
N VAL A 31 10.81 -3.77 -8.28
CA VAL A 31 10.90 -4.76 -9.35
C VAL A 31 11.95 -4.37 -10.37
N ASP A 32 11.98 -3.10 -10.74
CA ASP A 32 12.92 -2.63 -11.75
C ASP A 32 13.87 -1.61 -11.13
N ASN A 33 13.40 -0.39 -10.96
CA ASN A 33 14.19 0.63 -10.27
C ASN A 33 13.29 1.44 -9.35
N ASN A 34 12.54 2.37 -9.93
CA ASN A 34 11.65 3.22 -9.15
C ASN A 34 10.25 2.64 -9.12
N GLU A 35 10.07 1.54 -9.84
CA GLU A 35 8.81 0.84 -9.85
C GLU A 35 8.71 -0.07 -8.63
N ILE A 36 7.82 0.28 -7.72
CA ILE A 36 7.60 -0.53 -6.53
C ILE A 36 6.31 -1.30 -6.67
N ASN A 37 6.35 -2.58 -6.36
CA ASN A 37 5.16 -3.41 -6.45
C ASN A 37 4.69 -3.78 -5.05
N ILE A 38 3.41 -3.61 -4.82
CA ILE A 38 2.81 -4.05 -3.57
C ILE A 38 2.57 -5.55 -3.62
N ASP A 39 3.42 -6.27 -2.92
CA ASP A 39 3.38 -7.73 -2.91
C ASP A 39 2.20 -8.21 -2.07
N HIS A 40 2.01 -7.59 -0.93
CA HIS A 40 0.97 -8.01 0.00
C HIS A 40 0.45 -6.82 0.81
N THR A 41 -0.86 -6.77 0.95
CA THR A 41 -1.50 -5.82 1.85
C THR A 41 -2.57 -6.53 2.65
N GLY A 42 -2.24 -6.91 3.87
CA GLY A 42 -3.16 -7.65 4.68
C GLY A 42 -3.83 -6.77 5.71
N VAL A 43 -4.91 -6.14 5.29
CA VAL A 43 -5.68 -5.31 6.19
C VAL A 43 -6.87 -6.10 6.72
N SER A 44 -6.80 -6.51 7.97
CA SER A 44 -7.89 -7.22 8.58
C SER A 44 -8.94 -6.23 9.06
N ASP A 45 -10.15 -6.41 8.57
CA ASP A 45 -11.25 -5.51 8.87
C ASP A 45 -12.30 -6.22 9.70
N GLU A 46 -12.31 -5.93 10.99
CA GLU A 46 -13.27 -6.52 11.90
C GLU A 46 -14.57 -5.72 11.90
N LEU A 47 -14.74 -4.90 10.85
CA LEU A 47 -15.89 -4.02 10.69
C LEU A 47 -15.84 -2.87 11.68
N GLY A 48 -14.77 -2.82 12.45
CA GLY A 48 -14.60 -1.78 13.45
C GLY A 48 -13.15 -1.62 13.83
N GLY A 49 -12.80 -0.43 14.34
CA GLY A 49 -11.44 -0.15 14.73
C GLY A 49 -10.49 -0.14 13.56
N GLN A 50 -11.02 0.13 12.37
CA GLN A 50 -10.24 0.05 11.14
C GLN A 50 -9.96 1.43 10.57
N GLY A 51 -9.35 1.45 9.40
CA GLY A 51 -8.85 2.68 8.83
C GLY A 51 -7.33 2.66 8.83
N VAL A 52 -6.79 1.51 9.20
CA VAL A 52 -5.36 1.31 9.31
C VAL A 52 -4.71 1.21 7.93
N GLY A 53 -5.43 0.59 7.00
CA GLY A 53 -4.91 0.40 5.66
C GLY A 53 -4.58 1.69 4.96
N LYS A 54 -5.48 2.65 5.02
CA LYS A 54 -5.28 3.93 4.34
C LYS A 54 -4.07 4.67 4.93
N LYS A 55 -3.87 4.51 6.23
CA LYS A 55 -2.75 5.17 6.91
C LYS A 55 -1.42 4.63 6.38
N LEU A 56 -1.38 3.34 6.09
CA LEU A 56 -0.19 2.71 5.53
C LEU A 56 0.09 3.23 4.14
N LEU A 57 -0.92 3.22 3.29
CA LEU A 57 -0.80 3.72 1.92
C LEU A 57 -0.43 5.20 1.93
N LYS A 58 -0.97 5.94 2.89
CA LYS A 58 -0.63 7.34 3.08
C LYS A 58 0.88 7.52 3.20
N ALA A 59 1.50 6.70 4.05
CA ALA A 59 2.93 6.79 4.28
C ALA A 59 3.72 6.35 3.05
N VAL A 60 3.25 5.30 2.39
CA VAL A 60 3.90 4.78 1.19
C VAL A 60 3.89 5.81 0.06
N VAL A 61 2.70 6.32 -0.27
CA VAL A 61 2.56 7.31 -1.35
C VAL A 61 3.34 8.58 -1.02
N GLU A 62 3.34 8.94 0.26
CA GLU A 62 4.10 10.10 0.74
C GLU A 62 5.58 9.96 0.36
N HIS A 63 6.16 8.82 0.71
CA HIS A 63 7.55 8.54 0.40
C HIS A 63 7.75 8.37 -1.11
N ALA A 64 6.71 7.89 -1.78
CA ALA A 64 6.75 7.68 -3.22
C ALA A 64 6.78 9.01 -3.98
N ARG A 65 6.12 10.02 -3.42
CA ARG A 65 6.12 11.36 -4.02
C ARG A 65 7.51 11.97 -3.97
N GLU A 66 8.16 11.81 -2.81
CA GLU A 66 9.50 12.36 -2.58
C GLU A 66 10.49 11.92 -3.65
N ASN A 67 10.71 10.62 -3.73
CA ASN A 67 11.76 10.06 -4.57
C ASN A 67 11.27 9.79 -5.98
N ASN A 68 9.96 9.92 -6.18
CA ASN A 68 9.32 9.59 -7.45
C ASN A 68 9.37 8.09 -7.67
N LEU A 69 8.40 7.42 -7.09
CA LEU A 69 8.26 5.99 -7.23
C LEU A 69 6.96 5.67 -7.97
N LYS A 70 6.98 4.60 -8.73
CA LYS A 70 5.80 4.17 -9.48
C LYS A 70 5.18 2.97 -8.79
N ILE A 71 3.90 3.08 -8.43
CA ILE A 71 3.25 2.05 -7.63
C ILE A 71 2.40 1.12 -8.47
N ILE A 72 2.78 -0.16 -8.47
CA ILE A 72 1.97 -1.21 -9.05
C ILE A 72 1.55 -2.19 -7.96
N ALA A 73 0.39 -2.80 -8.10
CA ALA A 73 -0.11 -3.69 -7.06
C ALA A 73 -0.23 -5.12 -7.55
N SER A 74 0.54 -6.00 -6.91
CA SER A 74 0.47 -7.42 -7.19
C SER A 74 -0.60 -8.05 -6.29
N CYS A 75 -0.83 -7.41 -5.15
CA CYS A 75 -1.87 -7.83 -4.23
C CYS A 75 -3.22 -7.29 -4.69
N SER A 76 -4.18 -8.19 -4.87
CA SER A 76 -5.50 -7.82 -5.37
C SER A 76 -6.20 -6.86 -4.42
N PHE A 77 -6.14 -7.16 -3.13
CA PHE A 77 -6.78 -6.32 -2.11
C PHE A 77 -6.19 -4.91 -2.14
N ALA A 78 -4.87 -4.83 -2.30
CA ALA A 78 -4.18 -3.55 -2.35
C ALA A 78 -4.64 -2.73 -3.55
N LYS A 79 -4.69 -3.38 -4.71
CA LYS A 79 -5.12 -2.71 -5.93
C LYS A 79 -6.57 -2.25 -5.81
N HIS A 80 -7.38 -3.07 -5.14
CA HIS A 80 -8.78 -2.77 -4.94
C HIS A 80 -8.93 -1.55 -4.04
N MET A 81 -7.97 -1.36 -3.12
CA MET A 81 -7.94 -0.19 -2.27
C MET A 81 -7.50 1.04 -3.07
N LEU A 82 -6.57 0.83 -4.00
CA LEU A 82 -6.11 1.90 -4.87
C LEU A 82 -7.24 2.37 -5.79
N GLU A 83 -8.04 1.42 -6.25
CA GLU A 83 -9.21 1.74 -7.06
C GLU A 83 -10.23 2.53 -6.24
N LYS A 84 -10.29 2.20 -4.95
CA LYS A 84 -11.20 2.86 -4.03
C LYS A 84 -10.76 4.30 -3.77
N GLU A 85 -9.49 4.48 -3.43
CA GLU A 85 -8.94 5.79 -3.21
C GLU A 85 -8.18 6.27 -4.46
N ASP A 86 -8.90 6.96 -5.32
CA ASP A 86 -8.36 7.38 -6.61
C ASP A 86 -7.31 8.48 -6.48
N SER A 87 -7.17 9.02 -5.28
CA SER A 87 -6.15 10.02 -5.01
C SER A 87 -4.75 9.43 -5.19
N TYR A 88 -4.64 8.12 -4.95
CA TYR A 88 -3.36 7.42 -5.05
C TYR A 88 -3.10 6.98 -6.48
N GLN A 89 -4.13 7.00 -7.32
CA GLN A 89 -4.02 6.51 -8.68
C GLN A 89 -3.27 7.47 -9.59
N ASP A 90 -2.75 8.55 -9.01
CA ASP A 90 -1.88 9.47 -9.74
C ASP A 90 -0.53 8.81 -10.01
N VAL A 91 -0.04 8.08 -9.01
CA VAL A 91 1.22 7.35 -9.13
C VAL A 91 0.97 5.89 -9.46
N TYR A 92 -0.30 5.54 -9.62
CA TYR A 92 -0.68 4.20 -10.02
C TYR A 92 -0.73 4.12 -11.54
N LEU A 93 0.16 3.32 -12.11
CA LEU A 93 0.28 3.19 -13.55
C LEU A 93 -0.96 2.54 -14.14
N GLY A 94 -1.47 1.54 -13.43
CA GLY A 94 -2.57 0.76 -13.94
C GLY A 94 -2.07 -0.38 -14.80
N LEU A 95 -2.88 -1.41 -14.95
CA LEU A 95 -2.51 -2.52 -15.80
C LEU A 95 -3.11 -2.33 -17.18
N GLU A 96 -2.41 -2.81 -18.20
CA GLU A 96 -2.88 -2.68 -19.57
C GLU A 96 -4.18 -3.44 -19.78
N HIS A 97 -5.20 -2.73 -20.21
CA HIS A 97 -6.51 -3.33 -20.45
C HIS A 97 -6.76 -3.48 -21.94
N HIS A 98 -5.74 -3.91 -22.65
CA HIS A 98 -5.84 -4.11 -24.09
C HIS A 98 -6.57 -5.40 -24.39
N HIS A 99 -6.90 -5.63 -25.65
CA HIS A 99 -7.60 -6.84 -26.06
C HIS A 99 -7.03 -7.38 -27.35
N HIS A 100 -7.10 -8.69 -27.54
CA HIS A 100 -6.58 -9.33 -28.74
C HIS A 100 -7.69 -9.54 -29.76
N HIS A 101 -7.83 -8.59 -30.67
CA HIS A 101 -8.79 -8.69 -31.77
C HIS A 101 -8.60 -7.52 -32.74
N HIS A 102 -8.37 -7.84 -34.00
CA HIS A 102 -8.20 -6.83 -35.03
C HIS A 102 -8.90 -7.24 -36.31
N MET A 1 3.09 4.47 22.07
CA MET A 1 1.95 5.37 22.30
C MET A 1 0.64 4.62 22.09
N SER A 2 0.57 3.85 21.01
CA SER A 2 -0.62 3.10 20.71
C SER A 2 -0.26 1.73 20.14
N ASN A 3 -1.21 0.81 20.16
CA ASN A 3 -1.03 -0.51 19.56
C ASN A 3 -1.52 -0.50 18.12
N LEU A 4 -1.66 0.70 17.58
CA LEU A 4 -2.06 0.88 16.19
C LEU A 4 -1.10 1.83 15.49
N GLU A 5 0.18 1.72 15.82
CA GLU A 5 1.22 2.55 15.22
C GLU A 5 1.91 1.80 14.09
N ILE A 6 2.51 2.56 13.17
CA ILE A 6 3.17 1.98 12.02
C ILE A 6 4.61 1.61 12.34
N LYS A 7 4.91 0.32 12.31
CA LYS A 7 6.27 -0.14 12.48
C LYS A 7 6.89 -0.40 11.11
N GLN A 8 8.19 -0.22 11.00
CA GLN A 8 8.86 -0.30 9.71
C GLN A 8 9.80 -1.49 9.64
N GLY A 9 9.66 -2.28 8.58
CA GLY A 9 10.52 -3.42 8.38
C GLY A 9 11.06 -3.48 6.97
N GLU A 10 11.74 -4.57 6.64
CA GLU A 10 12.38 -4.71 5.33
C GLU A 10 11.33 -4.90 4.24
N ASN A 11 11.05 -3.82 3.51
CA ASN A 11 10.09 -3.83 2.40
C ASN A 11 8.65 -3.92 2.89
N LYS A 12 8.43 -3.78 4.20
CA LYS A 12 7.06 -3.86 4.72
C LYS A 12 6.79 -2.81 5.80
N PHE A 13 5.58 -2.31 5.78
CA PHE A 13 5.05 -1.50 6.88
C PHE A 13 3.94 -2.28 7.55
N TYR A 14 4.03 -2.45 8.86
CA TYR A 14 3.03 -3.24 9.56
C TYR A 14 2.50 -2.51 10.79
N ILE A 15 1.19 -2.53 10.94
CA ILE A 15 0.52 -1.91 12.07
C ILE A 15 -0.09 -2.98 12.96
N GLY A 16 0.23 -2.94 14.24
CA GLY A 16 -0.32 -3.92 15.15
C GLY A 16 0.29 -3.82 16.53
N ASP A 17 -0.24 -4.61 17.45
CA ASP A 17 0.24 -4.63 18.83
C ASP A 17 1.67 -5.14 18.89
N ASP A 18 1.97 -6.11 18.05
CA ASP A 18 3.26 -6.78 18.08
C ASP A 18 3.65 -7.16 16.65
N GLU A 19 4.89 -7.60 16.45
CA GLU A 19 5.33 -8.08 15.14
C GLU A 19 4.50 -9.29 14.73
N ASN A 20 4.16 -10.12 15.71
CA ASN A 20 3.29 -11.27 15.48
C ASN A 20 1.85 -10.81 15.32
N ASN A 21 1.48 -9.80 16.08
CA ASN A 21 0.10 -9.28 16.09
C ASN A 21 -0.08 -8.19 15.06
N ALA A 22 0.58 -8.34 13.92
CA ALA A 22 0.45 -7.39 12.82
C ALA A 22 -0.93 -7.50 12.21
N LEU A 23 -1.78 -6.51 12.51
CA LEU A 23 -3.15 -6.50 12.02
C LEU A 23 -3.19 -6.20 10.54
N ALA A 24 -2.23 -5.41 10.08
CA ALA A 24 -2.15 -5.05 8.68
C ALA A 24 -0.70 -4.79 8.26
N GLU A 25 -0.19 -5.58 7.34
CA GLU A 25 1.14 -5.39 6.80
C GLU A 25 1.09 -5.21 5.28
N ILE A 26 1.89 -4.28 4.78
CA ILE A 26 1.96 -4.03 3.35
C ILE A 26 3.41 -4.12 2.87
N THR A 27 3.65 -4.99 1.90
CA THR A 27 4.99 -5.19 1.36
C THR A 27 5.13 -4.54 -0.01
N TYR A 28 6.26 -3.89 -0.23
CA TYR A 28 6.58 -3.29 -1.53
C TYR A 28 8.08 -3.38 -1.76
N ARG A 29 8.46 -3.72 -2.97
CA ARG A 29 9.88 -3.86 -3.31
C ARG A 29 10.16 -3.29 -4.70
N PHE A 30 11.34 -2.71 -4.84
CA PHE A 30 11.79 -2.16 -6.11
C PHE A 30 12.05 -3.30 -7.09
N VAL A 31 11.19 -3.40 -8.11
CA VAL A 31 11.37 -4.43 -9.12
C VAL A 31 12.21 -3.90 -10.28
N ASP A 32 12.16 -2.60 -10.48
CA ASP A 32 12.95 -1.97 -11.53
C ASP A 32 13.12 -0.47 -11.28
N ASN A 33 14.23 -0.13 -10.64
CA ASN A 33 14.62 1.26 -10.39
C ASN A 33 13.58 2.04 -9.57
N ASN A 34 12.56 2.54 -10.25
CA ASN A 34 11.54 3.37 -9.59
C ASN A 34 10.25 2.59 -9.38
N GLU A 35 10.12 1.46 -10.04
CA GLU A 35 8.90 0.66 -9.95
C GLU A 35 8.89 -0.17 -8.68
N ILE A 36 7.93 0.11 -7.82
CA ILE A 36 7.77 -0.64 -6.58
C ILE A 36 6.53 -1.51 -6.65
N ASN A 37 6.73 -2.81 -6.48
CA ASN A 37 5.62 -3.76 -6.54
C ASN A 37 5.09 -4.03 -5.14
N ILE A 38 3.82 -3.74 -4.94
CA ILE A 38 3.16 -4.10 -3.69
C ILE A 38 2.77 -5.57 -3.76
N ASP A 39 3.50 -6.38 -3.00
CA ASP A 39 3.35 -7.83 -3.06
C ASP A 39 2.08 -8.28 -2.38
N HIS A 40 1.97 -8.00 -1.09
CA HIS A 40 0.78 -8.37 -0.34
C HIS A 40 0.44 -7.32 0.71
N THR A 41 -0.84 -7.12 0.92
CA THR A 41 -1.33 -6.21 1.93
C THR A 41 -2.46 -6.87 2.71
N GLY A 42 -2.14 -7.37 3.89
CA GLY A 42 -3.11 -8.11 4.66
C GLY A 42 -3.75 -7.27 5.75
N VAL A 43 -5.03 -7.00 5.62
CA VAL A 43 -5.75 -6.27 6.65
C VAL A 43 -6.74 -7.21 7.34
N SER A 44 -6.46 -7.54 8.58
CA SER A 44 -7.32 -8.41 9.36
C SER A 44 -8.65 -7.71 9.65
N ASP A 45 -9.73 -8.34 9.24
CA ASP A 45 -11.05 -7.73 9.35
C ASP A 45 -11.74 -8.15 10.65
N GLU A 46 -11.53 -7.39 11.70
CA GLU A 46 -12.20 -7.62 12.97
C GLU A 46 -13.22 -6.53 13.26
N LEU A 47 -12.77 -5.28 13.36
CA LEU A 47 -13.67 -4.15 13.56
C LEU A 47 -14.47 -3.90 12.28
N GLY A 48 -13.76 -3.55 11.23
CA GLY A 48 -14.40 -3.26 9.96
C GLY A 48 -13.57 -2.35 9.11
N GLY A 49 -14.21 -1.40 8.44
CA GLY A 49 -13.50 -0.48 7.58
C GLY A 49 -12.87 0.65 8.36
N GLN A 50 -11.74 0.36 8.98
CA GLN A 50 -11.00 1.35 9.75
C GLN A 50 -9.86 1.92 8.92
N GLY A 51 -9.44 3.15 9.25
CA GLY A 51 -8.46 3.85 8.46
C GLY A 51 -7.03 3.40 8.71
N VAL A 52 -6.84 2.14 9.03
CA VAL A 52 -5.52 1.59 9.26
C VAL A 52 -4.79 1.41 7.93
N GLY A 53 -5.48 0.84 6.96
CA GLY A 53 -4.90 0.63 5.65
C GLY A 53 -4.68 1.93 4.91
N LYS A 54 -5.52 2.92 5.21
CA LYS A 54 -5.43 4.23 4.56
C LYS A 54 -4.11 4.91 4.90
N LYS A 55 -3.66 4.71 6.14
CA LYS A 55 -2.40 5.27 6.60
C LYS A 55 -1.23 4.55 5.96
N LEU A 56 -1.37 3.24 5.79
CA LEU A 56 -0.34 2.45 5.12
C LEU A 56 -0.18 2.93 3.68
N LEU A 57 -1.30 3.11 3.00
CA LEU A 57 -1.28 3.61 1.63
C LEU A 57 -0.62 4.98 1.57
N LYS A 58 -1.00 5.87 2.49
CA LYS A 58 -0.45 7.22 2.52
C LYS A 58 1.06 7.17 2.70
N ALA A 59 1.53 6.25 3.54
CA ALA A 59 2.96 6.09 3.81
C ALA A 59 3.71 5.71 2.54
N VAL A 60 3.11 4.82 1.76
CA VAL A 60 3.70 4.39 0.49
C VAL A 60 3.65 5.53 -0.53
N VAL A 61 2.47 6.14 -0.67
CA VAL A 61 2.27 7.26 -1.59
C VAL A 61 3.22 8.40 -1.27
N GLU A 62 3.39 8.67 0.02
CA GLU A 62 4.29 9.70 0.49
C GLU A 62 5.69 9.47 -0.08
N HIS A 63 6.21 8.28 0.16
CA HIS A 63 7.56 7.93 -0.23
C HIS A 63 7.66 7.76 -1.75
N ALA A 64 6.52 7.44 -2.36
CA ALA A 64 6.43 7.32 -3.81
C ALA A 64 6.60 8.68 -4.47
N ARG A 65 5.80 9.66 -4.08
CA ARG A 65 5.92 11.02 -4.60
C ARG A 65 7.31 11.57 -4.29
N GLU A 66 7.77 11.22 -3.10
CA GLU A 66 9.05 11.66 -2.57
C GLU A 66 10.21 11.33 -3.53
N ASN A 67 10.17 10.16 -4.12
CA ASN A 67 11.28 9.70 -4.97
C ASN A 67 10.81 9.35 -6.38
N ASN A 68 9.61 9.81 -6.72
CA ASN A 68 9.00 9.52 -8.03
C ASN A 68 8.97 8.02 -8.31
N LEU A 69 8.35 7.28 -7.41
CA LEU A 69 8.27 5.84 -7.53
C LEU A 69 6.96 5.42 -8.19
N LYS A 70 7.03 4.42 -9.07
CA LYS A 70 5.86 3.91 -9.75
C LYS A 70 5.20 2.85 -8.90
N ILE A 71 3.99 3.12 -8.44
CA ILE A 71 3.27 2.17 -7.60
C ILE A 71 2.50 1.17 -8.45
N ILE A 72 2.91 -0.09 -8.38
CA ILE A 72 2.19 -1.17 -9.03
C ILE A 72 1.81 -2.24 -7.99
N ALA A 73 0.54 -2.29 -7.65
CA ALA A 73 0.06 -3.20 -6.63
C ALA A 73 -0.51 -4.47 -7.25
N SER A 74 0.08 -5.61 -6.92
CA SER A 74 -0.39 -6.89 -7.40
C SER A 74 -1.40 -7.48 -6.43
N CYS A 75 -1.27 -7.13 -5.15
CA CYS A 75 -2.22 -7.57 -4.15
C CYS A 75 -3.58 -6.93 -4.40
N SER A 76 -4.57 -7.76 -4.67
CA SER A 76 -5.89 -7.29 -5.08
C SER A 76 -6.52 -6.38 -4.02
N PHE A 77 -6.27 -6.69 -2.75
CA PHE A 77 -6.87 -5.93 -1.66
C PHE A 77 -6.40 -4.48 -1.70
N ALA A 78 -5.11 -4.27 -1.87
CA ALA A 78 -4.55 -2.93 -1.94
C ALA A 78 -4.80 -2.32 -3.30
N LYS A 79 -4.73 -3.14 -4.34
CA LYS A 79 -4.96 -2.71 -5.71
C LYS A 79 -6.36 -2.12 -5.84
N HIS A 80 -7.34 -2.80 -5.30
CA HIS A 80 -8.73 -2.35 -5.38
C HIS A 80 -8.97 -1.15 -4.46
N MET A 81 -8.13 -1.01 -3.43
CA MET A 81 -8.23 0.13 -2.54
C MET A 81 -7.70 1.38 -3.23
N LEU A 82 -6.60 1.22 -3.95
CA LEU A 82 -6.03 2.30 -4.75
C LEU A 82 -6.97 2.67 -5.89
N GLU A 83 -7.68 1.68 -6.40
CA GLU A 83 -8.64 1.86 -7.47
C GLU A 83 -9.86 2.63 -6.97
N LYS A 84 -10.11 2.58 -5.67
CA LYS A 84 -11.30 3.15 -5.08
C LYS A 84 -11.23 4.68 -5.04
N GLU A 85 -10.14 5.21 -4.48
CA GLU A 85 -10.01 6.65 -4.34
C GLU A 85 -9.10 7.20 -5.44
N ASP A 86 -9.59 8.23 -6.13
CA ASP A 86 -8.92 8.78 -7.32
C ASP A 86 -7.63 9.51 -6.96
N SER A 87 -7.39 9.73 -5.68
CA SER A 87 -6.23 10.50 -5.25
C SER A 87 -4.95 9.65 -5.25
N TYR A 88 -5.08 8.39 -5.68
CA TYR A 88 -3.93 7.49 -5.70
C TYR A 88 -3.42 7.26 -7.12
N GLN A 89 -4.22 7.64 -8.11
CA GLN A 89 -3.88 7.41 -9.51
C GLN A 89 -2.74 8.30 -9.98
N ASP A 90 -2.23 9.14 -9.08
CA ASP A 90 -1.07 9.97 -9.40
C ASP A 90 0.20 9.13 -9.34
N VAL A 91 0.34 8.35 -8.29
CA VAL A 91 1.52 7.52 -8.10
C VAL A 91 1.25 6.08 -8.51
N TYR A 92 -0.01 5.67 -8.45
CA TYR A 92 -0.40 4.35 -8.93
C TYR A 92 -0.60 4.41 -10.43
N LEU A 93 0.04 3.49 -11.14
CA LEU A 93 -0.02 3.46 -12.59
C LEU A 93 -1.38 2.97 -13.06
N GLY A 94 -2.28 3.93 -13.28
CA GLY A 94 -3.58 3.62 -13.86
C GLY A 94 -3.44 2.95 -15.20
N LEU A 95 -4.24 1.91 -15.43
CA LEU A 95 -4.11 1.10 -16.63
C LEU A 95 -5.16 1.50 -17.66
N GLU A 96 -6.17 2.24 -17.22
CA GLU A 96 -7.28 2.61 -18.09
C GLU A 96 -7.08 3.99 -18.70
N HIS A 97 -6.40 4.05 -19.83
CA HIS A 97 -6.27 5.30 -20.57
C HIS A 97 -7.63 5.70 -21.11
N HIS A 98 -8.10 6.88 -20.72
CA HIS A 98 -9.47 7.31 -21.01
C HIS A 98 -9.60 7.84 -22.44
N HIS A 99 -9.10 7.05 -23.39
CA HIS A 99 -9.17 7.39 -24.82
C HIS A 99 -8.39 8.67 -25.11
N HIS A 100 -9.01 9.81 -24.83
CA HIS A 100 -8.41 11.13 -25.03
C HIS A 100 -9.43 12.20 -24.65
N HIS A 101 -10.33 11.83 -23.76
CA HIS A 101 -11.44 12.68 -23.38
C HIS A 101 -11.69 12.58 -21.87
N HIS A 102 -12.29 13.62 -21.31
CA HIS A 102 -12.68 13.59 -19.91
C HIS A 102 -13.80 12.56 -19.71
N MET A 1 -4.95 9.53 22.77
CA MET A 1 -3.84 8.57 22.98
C MET A 1 -3.60 7.76 21.71
N SER A 2 -2.51 8.09 21.01
CA SER A 2 -2.14 7.36 19.80
C SER A 2 -1.62 5.98 20.16
N ASN A 3 -2.15 4.96 19.50
CA ASN A 3 -1.75 3.58 19.77
C ASN A 3 -1.52 2.83 18.47
N LEU A 4 -2.23 3.23 17.42
CA LEU A 4 -2.06 2.62 16.11
C LEU A 4 -0.90 3.28 15.37
N GLU A 5 0.29 2.78 15.62
CA GLU A 5 1.49 3.32 15.01
C GLU A 5 1.98 2.42 13.88
N ILE A 6 2.63 3.02 12.90
CA ILE A 6 3.18 2.26 11.79
C ILE A 6 4.65 1.96 12.03
N LYS A 7 4.95 0.70 12.31
CA LYS A 7 6.33 0.28 12.50
C LYS A 7 6.93 -0.11 11.17
N GLN A 8 8.14 0.35 10.92
CA GLN A 8 8.81 0.13 9.64
C GLN A 8 9.75 -1.06 9.72
N GLY A 9 9.77 -1.85 8.66
CA GLY A 9 10.61 -3.02 8.60
C GLY A 9 11.12 -3.30 7.21
N GLU A 10 11.38 -4.56 6.93
CA GLU A 10 11.96 -5.00 5.65
C GLU A 10 11.01 -4.68 4.49
N ASN A 11 11.16 -3.48 3.93
CA ASN A 11 10.33 -3.01 2.80
C ASN A 11 8.85 -3.11 3.15
N LYS A 12 8.56 -3.02 4.45
CA LYS A 12 7.20 -3.22 4.92
C LYS A 12 6.82 -2.18 5.96
N PHE A 13 5.52 -1.93 6.06
CA PHE A 13 4.97 -1.12 7.13
C PHE A 13 3.92 -1.93 7.87
N TYR A 14 4.14 -2.19 9.15
CA TYR A 14 3.25 -3.07 9.90
C TYR A 14 2.75 -2.43 11.19
N ILE A 15 1.45 -2.57 11.41
CA ILE A 15 0.82 -2.13 12.65
C ILE A 15 0.38 -3.36 13.44
N GLY A 16 0.82 -3.46 14.69
CA GLY A 16 0.44 -4.59 15.49
C GLY A 16 0.99 -4.49 16.89
N ASP A 17 0.55 -5.42 17.75
CA ASP A 17 1.01 -5.46 19.13
C ASP A 17 2.41 -6.03 19.21
N ASP A 18 2.73 -6.85 18.23
CA ASP A 18 4.04 -7.48 18.11
C ASP A 18 4.33 -7.65 16.63
N GLU A 19 5.60 -7.86 16.27
CA GLU A 19 5.93 -8.09 14.87
C GLU A 19 5.21 -9.34 14.35
N ASN A 20 5.04 -10.31 15.25
CA ASN A 20 4.34 -11.54 14.90
C ASN A 20 2.84 -11.32 14.96
N ASN A 21 2.44 -10.30 15.70
CA ASN A 21 1.02 -10.00 15.91
C ASN A 21 0.61 -8.77 15.11
N ALA A 22 1.19 -8.64 13.93
CA ALA A 22 0.86 -7.56 13.02
C ALA A 22 -0.53 -7.78 12.44
N LEU A 23 -1.46 -6.90 12.80
CA LEU A 23 -2.85 -7.05 12.38
C LEU A 23 -3.12 -6.31 11.07
N ALA A 24 -2.11 -5.59 10.61
CA ALA A 24 -2.21 -4.85 9.36
C ALA A 24 -0.82 -4.48 8.86
N GLU A 25 -0.39 -5.11 7.78
CA GLU A 25 0.89 -4.79 7.18
C GLU A 25 0.78 -4.67 5.66
N ILE A 26 1.66 -3.87 5.09
CA ILE A 26 1.74 -3.72 3.66
C ILE A 26 3.20 -3.82 3.22
N THR A 27 3.45 -4.62 2.20
CA THR A 27 4.81 -4.86 1.75
C THR A 27 4.96 -4.46 0.29
N TYR A 28 6.07 -3.82 -0.03
CA TYR A 28 6.33 -3.42 -1.40
C TYR A 28 7.79 -3.68 -1.75
N ARG A 29 8.02 -4.38 -2.85
CA ARG A 29 9.37 -4.70 -3.26
C ARG A 29 9.70 -3.98 -4.56
N PHE A 30 10.96 -3.60 -4.70
CA PHE A 30 11.40 -2.85 -5.86
C PHE A 30 11.64 -3.78 -7.03
N VAL A 31 10.72 -3.79 -7.98
CA VAL A 31 10.84 -4.66 -9.15
C VAL A 31 11.67 -3.98 -10.24
N ASP A 32 11.66 -2.66 -10.22
CA ASP A 32 12.47 -1.88 -11.15
C ASP A 32 13.16 -0.75 -10.39
N ASN A 33 13.07 -0.83 -9.05
CA ASN A 33 13.59 0.19 -8.15
C ASN A 33 12.75 1.47 -8.20
N ASN A 34 12.58 2.03 -9.39
CA ASN A 34 11.70 3.17 -9.57
C ASN A 34 10.24 2.69 -9.56
N GLU A 35 10.02 1.51 -10.13
CA GLU A 35 8.70 0.89 -10.08
C GLU A 35 8.62 -0.05 -8.89
N ILE A 36 7.67 0.21 -8.00
CA ILE A 36 7.51 -0.58 -6.78
C ILE A 36 6.23 -1.41 -6.84
N ASN A 37 6.32 -2.64 -6.38
CA ASN A 37 5.18 -3.56 -6.42
C ASN A 37 4.73 -3.90 -5.01
N ILE A 38 3.49 -3.55 -4.69
CA ILE A 38 2.87 -3.97 -3.44
C ILE A 38 2.59 -5.47 -3.51
N ASP A 39 3.45 -6.24 -2.87
CA ASP A 39 3.46 -7.69 -3.04
C ASP A 39 2.39 -8.35 -2.17
N HIS A 40 2.47 -8.13 -0.86
CA HIS A 40 1.52 -8.71 0.08
C HIS A 40 0.93 -7.62 0.97
N THR A 41 -0.35 -7.75 1.27
CA THR A 41 -1.03 -6.79 2.13
C THR A 41 -2.14 -7.48 2.93
N GLY A 42 -1.86 -7.75 4.20
CA GLY A 42 -2.85 -8.33 5.07
C GLY A 42 -3.32 -7.33 6.10
N VAL A 43 -4.52 -6.81 5.94
CA VAL A 43 -5.03 -5.77 6.81
C VAL A 43 -6.38 -6.16 7.40
N SER A 44 -6.48 -6.09 8.73
CA SER A 44 -7.73 -6.35 9.42
C SER A 44 -8.77 -5.28 9.06
N ASP A 45 -9.98 -5.72 8.74
CA ASP A 45 -11.02 -4.83 8.25
C ASP A 45 -11.82 -4.24 9.43
N GLU A 46 -11.17 -4.13 10.58
CA GLU A 46 -11.80 -3.59 11.79
C GLU A 46 -12.43 -2.23 11.51
N LEU A 47 -11.59 -1.28 11.14
CA LEU A 47 -12.08 0.03 10.71
C LEU A 47 -12.47 -0.05 9.24
N GLY A 48 -11.70 -0.85 8.49
CA GLY A 48 -12.00 -1.13 7.10
C GLY A 48 -12.23 0.12 6.27
N GLY A 49 -13.50 0.38 5.96
CA GLY A 49 -13.87 1.52 5.15
C GLY A 49 -13.48 2.85 5.77
N GLN A 50 -13.33 2.86 7.09
CA GLN A 50 -12.88 4.05 7.80
C GLN A 50 -11.46 4.41 7.38
N GLY A 51 -10.70 3.41 6.97
CA GLY A 51 -9.39 3.65 6.40
C GLY A 51 -8.23 3.14 7.24
N VAL A 52 -8.07 1.83 7.32
CA VAL A 52 -6.87 1.26 7.93
C VAL A 52 -5.77 1.23 6.86
N GLY A 53 -6.15 0.75 5.68
CA GLY A 53 -5.26 0.78 4.54
C GLY A 53 -4.92 2.20 4.16
N LYS A 54 -5.81 3.13 4.49
CA LYS A 54 -5.60 4.55 4.26
C LYS A 54 -4.33 5.02 4.97
N LYS A 55 -4.09 4.46 6.15
CA LYS A 55 -2.93 4.82 6.95
C LYS A 55 -1.65 4.27 6.31
N LEU A 56 -1.64 2.95 6.12
CA LEU A 56 -0.48 2.26 5.56
C LEU A 56 -0.16 2.76 4.16
N LEU A 57 -1.17 2.84 3.31
CA LEU A 57 -0.97 3.20 1.93
C LEU A 57 -0.63 4.67 1.78
N LYS A 58 -1.05 5.49 2.75
CA LYS A 58 -0.69 6.91 2.74
C LYS A 58 0.82 7.04 2.74
N ALA A 59 1.47 6.36 3.68
CA ALA A 59 2.92 6.40 3.79
C ALA A 59 3.57 5.87 2.51
N VAL A 60 2.95 4.88 1.88
CA VAL A 60 3.45 4.33 0.63
C VAL A 60 3.39 5.39 -0.48
N VAL A 61 2.23 6.02 -0.63
CA VAL A 61 2.04 7.05 -1.66
C VAL A 61 2.94 8.25 -1.40
N GLU A 62 3.04 8.64 -0.14
CA GLU A 62 3.89 9.76 0.26
C GLU A 62 5.36 9.47 -0.07
N HIS A 63 5.82 8.29 0.29
CA HIS A 63 7.21 7.91 0.03
C HIS A 63 7.44 7.70 -1.45
N ALA A 64 6.41 7.24 -2.15
CA ALA A 64 6.49 7.06 -3.59
C ALA A 64 6.74 8.41 -4.26
N ARG A 65 5.98 9.42 -3.85
CA ARG A 65 6.16 10.77 -4.39
C ARG A 65 7.56 11.30 -4.11
N GLU A 66 8.11 10.97 -2.95
CA GLU A 66 9.45 11.41 -2.58
C GLU A 66 10.48 10.93 -3.61
N ASN A 67 10.31 9.70 -4.08
CA ASN A 67 11.29 9.09 -4.96
C ASN A 67 10.78 8.94 -6.39
N ASN A 68 9.64 9.57 -6.67
CA ASN A 68 9.01 9.48 -8.00
C ASN A 68 8.77 8.03 -8.40
N LEU A 69 8.30 7.24 -7.44
CA LEU A 69 8.10 5.81 -7.65
C LEU A 69 6.77 5.53 -8.31
N LYS A 70 6.75 4.55 -9.19
CA LYS A 70 5.53 4.11 -9.85
C LYS A 70 4.89 3.00 -9.02
N ILE A 71 3.67 3.22 -8.56
CA ILE A 71 3.02 2.27 -7.68
C ILE A 71 2.15 1.28 -8.45
N ILE A 72 2.48 0.01 -8.31
CA ILE A 72 1.64 -1.09 -8.75
C ILE A 72 1.41 -2.04 -7.59
N ALA A 73 0.36 -2.84 -7.64
CA ALA A 73 0.05 -3.74 -6.55
C ALA A 73 -0.36 -5.12 -7.05
N SER A 74 0.15 -6.14 -6.40
CA SER A 74 -0.20 -7.51 -6.75
C SER A 74 -1.40 -7.98 -5.93
N CYS A 75 -1.53 -7.45 -4.73
CA CYS A 75 -2.69 -7.74 -3.90
C CYS A 75 -3.91 -6.96 -4.40
N SER A 76 -4.98 -7.68 -4.72
CA SER A 76 -6.20 -7.07 -5.25
C SER A 76 -6.74 -6.00 -4.30
N PHE A 77 -6.65 -6.28 -3.00
CA PHE A 77 -7.14 -5.38 -1.97
C PHE A 77 -6.49 -4.01 -2.10
N ALA A 78 -5.18 -3.98 -2.25
CA ALA A 78 -4.45 -2.73 -2.35
C ALA A 78 -4.56 -2.14 -3.75
N LYS A 79 -4.48 -3.00 -4.76
CA LYS A 79 -4.54 -2.57 -6.15
C LYS A 79 -5.84 -1.86 -6.46
N HIS A 80 -6.95 -2.50 -6.12
CA HIS A 80 -8.26 -1.98 -6.49
C HIS A 80 -8.60 -0.74 -5.67
N MET A 81 -7.91 -0.57 -4.54
CA MET A 81 -8.07 0.62 -3.71
C MET A 81 -7.45 1.81 -4.44
N LEU A 82 -6.28 1.57 -5.04
CA LEU A 82 -5.58 2.59 -5.82
C LEU A 82 -6.45 3.08 -6.97
N GLU A 83 -7.19 2.13 -7.58
CA GLU A 83 -8.04 2.43 -8.72
C GLU A 83 -9.30 3.19 -8.29
N LYS A 84 -9.66 3.05 -7.03
CA LYS A 84 -10.93 3.58 -6.54
C LYS A 84 -10.86 5.09 -6.27
N GLU A 85 -9.79 5.53 -5.63
CA GLU A 85 -9.75 6.90 -5.15
C GLU A 85 -8.75 7.74 -5.94
N ASP A 86 -9.10 9.01 -6.14
CA ASP A 86 -8.29 9.96 -6.91
C ASP A 86 -6.89 10.11 -6.32
N SER A 87 -6.81 10.07 -4.99
CA SER A 87 -5.56 10.30 -4.27
C SER A 87 -4.46 9.33 -4.70
N TYR A 88 -4.84 8.07 -4.88
CA TYR A 88 -3.89 7.03 -5.22
C TYR A 88 -3.57 7.05 -6.71
N GLN A 89 -4.55 7.45 -7.51
CA GLN A 89 -4.43 7.48 -8.97
C GLN A 89 -3.26 8.36 -9.41
N ASP A 90 -2.89 9.32 -8.56
CA ASP A 90 -1.82 10.26 -8.83
C ASP A 90 -0.50 9.55 -9.16
N VAL A 91 -0.24 8.44 -8.47
CA VAL A 91 1.01 7.70 -8.67
C VAL A 91 0.76 6.26 -9.09
N TYR A 92 -0.49 5.97 -9.45
CA TYR A 92 -0.85 4.63 -9.90
C TYR A 92 -0.81 4.56 -11.42
N LEU A 93 -0.23 3.50 -11.94
CA LEU A 93 -0.12 3.33 -13.39
C LEU A 93 -1.45 2.90 -14.00
N GLY A 94 -1.84 1.65 -13.75
CA GLY A 94 -3.11 1.15 -14.25
C GLY A 94 -3.06 0.72 -15.70
N LEU A 95 -2.59 1.59 -16.56
CA LEU A 95 -2.53 1.30 -17.99
C LEU A 95 -1.35 0.38 -18.30
N GLU A 96 -1.49 -0.41 -19.36
CA GLU A 96 -0.45 -1.34 -19.77
C GLU A 96 0.44 -0.72 -20.84
N HIS A 97 1.71 -1.09 -20.82
CA HIS A 97 2.61 -0.74 -21.91
C HIS A 97 2.14 -1.46 -23.16
N HIS A 98 1.89 -0.71 -24.23
CA HIS A 98 1.28 -1.29 -25.42
C HIS A 98 2.17 -2.37 -26.01
N HIS A 99 1.55 -3.51 -26.32
CA HIS A 99 2.27 -4.70 -26.74
C HIS A 99 2.48 -4.71 -28.24
N HIS A 100 1.52 -4.14 -28.97
CA HIS A 100 1.53 -4.12 -30.44
C HIS A 100 1.26 -5.51 -31.00
N HIS A 101 2.26 -6.38 -30.92
CA HIS A 101 2.14 -7.74 -31.43
C HIS A 101 1.72 -8.69 -30.33
N HIS A 102 1.93 -9.98 -30.54
CA HIS A 102 1.60 -10.98 -29.54
C HIS A 102 2.88 -11.64 -29.04
N MET A 1 -7.08 5.26 20.33
CA MET A 1 -6.02 6.29 20.33
C MET A 1 -5.05 6.08 19.18
N SER A 2 -4.45 7.15 18.70
CA SER A 2 -3.52 7.08 17.59
C SER A 2 -2.12 6.70 18.10
N ASN A 3 -2.03 5.54 18.73
CA ASN A 3 -0.75 5.04 19.24
C ASN A 3 -0.18 4.00 18.29
N LEU A 4 -0.90 3.77 17.20
CA LEU A 4 -0.48 2.78 16.22
C LEU A 4 0.53 3.39 15.26
N GLU A 5 1.79 3.33 15.63
CA GLU A 5 2.86 3.86 14.80
C GLU A 5 3.25 2.84 13.74
N ILE A 6 3.64 3.36 12.57
CA ILE A 6 4.05 2.52 11.46
C ILE A 6 5.47 2.00 11.70
N LYS A 7 5.57 0.72 12.03
CA LYS A 7 6.84 0.11 12.33
C LYS A 7 7.53 -0.37 11.06
N GLN A 8 8.68 0.21 10.77
CA GLN A 8 9.45 -0.16 9.60
C GLN A 8 10.11 -1.51 9.79
N GLY A 9 9.79 -2.43 8.90
CA GLY A 9 10.36 -3.76 8.96
C GLY A 9 11.14 -4.10 7.70
N GLU A 10 11.38 -5.37 7.48
CA GLU A 10 12.15 -5.83 6.32
C GLU A 10 11.35 -5.61 5.04
N ASN A 11 11.62 -4.47 4.38
CA ASN A 11 10.93 -4.09 3.15
C ASN A 11 9.42 -3.96 3.38
N LYS A 12 9.05 -3.73 4.64
CA LYS A 12 7.64 -3.72 5.01
C LYS A 12 7.31 -2.61 6.01
N PHE A 13 6.04 -2.30 6.08
CA PHE A 13 5.49 -1.44 7.12
C PHE A 13 4.40 -2.20 7.85
N TYR A 14 4.61 -2.51 9.12
CA TYR A 14 3.65 -3.31 9.86
C TYR A 14 3.25 -2.66 11.16
N ILE A 15 2.02 -2.92 11.59
CA ILE A 15 1.48 -2.40 12.83
C ILE A 15 0.61 -3.46 13.49
N GLY A 16 0.54 -3.46 14.81
CA GLY A 16 -0.34 -4.39 15.50
C GLY A 16 -0.01 -4.52 16.97
N ASP A 17 -0.77 -5.37 17.65
CA ASP A 17 -0.52 -5.65 19.07
C ASP A 17 0.80 -6.40 19.22
N ASP A 18 1.13 -7.14 18.18
CA ASP A 18 2.37 -7.89 18.10
C ASP A 18 2.72 -8.12 16.64
N GLU A 19 3.93 -8.57 16.35
CA GLU A 19 4.36 -8.80 14.99
C GLU A 19 3.70 -10.07 14.43
N ASN A 20 3.38 -10.99 15.33
CA ASN A 20 2.68 -12.21 14.95
C ASN A 20 1.21 -11.89 14.63
N ASN A 21 0.67 -10.93 15.37
CA ASN A 21 -0.73 -10.55 15.22
C ASN A 21 -0.82 -9.18 14.53
N ALA A 22 -0.03 -9.00 13.48
CA ALA A 22 0.01 -7.75 12.75
C ALA A 22 -1.33 -7.44 12.08
N LEU A 23 -1.95 -6.34 12.51
CA LEU A 23 -3.20 -5.90 11.92
C LEU A 23 -2.91 -4.99 10.72
N ALA A 24 -1.63 -4.72 10.52
CA ALA A 24 -1.17 -3.96 9.38
C ALA A 24 0.12 -4.58 8.86
N GLU A 25 0.13 -4.90 7.59
CA GLU A 25 1.28 -5.55 6.97
C GLU A 25 1.31 -5.25 5.47
N ILE A 26 2.33 -4.53 5.02
CA ILE A 26 2.43 -4.17 3.61
C ILE A 26 3.89 -4.17 3.15
N THR A 27 4.13 -4.76 1.99
CA THR A 27 5.48 -4.86 1.45
C THR A 27 5.57 -4.22 0.08
N TYR A 28 6.66 -3.50 -0.19
CA TYR A 28 6.86 -2.84 -1.47
C TYR A 28 8.19 -3.27 -2.10
N ARG A 29 8.12 -4.19 -3.03
CA ARG A 29 9.32 -4.75 -3.63
C ARG A 29 9.66 -4.03 -4.93
N PHE A 30 10.93 -3.73 -5.11
CA PHE A 30 11.39 -3.07 -6.33
C PHE A 30 11.45 -4.06 -7.48
N VAL A 31 10.70 -3.79 -8.54
CA VAL A 31 10.66 -4.70 -9.67
C VAL A 31 11.50 -4.22 -10.84
N ASP A 32 11.34 -2.97 -11.24
CA ASP A 32 12.04 -2.47 -12.42
C ASP A 32 13.12 -1.46 -12.05
N ASN A 33 12.75 -0.20 -11.84
CA ASN A 33 13.73 0.82 -11.49
C ASN A 33 13.23 1.74 -10.38
N ASN A 34 12.00 2.21 -10.49
CA ASN A 34 11.40 3.06 -9.46
C ASN A 34 10.04 2.53 -9.07
N GLU A 35 9.66 1.44 -9.71
CA GLU A 35 8.36 0.84 -9.52
C GLU A 35 8.36 -0.02 -8.26
N ILE A 36 7.69 0.47 -7.23
CA ILE A 36 7.53 -0.29 -6.00
C ILE A 36 6.26 -1.13 -6.08
N ASN A 37 6.44 -2.43 -6.17
CA ASN A 37 5.35 -3.36 -6.29
C ASN A 37 4.83 -3.76 -4.92
N ILE A 38 3.62 -3.34 -4.60
CA ILE A 38 2.97 -3.75 -3.39
C ILE A 38 2.54 -5.21 -3.51
N ASP A 39 3.33 -6.09 -2.92
CA ASP A 39 3.11 -7.52 -3.01
C ASP A 39 2.10 -7.97 -1.97
N HIS A 40 2.43 -7.72 -0.72
CA HIS A 40 1.62 -8.19 0.39
C HIS A 40 0.90 -7.03 1.05
N THR A 41 -0.40 -7.21 1.31
CA THR A 41 -1.17 -6.22 2.02
C THR A 41 -2.19 -6.89 2.94
N GLY A 42 -1.90 -6.89 4.22
CA GLY A 42 -2.79 -7.48 5.19
C GLY A 42 -3.24 -6.49 6.23
N VAL A 43 -4.49 -6.05 6.12
CA VAL A 43 -5.04 -5.09 7.06
C VAL A 43 -6.08 -5.79 7.94
N SER A 44 -6.31 -5.27 9.14
CA SER A 44 -7.24 -5.85 10.08
C SER A 44 -8.60 -6.09 9.45
N ASP A 45 -9.03 -7.34 9.47
CA ASP A 45 -10.27 -7.75 8.86
C ASP A 45 -11.37 -7.84 9.91
N GLU A 46 -11.06 -7.32 11.10
CA GLU A 46 -12.00 -7.27 12.22
C GLU A 46 -13.32 -6.66 11.77
N LEU A 47 -13.27 -5.38 11.42
CA LEU A 47 -14.45 -4.68 10.88
C LEU A 47 -14.06 -3.93 9.62
N GLY A 48 -12.94 -4.31 9.02
CA GLY A 48 -12.49 -3.67 7.81
C GLY A 48 -11.26 -2.80 8.05
N GLY A 49 -10.70 -2.26 6.98
CA GLY A 49 -9.50 -1.46 7.08
C GLY A 49 -9.80 -0.02 7.46
N GLN A 50 -10.52 0.15 8.55
CA GLN A 50 -10.98 1.47 8.99
C GLN A 50 -9.80 2.35 9.37
N GLY A 51 -9.46 3.29 8.50
CA GLY A 51 -8.39 4.23 8.78
C GLY A 51 -7.00 3.65 8.61
N VAL A 52 -6.81 2.43 9.11
CA VAL A 52 -5.52 1.76 9.06
C VAL A 52 -5.02 1.62 7.63
N GLY A 53 -5.89 1.18 6.73
CA GLY A 53 -5.51 1.01 5.33
C GLY A 53 -5.05 2.32 4.71
N LYS A 54 -5.76 3.40 5.03
CA LYS A 54 -5.43 4.72 4.53
C LYS A 54 -4.08 5.16 5.05
N LYS A 55 -3.87 4.98 6.36
CA LYS A 55 -2.63 5.37 7.02
C LYS A 55 -1.43 4.68 6.38
N LEU A 56 -1.60 3.39 6.09
CA LEU A 56 -0.52 2.60 5.49
C LEU A 56 -0.25 3.06 4.06
N LEU A 57 -1.30 3.10 3.26
CA LEU A 57 -1.16 3.41 1.84
C LEU A 57 -0.68 4.84 1.62
N LYS A 58 -1.23 5.78 2.39
CA LYS A 58 -0.87 7.18 2.27
C LYS A 58 0.62 7.37 2.57
N ALA A 59 1.11 6.65 3.57
CA ALA A 59 2.52 6.72 3.96
C ALA A 59 3.43 6.30 2.81
N VAL A 60 3.05 5.23 2.14
CA VAL A 60 3.80 4.74 0.99
C VAL A 60 3.71 5.73 -0.17
N VAL A 61 2.50 6.15 -0.50
CA VAL A 61 2.26 7.11 -1.59
C VAL A 61 3.03 8.41 -1.33
N GLU A 62 3.07 8.83 -0.07
CA GLU A 62 3.76 10.04 0.33
C GLU A 62 5.24 9.97 -0.02
N HIS A 63 5.90 8.93 0.45
CA HIS A 63 7.34 8.77 0.22
C HIS A 63 7.60 8.41 -1.24
N ALA A 64 6.63 7.76 -1.87
CA ALA A 64 6.73 7.45 -3.29
C ALA A 64 6.85 8.73 -4.10
N ARG A 65 5.88 9.62 -3.96
CA ARG A 65 5.91 10.90 -4.67
C ARG A 65 7.16 11.69 -4.30
N GLU A 66 7.56 11.57 -3.03
CA GLU A 66 8.75 12.22 -2.53
C GLU A 66 9.99 11.88 -3.36
N ASN A 67 10.14 10.60 -3.69
CA ASN A 67 11.33 10.14 -4.43
C ASN A 67 11.01 9.91 -5.90
N ASN A 68 9.81 10.31 -6.31
CA ASN A 68 9.34 10.12 -7.68
C ASN A 68 9.31 8.63 -8.04
N LEU A 69 8.90 7.83 -7.06
CA LEU A 69 8.75 6.40 -7.26
C LEU A 69 7.39 6.12 -7.88
N LYS A 70 7.25 4.98 -8.53
CA LYS A 70 6.00 4.62 -9.18
C LYS A 70 5.39 3.41 -8.48
N ILE A 71 4.09 3.48 -8.24
CA ILE A 71 3.42 2.45 -7.45
C ILE A 71 2.62 1.50 -8.31
N ILE A 72 2.90 0.22 -8.15
CA ILE A 72 2.12 -0.85 -8.75
C ILE A 72 1.77 -1.86 -7.67
N ALA A 73 0.78 -2.70 -7.90
CA ALA A 73 0.35 -3.63 -6.88
C ALA A 73 0.10 -5.02 -7.46
N SER A 74 0.56 -6.03 -6.75
CA SER A 74 0.24 -7.41 -7.07
C SER A 74 -0.80 -7.94 -6.11
N CYS A 75 -0.96 -7.25 -4.99
CA CYS A 75 -1.99 -7.58 -4.02
C CYS A 75 -3.35 -7.11 -4.51
N SER A 76 -4.31 -8.02 -4.52
CA SER A 76 -5.66 -7.72 -5.00
C SER A 76 -6.31 -6.64 -4.14
N PHE A 77 -6.11 -6.73 -2.83
CA PHE A 77 -6.68 -5.79 -1.90
C PHE A 77 -6.13 -4.38 -2.14
N ALA A 78 -4.81 -4.26 -2.18
CA ALA A 78 -4.17 -2.98 -2.39
C ALA A 78 -4.52 -2.39 -3.75
N LYS A 79 -4.57 -3.25 -4.77
CA LYS A 79 -4.89 -2.81 -6.14
C LYS A 79 -6.27 -2.15 -6.18
N HIS A 80 -7.26 -2.83 -5.64
CA HIS A 80 -8.63 -2.31 -5.66
C HIS A 80 -8.77 -1.08 -4.76
N MET A 81 -7.92 -1.00 -3.75
CA MET A 81 -7.91 0.15 -2.86
C MET A 81 -7.32 1.36 -3.59
N LEU A 82 -6.31 1.12 -4.42
CA LEU A 82 -5.73 2.16 -5.25
C LEU A 82 -6.70 2.59 -6.34
N GLU A 83 -7.40 1.63 -6.92
CA GLU A 83 -8.38 1.90 -7.96
C GLU A 83 -9.58 2.65 -7.41
N LYS A 84 -9.88 2.44 -6.12
CA LYS A 84 -11.05 3.03 -5.50
C LYS A 84 -10.96 4.55 -5.48
N GLU A 85 -9.94 5.07 -4.81
CA GLU A 85 -9.86 6.50 -4.59
C GLU A 85 -9.22 7.18 -5.79
N ASP A 86 -9.84 8.28 -6.21
CA ASP A 86 -9.43 8.98 -7.43
C ASP A 86 -7.99 9.48 -7.34
N SER A 87 -7.59 9.93 -6.17
CA SER A 87 -6.27 10.53 -5.97
C SER A 87 -5.14 9.51 -6.12
N TYR A 88 -5.44 8.25 -5.83
CA TYR A 88 -4.41 7.21 -5.87
C TYR A 88 -4.10 6.79 -7.29
N GLN A 89 -4.95 7.19 -8.23
CA GLN A 89 -4.75 6.84 -9.64
C GLN A 89 -3.66 7.70 -10.28
N ASP A 90 -3.07 8.58 -9.48
CA ASP A 90 -1.96 9.40 -9.94
C ASP A 90 -0.66 8.60 -9.86
N VAL A 91 -0.43 7.97 -8.72
CA VAL A 91 0.77 7.20 -8.49
C VAL A 91 0.65 5.80 -9.06
N TYR A 92 -0.58 5.35 -9.25
CA TYR A 92 -0.83 4.04 -9.81
C TYR A 92 -0.94 4.13 -11.32
N LEU A 93 0.06 3.59 -12.01
CA LEU A 93 0.14 3.66 -13.46
C LEU A 93 -0.92 2.79 -14.12
N GLY A 94 -1.10 1.59 -13.58
CA GLY A 94 -2.06 0.66 -14.15
C GLY A 94 -1.60 0.09 -15.48
N LEU A 95 -0.30 0.15 -15.73
CA LEU A 95 0.26 -0.36 -16.98
C LEU A 95 0.41 -1.88 -16.90
N GLU A 96 -0.72 -2.56 -16.86
CA GLU A 96 -0.76 -4.01 -16.76
C GLU A 96 -1.40 -4.59 -18.01
N HIS A 97 -2.67 -4.26 -18.19
CA HIS A 97 -3.43 -4.71 -19.35
C HIS A 97 -3.54 -3.59 -20.36
N HIS A 98 -3.44 -3.93 -21.64
CA HIS A 98 -3.51 -2.95 -22.71
C HIS A 98 -4.96 -2.61 -23.01
N HIS A 99 -5.24 -1.32 -23.08
CA HIS A 99 -6.59 -0.83 -23.32
C HIS A 99 -6.92 -0.94 -24.80
N HIS A 100 -6.38 -0.03 -25.60
CA HIS A 100 -6.59 -0.06 -27.05
C HIS A 100 -5.60 -1.02 -27.69
N HIS A 101 -6.12 -2.03 -28.38
CA HIS A 101 -5.28 -3.02 -29.04
C HIS A 101 -6.01 -3.63 -30.23
N HIS A 102 -5.35 -4.52 -30.92
CA HIS A 102 -5.93 -5.20 -32.06
C HIS A 102 -5.95 -6.70 -31.82
N MET A 1 -5.56 2.10 25.62
CA MET A 1 -5.97 2.27 24.21
C MET A 1 -4.94 1.66 23.29
N SER A 2 -5.38 1.21 22.13
CA SER A 2 -4.49 0.60 21.16
C SER A 2 -3.76 1.66 20.36
N ASN A 3 -2.46 1.77 20.59
CA ASN A 3 -1.64 2.75 19.90
C ASN A 3 -1.30 2.26 18.49
N LEU A 4 -2.06 2.77 17.52
CA LEU A 4 -1.93 2.33 16.13
C LEU A 4 -0.82 3.11 15.44
N GLU A 5 0.42 2.81 15.79
CA GLU A 5 1.57 3.52 15.28
C GLU A 5 2.25 2.68 14.21
N ILE A 6 2.51 3.28 13.05
CA ILE A 6 3.12 2.57 11.93
C ILE A 6 4.51 2.07 12.29
N LYS A 7 4.67 0.76 12.36
CA LYS A 7 5.97 0.17 12.61
C LYS A 7 6.67 -0.06 11.29
N GLN A 8 7.74 0.68 11.05
CA GLN A 8 8.45 0.61 9.78
C GLN A 8 9.47 -0.50 9.76
N GLY A 9 9.28 -1.43 8.83
CA GLY A 9 10.28 -2.45 8.58
C GLY A 9 10.83 -2.31 7.18
N GLU A 10 11.85 -3.09 6.87
CA GLU A 10 12.48 -3.05 5.57
C GLU A 10 11.49 -3.38 4.46
N ASN A 11 11.00 -2.34 3.78
CA ASN A 11 10.06 -2.49 2.67
C ASN A 11 8.71 -3.06 3.15
N LYS A 12 8.45 -2.92 4.44
CA LYS A 12 7.24 -3.47 5.03
C LYS A 12 6.69 -2.55 6.11
N PHE A 13 5.50 -2.03 5.90
CA PHE A 13 4.83 -1.22 6.92
C PHE A 13 3.78 -2.08 7.62
N TYR A 14 4.02 -2.37 8.88
CA TYR A 14 3.11 -3.22 9.64
C TYR A 14 2.69 -2.52 10.93
N ILE A 15 1.47 -2.79 11.34
CA ILE A 15 0.96 -2.24 12.59
C ILE A 15 0.45 -3.37 13.48
N GLY A 16 1.03 -3.46 14.68
CA GLY A 16 0.68 -4.48 15.62
C GLY A 16 1.67 -4.53 16.77
N ASP A 17 1.51 -5.48 17.67
CA ASP A 17 2.42 -5.59 18.81
C ASP A 17 3.64 -6.43 18.45
N ASP A 18 3.48 -7.31 17.47
CA ASP A 18 4.58 -8.12 16.99
C ASP A 18 4.46 -8.27 15.47
N GLU A 19 5.58 -8.31 14.77
CA GLU A 19 5.58 -8.39 13.32
C GLU A 19 4.94 -9.69 12.84
N ASN A 20 5.12 -10.75 13.62
CA ASN A 20 4.59 -12.06 13.26
C ASN A 20 3.06 -12.06 13.29
N ASN A 21 2.48 -11.30 14.21
CA ASN A 21 1.04 -11.26 14.37
C ASN A 21 0.52 -9.84 14.24
N ALA A 22 1.01 -9.14 13.23
CA ALA A 22 0.55 -7.78 12.94
C ALA A 22 -0.91 -7.80 12.48
N LEU A 23 -1.65 -6.77 12.88
CA LEU A 23 -3.07 -6.69 12.54
C LEU A 23 -3.25 -6.21 11.11
N ALA A 24 -2.28 -5.46 10.63
CA ALA A 24 -2.30 -4.98 9.25
C ALA A 24 -0.88 -4.70 8.77
N GLU A 25 -0.54 -5.22 7.60
CA GLU A 25 0.77 -4.98 7.03
C GLU A 25 0.69 -4.80 5.52
N ILE A 26 1.53 -3.91 5.01
CA ILE A 26 1.61 -3.66 3.58
C ILE A 26 3.08 -3.69 3.14
N THR A 27 3.38 -4.51 2.14
CA THR A 27 4.74 -4.69 1.68
C THR A 27 4.93 -4.19 0.25
N TYR A 28 6.05 -3.53 0.00
CA TYR A 28 6.37 -3.04 -1.32
C TYR A 28 7.73 -3.56 -1.76
N ARG A 29 7.77 -4.21 -2.92
CA ARG A 29 8.99 -4.80 -3.42
C ARG A 29 9.54 -4.04 -4.61
N PHE A 30 10.81 -3.73 -4.58
CA PHE A 30 11.47 -3.11 -5.72
C PHE A 30 11.74 -4.17 -6.78
N VAL A 31 10.89 -4.22 -7.80
CA VAL A 31 10.97 -5.28 -8.79
C VAL A 31 11.79 -4.88 -10.01
N ASP A 32 11.64 -3.64 -10.47
CA ASP A 32 12.36 -3.20 -11.66
C ASP A 32 13.44 -2.19 -11.29
N ASN A 33 13.08 -0.92 -11.16
CA ASN A 33 14.03 0.10 -10.74
C ASN A 33 13.58 0.73 -9.42
N ASN A 34 12.80 1.80 -9.52
CA ASN A 34 12.20 2.43 -8.35
C ASN A 34 10.70 2.14 -8.35
N GLU A 35 10.36 1.12 -9.12
CA GLU A 35 8.99 0.68 -9.25
C GLU A 35 8.69 -0.36 -8.17
N ILE A 36 7.78 -0.02 -7.29
CA ILE A 36 7.47 -0.84 -6.13
C ILE A 36 6.18 -1.62 -6.32
N ASN A 37 6.29 -2.93 -6.19
CA ASN A 37 5.14 -3.81 -6.26
C ASN A 37 4.61 -4.08 -4.87
N ILE A 38 3.42 -3.56 -4.59
CA ILE A 38 2.73 -3.90 -3.37
C ILE A 38 2.17 -5.31 -3.51
N ASP A 39 2.93 -6.27 -3.01
CA ASP A 39 2.61 -7.67 -3.23
C ASP A 39 1.63 -8.19 -2.20
N HIS A 40 1.65 -7.62 -1.01
CA HIS A 40 0.78 -8.07 0.05
C HIS A 40 0.28 -6.90 0.89
N THR A 41 -1.02 -6.91 1.16
CA THR A 41 -1.63 -5.98 2.09
C THR A 41 -2.75 -6.70 2.83
N GLY A 42 -2.51 -7.05 4.08
CA GLY A 42 -3.49 -7.79 4.84
C GLY A 42 -3.95 -7.04 6.06
N VAL A 43 -5.25 -7.08 6.33
CA VAL A 43 -5.82 -6.45 7.49
C VAL A 43 -6.79 -7.41 8.17
N SER A 44 -6.54 -7.73 9.43
CA SER A 44 -7.44 -8.57 10.19
C SER A 44 -8.78 -7.87 10.34
N ASP A 45 -9.86 -8.55 9.97
CA ASP A 45 -11.15 -7.91 9.89
C ASP A 45 -11.96 -8.10 11.17
N GLU A 46 -11.40 -7.60 12.26
CA GLU A 46 -12.11 -7.52 13.53
C GLU A 46 -12.26 -6.04 13.86
N LEU A 47 -12.48 -5.25 12.81
CA LEU A 47 -12.40 -3.79 12.89
C LEU A 47 -10.95 -3.41 13.14
N GLY A 48 -10.17 -3.46 12.07
CA GLY A 48 -8.73 -3.27 12.17
C GLY A 48 -8.33 -1.81 12.33
N GLY A 49 -8.79 -1.19 13.40
CA GLY A 49 -8.33 0.14 13.76
C GLY A 49 -8.94 1.24 12.91
N GLN A 50 -9.61 0.86 11.81
CA GLN A 50 -10.26 1.79 10.90
C GLN A 50 -9.23 2.63 10.11
N GLY A 51 -8.60 3.58 10.79
CA GLY A 51 -7.68 4.49 10.12
C GLY A 51 -6.32 3.87 9.87
N VAL A 52 -6.12 2.65 10.36
CA VAL A 52 -4.87 1.94 10.20
C VAL A 52 -4.48 1.80 8.72
N GLY A 53 -5.35 1.15 7.95
CA GLY A 53 -5.06 0.91 6.54
C GLY A 53 -4.94 2.20 5.76
N LYS A 54 -5.78 3.17 6.08
CA LYS A 54 -5.78 4.46 5.40
C LYS A 54 -4.46 5.20 5.61
N LYS A 55 -3.95 5.16 6.83
CA LYS A 55 -2.72 5.82 7.16
C LYS A 55 -1.52 5.11 6.54
N LEU A 56 -1.62 3.78 6.44
CA LEU A 56 -0.58 2.98 5.81
C LEU A 56 -0.42 3.36 4.33
N LEU A 57 -1.53 3.34 3.61
CA LEU A 57 -1.52 3.71 2.19
C LEU A 57 -1.07 5.15 2.01
N LYS A 58 -1.50 6.02 2.93
CA LYS A 58 -1.11 7.43 2.88
C LYS A 58 0.40 7.55 2.91
N ALA A 59 1.03 6.81 3.80
CA ALA A 59 2.49 6.86 3.96
C ALA A 59 3.18 6.35 2.70
N VAL A 60 2.67 5.26 2.14
CA VAL A 60 3.23 4.68 0.93
C VAL A 60 3.15 5.66 -0.24
N VAL A 61 1.95 6.19 -0.47
CA VAL A 61 1.73 7.11 -1.58
C VAL A 61 2.50 8.41 -1.39
N GLU A 62 2.53 8.90 -0.16
CA GLU A 62 3.26 10.13 0.16
C GLU A 62 4.76 9.94 -0.09
N HIS A 63 5.29 8.81 0.40
CA HIS A 63 6.71 8.51 0.20
C HIS A 63 6.98 8.24 -1.27
N ALA A 64 5.98 7.72 -1.97
CA ALA A 64 6.07 7.51 -3.40
C ALA A 64 6.19 8.84 -4.13
N ARG A 65 5.29 9.77 -3.83
CA ARG A 65 5.34 11.09 -4.44
C ARG A 65 6.64 11.80 -4.10
N GLU A 66 7.09 11.61 -2.86
CA GLU A 66 8.33 12.22 -2.37
C GLU A 66 9.51 11.90 -3.29
N ASN A 67 9.63 10.64 -3.70
CA ASN A 67 10.77 10.20 -4.51
C ASN A 67 10.37 9.91 -5.94
N ASN A 68 9.11 10.22 -6.27
CA ASN A 68 8.53 9.88 -7.58
C ASN A 68 8.72 8.39 -7.86
N LEU A 69 8.06 7.57 -7.05
CA LEU A 69 8.14 6.12 -7.18
C LEU A 69 6.96 5.62 -8.02
N LYS A 70 7.17 4.52 -8.70
CA LYS A 70 6.13 3.94 -9.54
C LYS A 70 5.49 2.76 -8.84
N ILE A 71 4.21 2.89 -8.52
CA ILE A 71 3.52 1.87 -7.72
C ILE A 71 2.72 0.92 -8.60
N ILE A 72 2.89 -0.37 -8.34
CA ILE A 72 2.05 -1.41 -8.93
C ILE A 72 1.64 -2.40 -7.84
N ALA A 73 0.43 -2.93 -7.91
CA ALA A 73 -0.05 -3.82 -6.86
C ALA A 73 -0.46 -5.17 -7.44
N SER A 74 -0.19 -6.23 -6.70
CA SER A 74 -0.55 -7.58 -7.12
C SER A 74 -1.77 -8.07 -6.35
N CYS A 75 -1.84 -7.75 -5.06
CA CYS A 75 -3.02 -8.04 -4.26
C CYS A 75 -4.23 -7.31 -4.81
N SER A 76 -5.25 -8.05 -5.23
CA SER A 76 -6.45 -7.47 -5.80
C SER A 76 -7.10 -6.48 -4.83
N PHE A 77 -7.13 -6.86 -3.55
CA PHE A 77 -7.73 -6.02 -2.52
C PHE A 77 -7.06 -4.65 -2.48
N ALA A 78 -5.74 -4.65 -2.29
CA ALA A 78 -4.97 -3.41 -2.20
C ALA A 78 -4.97 -2.67 -3.54
N LYS A 79 -4.96 -3.43 -4.62
CA LYS A 79 -4.96 -2.86 -5.96
C LYS A 79 -6.17 -1.96 -6.16
N HIS A 80 -7.35 -2.48 -5.84
CA HIS A 80 -8.58 -1.74 -6.03
C HIS A 80 -8.70 -0.60 -5.04
N MET A 81 -7.89 -0.63 -3.99
CA MET A 81 -7.86 0.47 -3.02
C MET A 81 -7.18 1.69 -3.64
N LEU A 82 -6.06 1.44 -4.32
CA LEU A 82 -5.34 2.51 -5.01
C LEU A 82 -6.07 2.90 -6.28
N GLU A 83 -6.60 1.90 -6.98
CA GLU A 83 -7.33 2.09 -8.22
C GLU A 83 -8.62 2.90 -7.99
N LYS A 84 -9.17 2.78 -6.79
CA LYS A 84 -10.41 3.47 -6.46
C LYS A 84 -10.20 4.98 -6.32
N GLU A 85 -9.12 5.36 -5.66
CA GLU A 85 -8.91 6.75 -5.30
C GLU A 85 -8.11 7.48 -6.37
N ASP A 86 -8.66 8.61 -6.82
CA ASP A 86 -8.06 9.38 -7.93
C ASP A 86 -6.64 9.84 -7.61
N SER A 87 -6.39 10.24 -6.37
CA SER A 87 -5.10 10.83 -6.01
C SER A 87 -3.99 9.78 -6.00
N TYR A 88 -4.35 8.53 -5.82
CA TYR A 88 -3.35 7.46 -5.72
C TYR A 88 -2.97 6.95 -7.10
N GLN A 89 -3.76 7.29 -8.10
CA GLN A 89 -3.56 6.77 -9.46
C GLN A 89 -2.53 7.58 -10.25
N ASP A 90 -1.92 8.57 -9.61
CA ASP A 90 -0.85 9.33 -10.25
C ASP A 90 0.49 8.61 -10.08
N VAL A 91 0.70 8.08 -8.88
CA VAL A 91 1.92 7.33 -8.59
C VAL A 91 1.73 5.84 -8.92
N TYR A 92 0.49 5.39 -8.86
CA TYR A 92 0.15 4.03 -9.26
C TYR A 92 -0.02 3.96 -10.77
N LEU A 93 0.49 2.90 -11.38
CA LEU A 93 0.34 2.73 -12.82
C LEU A 93 -1.02 2.15 -13.14
N GLY A 94 -2.04 3.00 -13.10
CA GLY A 94 -3.39 2.56 -13.34
C GLY A 94 -3.85 2.84 -14.76
N LEU A 95 -5.12 3.19 -14.90
CA LEU A 95 -5.74 3.39 -16.20
C LEU A 95 -5.67 2.10 -17.01
N GLU A 96 -5.92 1.00 -16.32
CA GLU A 96 -5.85 -0.32 -16.92
C GLU A 96 -7.03 -0.57 -17.87
N HIS A 97 -7.93 0.40 -17.94
CA HIS A 97 -8.91 0.42 -19.01
C HIS A 97 -8.20 0.89 -20.28
N HIS A 98 -7.70 -0.08 -21.04
CA HIS A 98 -6.78 0.20 -22.13
C HIS A 98 -7.49 0.90 -23.29
N HIS A 99 -7.26 2.20 -23.41
CA HIS A 99 -7.81 3.00 -24.50
C HIS A 99 -7.06 2.70 -25.80
N HIS A 100 -5.89 2.07 -25.66
CA HIS A 100 -5.07 1.66 -26.79
C HIS A 100 -4.52 2.87 -27.54
N HIS A 101 -3.88 3.78 -26.80
CA HIS A 101 -3.30 4.97 -27.39
C HIS A 101 -2.33 5.65 -26.44
N HIS A 102 -2.76 5.80 -25.18
CA HIS A 102 -2.07 6.68 -24.23
C HIS A 102 -2.00 8.08 -24.81
N MET A 1 2.10 5.84 18.18
CA MET A 1 2.84 6.05 19.44
C MET A 1 2.88 4.75 20.23
N SER A 2 4.10 4.25 20.45
CA SER A 2 4.35 3.02 21.19
C SER A 2 3.88 1.78 20.43
N ASN A 3 2.56 1.58 20.35
CA ASN A 3 2.03 0.36 19.75
C ASN A 3 1.18 0.67 18.52
N LEU A 4 0.45 1.78 18.54
CA LEU A 4 -0.49 2.07 17.48
C LEU A 4 0.07 3.14 16.54
N GLU A 5 0.77 2.69 15.50
CA GLU A 5 1.24 3.56 14.42
C GLU A 5 1.83 2.69 13.31
N ILE A 6 2.34 3.32 12.27
CA ILE A 6 2.91 2.60 11.15
C ILE A 6 4.38 2.28 11.43
N LYS A 7 4.63 1.08 11.93
CA LYS A 7 6.00 0.62 12.16
C LYS A 7 6.60 0.14 10.84
N GLN A 8 7.92 0.15 10.76
CA GLN A 8 8.60 -0.19 9.52
C GLN A 8 9.37 -1.50 9.65
N GLY A 9 9.43 -2.23 8.55
CA GLY A 9 10.20 -3.44 8.49
C GLY A 9 10.98 -3.51 7.20
N GLU A 10 11.65 -4.62 6.94
CA GLU A 10 12.41 -4.78 5.71
C GLU A 10 11.47 -4.90 4.52
N ASN A 11 11.38 -3.82 3.74
CA ASN A 11 10.52 -3.77 2.55
C ASN A 11 9.05 -3.90 2.93
N LYS A 12 8.68 -3.44 4.12
CA LYS A 12 7.30 -3.52 4.56
C LYS A 12 6.99 -2.53 5.67
N PHE A 13 5.70 -2.34 5.91
CA PHE A 13 5.21 -1.56 7.03
C PHE A 13 4.14 -2.36 7.75
N TYR A 14 4.01 -2.17 9.05
CA TYR A 14 3.03 -2.93 9.81
C TYR A 14 2.53 -2.13 11.02
N ILE A 15 1.26 -2.27 11.31
CA ILE A 15 0.67 -1.67 12.49
C ILE A 15 0.29 -2.77 13.48
N GLY A 16 0.83 -2.67 14.68
CA GLY A 16 0.53 -3.67 15.68
C GLY A 16 1.45 -3.56 16.88
N ASP A 17 1.18 -4.36 17.90
CA ASP A 17 1.95 -4.36 19.13
C ASP A 17 3.37 -4.83 18.87
N ASP A 18 3.48 -5.95 18.16
CA ASP A 18 4.77 -6.56 17.85
C ASP A 18 4.74 -7.16 16.45
N GLU A 19 5.81 -7.83 16.07
CA GLU A 19 5.82 -8.60 14.82
C GLU A 19 4.87 -9.76 14.96
N ASN A 20 4.76 -10.26 16.19
CA ASN A 20 3.86 -11.35 16.54
C ASN A 20 2.40 -10.89 16.42
N ASN A 21 2.19 -9.58 16.41
CA ASN A 21 0.85 -9.03 16.40
C ASN A 21 0.72 -7.95 15.35
N ALA A 22 0.96 -8.31 14.10
CA ALA A 22 0.78 -7.41 12.98
C ALA A 22 -0.62 -7.54 12.41
N LEU A 23 -1.53 -6.71 12.89
CA LEU A 23 -2.92 -6.77 12.45
C LEU A 23 -3.11 -5.97 11.17
N ALA A 24 -2.11 -5.16 10.85
CA ALA A 24 -2.11 -4.39 9.63
C ALA A 24 -0.76 -4.54 8.93
N GLU A 25 -0.72 -5.43 7.95
CA GLU A 25 0.52 -5.80 7.28
C GLU A 25 0.50 -5.35 5.80
N ILE A 26 1.59 -4.77 5.33
CA ILE A 26 1.71 -4.37 3.93
C ILE A 26 3.16 -4.40 3.47
N THR A 27 3.41 -5.09 2.36
CA THR A 27 4.76 -5.25 1.84
C THR A 27 4.92 -4.57 0.49
N TYR A 28 6.13 -4.07 0.22
CA TYR A 28 6.43 -3.42 -1.05
C TYR A 28 7.89 -3.69 -1.41
N ARG A 29 8.15 -3.99 -2.68
CA ARG A 29 9.51 -4.31 -3.10
C ARG A 29 9.80 -3.74 -4.48
N PHE A 30 11.06 -3.40 -4.72
CA PHE A 30 11.49 -2.89 -6.01
C PHE A 30 11.59 -4.01 -7.03
N VAL A 31 10.80 -3.93 -8.10
CA VAL A 31 10.86 -4.92 -9.16
C VAL A 31 11.90 -4.54 -10.20
N ASP A 32 11.94 -3.25 -10.54
CA ASP A 32 12.86 -2.76 -11.55
C ASP A 32 13.05 -1.26 -11.45
N ASN A 33 14.14 -0.86 -10.78
CA ASN A 33 14.59 0.53 -10.76
C ASN A 33 13.64 1.46 -10.00
N ASN A 34 12.51 1.81 -10.61
CA ASN A 34 11.61 2.81 -10.03
C ASN A 34 10.25 2.22 -9.69
N GLU A 35 9.91 1.13 -10.35
CA GLU A 35 8.64 0.45 -10.08
C GLU A 35 8.72 -0.34 -8.78
N ILE A 36 7.84 -0.01 -7.84
CA ILE A 36 7.74 -0.75 -6.59
C ILE A 36 6.41 -1.50 -6.53
N ASN A 37 6.47 -2.78 -6.26
CA ASN A 37 5.27 -3.60 -6.24
C ASN A 37 4.81 -3.84 -4.80
N ILE A 38 3.52 -3.71 -4.58
CA ILE A 38 2.94 -4.10 -3.30
C ILE A 38 2.69 -5.59 -3.35
N ASP A 39 3.47 -6.33 -2.58
CA ASP A 39 3.47 -7.79 -2.66
C ASP A 39 2.17 -8.36 -2.13
N HIS A 40 1.84 -8.05 -0.88
CA HIS A 40 0.62 -8.56 -0.27
C HIS A 40 0.11 -7.59 0.79
N THR A 41 -1.20 -7.60 0.98
CA THR A 41 -1.84 -6.77 1.99
C THR A 41 -2.50 -7.65 3.04
N GLY A 42 -1.94 -7.64 4.24
CA GLY A 42 -2.44 -8.50 5.30
C GLY A 42 -3.21 -7.73 6.35
N VAL A 43 -4.47 -7.45 6.05
CA VAL A 43 -5.35 -6.78 7.01
C VAL A 43 -6.10 -7.83 7.81
N SER A 44 -6.01 -7.76 9.13
CA SER A 44 -6.65 -8.73 9.99
C SER A 44 -8.18 -8.61 9.91
N ASP A 45 -8.86 -9.73 10.12
CA ASP A 45 -10.31 -9.76 10.12
C ASP A 45 -10.83 -9.32 11.47
N GLU A 46 -9.94 -9.33 12.46
CA GLU A 46 -10.32 -9.01 13.83
C GLU A 46 -10.24 -7.51 14.09
N LEU A 47 -9.47 -6.79 13.30
CA LEU A 47 -9.27 -5.37 13.53
C LEU A 47 -9.17 -4.60 12.21
N GLY A 48 -10.30 -4.50 11.53
CA GLY A 48 -10.41 -3.61 10.40
C GLY A 48 -10.86 -2.23 10.83
N GLY A 49 -12.16 -2.11 11.09
CA GLY A 49 -12.70 -0.86 11.61
C GLY A 49 -12.65 0.27 10.60
N GLN A 50 -11.66 1.14 10.74
CA GLN A 50 -11.50 2.28 9.86
C GLN A 50 -10.57 1.96 8.70
N GLY A 51 -10.21 2.97 7.93
CA GLY A 51 -9.33 2.76 6.79
C GLY A 51 -7.87 2.60 7.21
N VAL A 52 -7.61 1.59 8.00
CA VAL A 52 -6.25 1.28 8.44
C VAL A 52 -5.38 0.95 7.24
N GLY A 53 -5.96 0.22 6.29
CA GLY A 53 -5.27 -0.12 5.06
C GLY A 53 -4.95 1.10 4.24
N LYS A 54 -5.84 2.09 4.28
CA LYS A 54 -5.64 3.34 3.55
C LYS A 54 -4.47 4.12 4.13
N LYS A 55 -4.33 4.06 5.46
CA LYS A 55 -3.25 4.76 6.12
C LYS A 55 -1.93 4.04 5.90
N LEU A 56 -1.98 2.72 5.74
CA LEU A 56 -0.80 1.96 5.33
C LEU A 56 -0.37 2.37 3.94
N LEU A 57 -1.32 2.37 3.02
CA LEU A 57 -1.05 2.77 1.65
C LEU A 57 -0.65 4.24 1.59
N LYS A 58 -1.19 5.04 2.49
CA LYS A 58 -0.86 6.45 2.60
C LYS A 58 0.65 6.64 2.74
N ALA A 59 1.24 5.88 3.65
CA ALA A 59 2.67 5.96 3.91
C ALA A 59 3.46 5.59 2.67
N VAL A 60 3.01 4.55 1.98
CA VAL A 60 3.66 4.09 0.76
C VAL A 60 3.53 5.15 -0.34
N VAL A 61 2.32 5.67 -0.51
CA VAL A 61 2.04 6.67 -1.53
C VAL A 61 2.83 7.95 -1.29
N GLU A 62 2.85 8.41 -0.05
CA GLU A 62 3.55 9.63 0.30
C GLU A 62 5.05 9.48 0.09
N HIS A 63 5.60 8.34 0.50
CA HIS A 63 7.02 8.07 0.35
C HIS A 63 7.35 7.78 -1.12
N ALA A 64 6.36 7.32 -1.87
CA ALA A 64 6.52 7.11 -3.30
C ALA A 64 6.51 8.43 -4.04
N ARG A 65 5.60 9.32 -3.66
CA ARG A 65 5.58 10.67 -4.19
C ARG A 65 6.90 11.37 -3.87
N GLU A 66 7.35 11.16 -2.64
CA GLU A 66 8.60 11.70 -2.14
C GLU A 66 9.76 11.39 -3.10
N ASN A 67 9.85 10.15 -3.53
CA ASN A 67 10.99 9.71 -4.36
C ASN A 67 10.57 9.50 -5.82
N ASN A 68 9.35 9.87 -6.14
CA ASN A 68 8.81 9.71 -7.51
C ASN A 68 8.89 8.25 -7.96
N LEU A 69 8.20 7.38 -7.25
CA LEU A 69 8.23 5.94 -7.54
C LEU A 69 6.92 5.49 -8.19
N LYS A 70 6.98 4.37 -8.89
CA LYS A 70 5.79 3.80 -9.53
C LYS A 70 5.14 2.79 -8.60
N ILE A 71 3.92 3.06 -8.16
CA ILE A 71 3.21 2.12 -7.30
C ILE A 71 2.36 1.15 -8.12
N ILE A 72 2.75 -0.12 -8.09
CA ILE A 72 2.00 -1.17 -8.73
C ILE A 72 1.71 -2.29 -7.74
N ALA A 73 0.43 -2.54 -7.51
CA ALA A 73 0.02 -3.53 -6.53
C ALA A 73 -0.16 -4.89 -7.17
N SER A 74 0.56 -5.89 -6.66
CA SER A 74 0.39 -7.26 -7.13
C SER A 74 -0.90 -7.84 -6.56
N CYS A 75 -1.20 -7.47 -5.32
CA CYS A 75 -2.42 -7.90 -4.68
C CYS A 75 -3.60 -7.05 -5.16
N SER A 76 -4.69 -7.73 -5.53
CA SER A 76 -5.83 -7.06 -6.12
C SER A 76 -6.55 -6.17 -5.11
N PHE A 77 -6.48 -6.53 -3.82
CA PHE A 77 -7.12 -5.74 -2.77
C PHE A 77 -6.51 -4.34 -2.72
N ALA A 78 -5.19 -4.27 -2.72
CA ALA A 78 -4.49 -3.00 -2.66
C ALA A 78 -4.71 -2.21 -3.94
N LYS A 79 -4.72 -2.92 -5.07
CA LYS A 79 -4.95 -2.27 -6.35
C LYS A 79 -6.36 -1.68 -6.42
N HIS A 80 -7.33 -2.40 -5.85
CA HIS A 80 -8.70 -1.91 -5.80
C HIS A 80 -8.80 -0.65 -4.96
N MET A 81 -7.95 -0.56 -3.94
CA MET A 81 -7.92 0.61 -3.07
C MET A 81 -7.29 1.79 -3.79
N LEU A 82 -6.34 1.50 -4.68
CA LEU A 82 -5.72 2.52 -5.52
C LEU A 82 -6.74 3.11 -6.50
N GLU A 83 -7.62 2.25 -7.00
CA GLU A 83 -8.64 2.66 -7.96
C GLU A 83 -9.83 3.29 -7.23
N LYS A 84 -9.90 3.05 -5.93
CA LYS A 84 -11.05 3.46 -5.12
C LYS A 84 -11.27 4.98 -5.17
N GLU A 85 -10.19 5.74 -5.14
CA GLU A 85 -10.30 7.19 -5.19
C GLU A 85 -9.25 7.78 -6.13
N ASP A 86 -9.39 9.06 -6.41
CA ASP A 86 -8.61 9.72 -7.46
C ASP A 86 -7.26 10.18 -6.94
N SER A 87 -7.19 10.40 -5.63
CA SER A 87 -5.99 10.94 -4.99
C SER A 87 -4.81 9.95 -5.05
N TYR A 88 -5.05 8.76 -5.58
CA TYR A 88 -3.99 7.77 -5.71
C TYR A 88 -3.37 7.78 -7.10
N GLN A 89 -3.96 8.54 -8.01
CA GLN A 89 -3.49 8.58 -9.39
C GLN A 89 -2.13 9.28 -9.46
N ASP A 90 -1.76 9.99 -8.39
CA ASP A 90 -0.47 10.66 -8.30
C ASP A 90 0.68 9.68 -8.44
N VAL A 91 0.48 8.47 -7.91
CA VAL A 91 1.53 7.46 -7.90
C VAL A 91 1.08 6.22 -8.68
N TYR A 92 -0.09 6.31 -9.29
CA TYR A 92 -0.66 5.20 -10.04
C TYR A 92 -0.51 5.46 -11.53
N LEU A 93 -0.17 4.43 -12.27
CA LEU A 93 0.05 4.55 -13.71
C LEU A 93 -1.19 5.05 -14.44
N GLY A 94 -2.35 4.54 -14.02
CA GLY A 94 -3.60 4.98 -14.61
C GLY A 94 -3.89 4.27 -15.91
N LEU A 95 -4.60 4.95 -16.80
CA LEU A 95 -4.95 4.38 -18.09
C LEU A 95 -3.97 4.87 -19.16
N GLU A 96 -3.36 3.92 -19.87
CA GLU A 96 -2.43 4.25 -20.93
C GLU A 96 -3.18 4.81 -22.14
N HIS A 97 -3.62 6.06 -22.04
CA HIS A 97 -4.26 6.75 -23.15
C HIS A 97 -3.93 8.23 -23.08
N HIS A 98 -4.47 8.94 -22.09
CA HIS A 98 -4.19 10.36 -21.93
C HIS A 98 -2.85 10.58 -21.25
N HIS A 99 -1.77 10.24 -21.95
CA HIS A 99 -0.41 10.51 -21.50
C HIS A 99 0.47 10.76 -22.71
N HIS A 100 -0.17 10.93 -23.86
CA HIS A 100 0.52 11.08 -25.14
C HIS A 100 1.45 9.89 -25.38
N HIS A 101 2.75 10.09 -25.18
CA HIS A 101 3.73 9.01 -25.27
C HIS A 101 4.88 9.28 -24.31
N HIS A 102 4.58 10.00 -23.24
CA HIS A 102 5.58 10.34 -22.24
C HIS A 102 5.12 9.96 -20.85
N MET A 1 1.88 1.10 23.75
CA MET A 1 1.81 2.56 23.54
C MET A 1 1.68 2.88 22.05
N SER A 2 1.99 1.92 21.20
CA SER A 2 1.86 2.10 19.77
C SER A 2 0.39 1.93 19.38
N ASN A 3 -0.27 3.05 19.08
CA ASN A 3 -1.69 3.03 18.78
C ASN A 3 -1.92 3.26 17.29
N LEU A 4 -2.21 2.18 16.56
CA LEU A 4 -2.46 2.23 15.12
C LEU A 4 -1.25 2.79 14.38
N GLU A 5 -0.07 2.63 14.97
CA GLU A 5 1.15 3.19 14.40
C GLU A 5 1.77 2.22 13.40
N ILE A 6 2.33 2.78 12.33
CA ILE A 6 2.96 2.01 11.29
C ILE A 6 4.44 1.83 11.57
N LYS A 7 4.85 0.63 11.93
CA LYS A 7 6.25 0.33 12.16
C LYS A 7 6.90 -0.18 10.89
N GLN A 8 8.16 0.17 10.71
CA GLN A 8 8.85 -0.13 9.47
C GLN A 8 9.76 -1.34 9.62
N GLY A 9 9.61 -2.28 8.70
CA GLY A 9 10.50 -3.43 8.64
C GLY A 9 11.13 -3.52 7.27
N GLU A 10 11.72 -4.67 6.94
CA GLU A 10 12.37 -4.86 5.65
C GLU A 10 11.34 -4.81 4.52
N ASN A 11 11.26 -3.67 3.85
CA ASN A 11 10.33 -3.48 2.73
C ASN A 11 8.88 -3.69 3.14
N LYS A 12 8.62 -3.64 4.45
CA LYS A 12 7.29 -3.87 4.97
C LYS A 12 6.88 -2.76 5.93
N PHE A 13 5.63 -2.34 5.82
CA PHE A 13 5.03 -1.45 6.80
C PHE A 13 3.95 -2.22 7.54
N TYR A 14 4.15 -2.44 8.83
CA TYR A 14 3.20 -3.22 9.60
C TYR A 14 2.61 -2.42 10.75
N ILE A 15 1.30 -2.40 10.82
CA ILE A 15 0.60 -1.75 11.91
C ILE A 15 0.31 -2.77 13.00
N GLY A 16 0.69 -2.43 14.21
CA GLY A 16 0.55 -3.32 15.33
C GLY A 16 1.53 -2.95 16.41
N ASP A 17 2.03 -3.94 17.13
CA ASP A 17 2.98 -3.67 18.21
C ASP A 17 4.17 -4.62 18.15
N ASP A 18 3.91 -5.86 17.76
CA ASP A 18 4.96 -6.87 17.66
C ASP A 18 4.98 -7.42 16.24
N GLU A 19 6.02 -8.17 15.90
CA GLU A 19 6.10 -8.81 14.58
C GLU A 19 5.04 -9.90 14.47
N ASN A 20 4.70 -10.49 15.61
CA ASN A 20 3.62 -11.47 15.68
C ASN A 20 2.28 -10.75 15.81
N ASN A 21 2.32 -9.62 16.50
CA ASN A 21 1.12 -8.81 16.72
C ASN A 21 0.93 -7.81 15.60
N ALA A 22 1.25 -8.26 14.38
CA ALA A 22 1.01 -7.45 13.19
C ALA A 22 -0.42 -7.62 12.74
N LEU A 23 -1.23 -6.59 12.91
CA LEU A 23 -2.63 -6.62 12.55
C LEU A 23 -2.81 -6.30 11.08
N ALA A 24 -1.82 -5.63 10.52
CA ALA A 24 -1.84 -5.27 9.11
C ALA A 24 -0.43 -5.04 8.59
N GLU A 25 0.08 -5.97 7.79
CA GLU A 25 1.40 -5.77 7.20
C GLU A 25 1.27 -5.62 5.68
N ILE A 26 1.88 -4.58 5.15
CA ILE A 26 1.89 -4.35 3.72
C ILE A 26 3.34 -4.28 3.21
N THR A 27 3.65 -5.11 2.24
CA THR A 27 5.00 -5.18 1.72
C THR A 27 5.08 -4.58 0.32
N TYR A 28 6.15 -3.85 0.06
CA TYR A 28 6.39 -3.28 -1.25
C TYR A 28 7.79 -3.61 -1.73
N ARG A 29 7.90 -4.19 -2.92
CA ARG A 29 9.18 -4.57 -3.46
C ARG A 29 9.49 -3.74 -4.70
N PHE A 30 10.72 -3.81 -5.16
CA PHE A 30 11.15 -3.04 -6.32
C PHE A 30 11.16 -3.92 -7.57
N VAL A 31 10.23 -3.66 -8.49
CA VAL A 31 10.25 -4.29 -9.79
C VAL A 31 11.13 -3.47 -10.73
N ASP A 32 11.27 -2.21 -10.38
CA ASP A 32 12.15 -1.30 -11.07
C ASP A 32 12.83 -0.41 -10.03
N ASN A 33 13.90 0.26 -10.42
CA ASN A 33 14.68 1.07 -9.50
C ASN A 33 13.86 2.25 -8.96
N ASN A 34 12.85 2.65 -9.72
CA ASN A 34 11.98 3.75 -9.29
C ASN A 34 10.51 3.35 -9.35
N GLU A 35 10.24 2.05 -9.40
CA GLU A 35 8.85 1.57 -9.45
C GLU A 35 8.67 0.40 -8.49
N ILE A 36 7.72 0.56 -7.57
CA ILE A 36 7.51 -0.42 -6.52
C ILE A 36 6.18 -1.14 -6.67
N ASN A 37 6.13 -2.38 -6.21
CA ASN A 37 4.92 -3.17 -6.25
C ASN A 37 4.53 -3.61 -4.84
N ILE A 38 3.25 -3.57 -4.53
CA ILE A 38 2.76 -4.05 -3.26
C ILE A 38 2.47 -5.54 -3.34
N ASP A 39 3.36 -6.33 -2.73
CA ASP A 39 3.26 -7.78 -2.79
C ASP A 39 2.07 -8.28 -1.98
N HIS A 40 2.14 -8.07 -0.67
CA HIS A 40 1.14 -8.59 0.24
C HIS A 40 0.58 -7.50 1.15
N THR A 41 -0.73 -7.45 1.22
CA THR A 41 -1.42 -6.56 2.14
C THR A 41 -2.31 -7.38 3.07
N GLY A 42 -1.82 -7.67 4.26
CA GLY A 42 -2.56 -8.51 5.16
C GLY A 42 -3.14 -7.73 6.31
N VAL A 43 -4.42 -7.40 6.20
CA VAL A 43 -5.12 -6.65 7.24
C VAL A 43 -6.24 -7.50 7.83
N SER A 44 -6.23 -7.68 9.14
CA SER A 44 -7.30 -8.39 9.81
C SER A 44 -8.58 -7.56 9.78
N ASP A 45 -9.64 -8.13 9.25
CA ASP A 45 -10.88 -7.42 9.04
C ASP A 45 -11.81 -7.57 10.25
N GLU A 46 -11.21 -7.64 11.43
CA GLU A 46 -11.96 -7.79 12.68
C GLU A 46 -13.04 -6.71 12.82
N LEU A 47 -12.74 -5.52 12.30
CA LEU A 47 -13.66 -4.39 12.40
C LEU A 47 -14.55 -4.29 11.16
N GLY A 48 -14.44 -5.27 10.27
CA GLY A 48 -15.21 -5.22 9.03
C GLY A 48 -14.80 -4.05 8.16
N GLY A 49 -13.52 -3.73 8.18
CA GLY A 49 -13.03 -2.57 7.47
C GLY A 49 -12.75 -1.41 8.41
N GLN A 50 -11.51 -0.97 8.45
CA GLN A 50 -11.10 0.11 9.33
C GLN A 50 -10.17 1.07 8.60
N GLY A 51 -9.88 2.21 9.23
CA GLY A 51 -9.04 3.22 8.60
C GLY A 51 -7.59 2.79 8.47
N VAL A 52 -7.23 1.72 9.18
CA VAL A 52 -5.87 1.15 9.12
C VAL A 52 -5.42 0.93 7.69
N GLY A 53 -6.33 0.52 6.82
CA GLY A 53 -6.00 0.27 5.43
C GLY A 53 -5.44 1.49 4.72
N LYS A 54 -6.11 2.63 4.88
CA LYS A 54 -5.69 3.85 4.19
C LYS A 54 -4.46 4.46 4.87
N LYS A 55 -4.28 4.18 6.16
CA LYS A 55 -3.08 4.63 6.87
C LYS A 55 -1.84 4.06 6.20
N LEU A 56 -1.90 2.76 5.88
CA LEU A 56 -0.80 2.08 5.21
C LEU A 56 -0.54 2.71 3.84
N LEU A 57 -1.61 2.88 3.06
CA LEU A 57 -1.50 3.46 1.72
C LEU A 57 -0.88 4.85 1.75
N LYS A 58 -1.33 5.68 2.69
CA LYS A 58 -0.83 7.04 2.81
C LYS A 58 0.68 7.04 2.99
N ALA A 59 1.17 6.13 3.84
CA ALA A 59 2.60 6.02 4.10
C ALA A 59 3.35 5.56 2.86
N VAL A 60 2.79 4.59 2.16
CA VAL A 60 3.40 4.07 0.94
C VAL A 60 3.46 5.15 -0.14
N VAL A 61 2.33 5.83 -0.36
CA VAL A 61 2.26 6.89 -1.36
C VAL A 61 3.22 8.03 -1.00
N GLU A 62 3.30 8.35 0.29
CA GLU A 62 4.17 9.40 0.78
C GLU A 62 5.63 9.05 0.46
N HIS A 63 6.01 7.83 0.79
CA HIS A 63 7.36 7.34 0.56
C HIS A 63 7.62 7.17 -0.94
N ALA A 64 6.56 6.93 -1.69
CA ALA A 64 6.67 6.82 -3.13
C ALA A 64 7.03 8.18 -3.75
N ARG A 65 6.24 9.20 -3.44
CA ARG A 65 6.50 10.54 -3.96
C ARG A 65 7.85 11.03 -3.45
N GLU A 66 8.16 10.65 -2.22
CA GLU A 66 9.42 11.00 -1.56
C GLU A 66 10.63 10.63 -2.41
N ASN A 67 10.66 9.41 -2.93
CA ASN A 67 11.81 8.91 -3.67
C ASN A 67 11.52 8.87 -5.17
N ASN A 68 10.39 9.43 -5.57
CA ASN A 68 9.93 9.38 -6.97
C ASN A 68 9.75 7.93 -7.41
N LEU A 69 8.73 7.28 -6.85
CA LEU A 69 8.47 5.88 -7.13
C LEU A 69 7.06 5.72 -7.71
N LYS A 70 6.94 4.84 -8.70
CA LYS A 70 5.64 4.50 -9.26
C LYS A 70 5.02 3.38 -8.44
N ILE A 71 3.70 3.39 -8.30
CA ILE A 71 3.03 2.42 -7.43
C ILE A 71 2.15 1.46 -8.22
N ILE A 72 2.45 0.18 -8.11
CA ILE A 72 1.57 -0.88 -8.58
C ILE A 72 1.33 -1.87 -7.44
N ALA A 73 0.17 -2.50 -7.42
CA ALA A 73 -0.17 -3.41 -6.34
C ALA A 73 -0.60 -4.77 -6.86
N SER A 74 -0.08 -5.82 -6.23
CA SER A 74 -0.42 -7.18 -6.62
C SER A 74 -1.71 -7.62 -5.91
N CYS A 75 -1.82 -7.29 -4.63
CA CYS A 75 -3.01 -7.62 -3.86
C CYS A 75 -4.24 -6.91 -4.41
N SER A 76 -5.27 -7.68 -4.72
CA SER A 76 -6.51 -7.17 -5.30
C SER A 76 -7.16 -6.14 -4.40
N PHE A 77 -7.10 -6.39 -3.09
CA PHE A 77 -7.72 -5.52 -2.09
C PHE A 77 -7.11 -4.12 -2.15
N ALA A 78 -5.79 -4.06 -2.31
CA ALA A 78 -5.09 -2.79 -2.34
C ALA A 78 -5.13 -2.15 -3.71
N LYS A 79 -4.94 -2.98 -4.75
CA LYS A 79 -4.88 -2.49 -6.13
C LYS A 79 -6.18 -1.78 -6.51
N HIS A 80 -7.31 -2.42 -6.25
CA HIS A 80 -8.60 -1.88 -6.64
C HIS A 80 -8.94 -0.64 -5.82
N MET A 81 -8.23 -0.45 -4.71
CA MET A 81 -8.44 0.71 -3.86
C MET A 81 -7.93 1.96 -4.56
N LEU A 82 -6.78 1.84 -5.22
CA LEU A 82 -6.20 2.97 -5.96
C LEU A 82 -6.94 3.17 -7.29
N GLU A 83 -7.57 2.11 -7.77
CA GLU A 83 -8.43 2.21 -8.95
C GLU A 83 -9.60 3.13 -8.66
N LYS A 84 -10.13 2.99 -7.44
CA LYS A 84 -11.27 3.79 -7.01
C LYS A 84 -10.80 5.18 -6.59
N GLU A 85 -9.77 5.24 -5.76
CA GLU A 85 -9.26 6.49 -5.24
C GLU A 85 -8.53 7.28 -6.33
N ASP A 86 -9.24 8.22 -6.95
CA ASP A 86 -8.69 8.99 -8.06
C ASP A 86 -7.56 9.90 -7.62
N SER A 87 -7.49 10.18 -6.32
CA SER A 87 -6.40 10.97 -5.76
C SER A 87 -5.07 10.24 -5.87
N TYR A 88 -5.12 8.91 -5.99
CA TYR A 88 -3.90 8.12 -6.10
C TYR A 88 -3.68 7.69 -7.54
N GLN A 89 -4.47 8.23 -8.47
CA GLN A 89 -4.36 7.88 -9.87
C GLN A 89 -3.03 8.34 -10.45
N ASP A 90 -2.46 9.36 -9.83
CA ASP A 90 -1.17 9.91 -10.24
C ASP A 90 -0.05 8.90 -10.05
N VAL A 91 0.00 8.30 -8.87
CA VAL A 91 1.08 7.37 -8.54
C VAL A 91 0.78 5.96 -9.03
N TYR A 92 -0.50 5.67 -9.27
CA TYR A 92 -0.90 4.38 -9.80
C TYR A 92 -0.64 4.32 -11.29
N LEU A 93 -0.21 3.16 -11.78
CA LEU A 93 0.06 2.97 -13.20
C LEU A 93 -1.08 2.18 -13.84
N GLY A 94 -1.98 2.91 -14.49
CA GLY A 94 -3.08 2.27 -15.19
C GLY A 94 -2.63 1.71 -16.52
N LEU A 95 -3.29 0.65 -16.97
CA LEU A 95 -2.95 0.00 -18.24
C LEU A 95 -3.56 0.77 -19.40
N GLU A 96 -4.63 1.49 -19.13
CA GLU A 96 -5.27 2.31 -20.14
C GLU A 96 -4.68 3.71 -20.16
N HIS A 97 -4.53 4.26 -21.35
CA HIS A 97 -3.96 5.59 -21.51
C HIS A 97 -4.98 6.67 -21.21
N HIS A 98 -4.72 7.46 -20.17
CA HIS A 98 -5.58 8.57 -19.81
C HIS A 98 -5.29 9.76 -20.74
N HIS A 99 -4.24 9.61 -21.56
CA HIS A 99 -3.81 10.64 -22.51
C HIS A 99 -3.21 11.85 -21.80
N HIS A 100 -3.12 11.74 -20.48
CA HIS A 100 -2.64 12.83 -19.64
C HIS A 100 -2.60 12.33 -18.21
N HIS A 101 -1.40 12.13 -17.67
CA HIS A 101 -1.28 11.59 -16.33
C HIS A 101 -1.27 12.71 -15.29
N HIS A 102 -2.40 13.40 -15.18
CA HIS A 102 -2.55 14.48 -14.22
C HIS A 102 -4.03 14.70 -13.94
N MET A 1 1.16 -3.64 23.47
CA MET A 1 0.42 -2.43 23.91
C MET A 1 -0.24 -1.74 22.71
N SER A 2 -0.30 -2.45 21.58
CA SER A 2 -0.86 -1.91 20.33
C SER A 2 -0.06 -0.72 19.80
N ASN A 3 0.71 -0.97 18.75
CA ASN A 3 1.53 0.08 18.15
C ASN A 3 0.67 0.99 17.29
N LEU A 4 0.51 2.23 17.73
CA LEU A 4 -0.21 3.24 16.96
C LEU A 4 0.75 3.92 16.00
N GLU A 5 2.04 3.76 16.26
CA GLU A 5 3.07 4.29 15.40
C GLU A 5 3.40 3.27 14.32
N ILE A 6 3.65 3.76 13.11
CA ILE A 6 3.97 2.90 11.97
C ILE A 6 5.22 2.08 12.27
N LYS A 7 5.04 0.78 12.46
CA LYS A 7 6.13 -0.11 12.79
C LYS A 7 6.91 -0.46 11.53
N GLN A 8 8.16 -0.05 11.48
CA GLN A 8 8.99 -0.26 10.31
C GLN A 8 9.75 -1.58 10.41
N GLY A 9 9.55 -2.44 9.42
CA GLY A 9 10.22 -3.72 9.40
C GLY A 9 10.91 -3.97 8.07
N GLU A 10 11.29 -5.22 7.85
CA GLU A 10 11.99 -5.63 6.62
C GLU A 10 11.13 -5.34 5.40
N ASN A 11 11.38 -4.19 4.77
CA ASN A 11 10.67 -3.79 3.54
C ASN A 11 9.16 -3.76 3.73
N LYS A 12 8.71 -3.62 4.97
CA LYS A 12 7.30 -3.64 5.26
C LYS A 12 6.93 -2.65 6.34
N PHE A 13 5.75 -2.05 6.21
CA PHE A 13 5.19 -1.20 7.24
C PHE A 13 3.95 -1.87 7.80
N TYR A 14 3.87 -2.01 9.11
CA TYR A 14 2.75 -2.72 9.71
C TYR A 14 2.31 -2.07 11.01
N ILE A 15 1.06 -2.30 11.35
CA ILE A 15 0.49 -1.82 12.60
C ILE A 15 -0.20 -2.97 13.34
N GLY A 16 0.15 -3.15 14.60
CA GLY A 16 -0.41 -4.24 15.38
C GLY A 16 0.15 -4.26 16.78
N ASP A 17 -0.15 -5.33 17.51
CA ASP A 17 0.33 -5.44 18.89
C ASP A 17 1.72 -6.06 18.93
N ASP A 18 2.00 -6.91 17.95
CA ASP A 18 3.31 -7.53 17.77
C ASP A 18 3.44 -8.04 16.35
N GLU A 19 4.66 -8.28 15.89
CA GLU A 19 4.89 -8.72 14.51
C GLU A 19 4.37 -10.13 14.27
N ASN A 20 4.10 -10.86 15.35
CA ASN A 20 3.55 -12.21 15.25
C ASN A 20 2.08 -12.16 14.84
N ASN A 21 1.47 -10.98 14.97
CA ASN A 21 0.07 -10.80 14.64
C ASN A 21 -0.23 -9.33 14.43
N ALA A 22 0.14 -8.82 13.27
CA ALA A 22 -0.15 -7.44 12.91
C ALA A 22 -1.58 -7.33 12.39
N LEU A 23 -2.19 -6.18 12.59
CA LEU A 23 -3.56 -5.96 12.14
C LEU A 23 -3.56 -5.61 10.65
N ALA A 24 -2.43 -5.09 10.19
CA ALA A 24 -2.25 -4.75 8.79
C ALA A 24 -0.78 -4.57 8.47
N GLU A 25 -0.30 -5.28 7.46
CA GLU A 25 1.07 -5.15 7.00
C GLU A 25 1.10 -4.91 5.50
N ILE A 26 1.80 -3.86 5.08
CA ILE A 26 1.96 -3.58 3.67
C ILE A 26 3.41 -3.73 3.26
N THR A 27 3.66 -4.56 2.26
CA THR A 27 5.01 -4.80 1.82
C THR A 27 5.25 -4.17 0.45
N TYR A 28 6.41 -3.55 0.29
CA TYR A 28 6.74 -2.91 -0.97
C TYR A 28 8.19 -3.22 -1.33
N ARG A 29 8.47 -3.32 -2.61
CA ARG A 29 9.81 -3.61 -3.08
C ARG A 29 10.02 -3.06 -4.49
N PHE A 30 11.26 -2.71 -4.78
CA PHE A 30 11.63 -2.19 -6.10
C PHE A 30 11.86 -3.37 -7.04
N VAL A 31 11.11 -3.41 -8.14
CA VAL A 31 11.25 -4.51 -9.09
C VAL A 31 12.35 -4.21 -10.11
N ASP A 32 12.42 -2.98 -10.60
CA ASP A 32 13.43 -2.62 -11.58
C ASP A 32 13.91 -1.19 -11.39
N ASN A 33 13.18 -0.23 -11.94
CA ASN A 33 13.66 1.16 -11.96
C ASN A 33 12.92 2.02 -10.93
N ASN A 34 11.72 2.47 -11.28
CA ASN A 34 10.94 3.33 -10.39
C ASN A 34 9.69 2.61 -9.95
N GLU A 35 9.60 1.36 -10.34
CA GLU A 35 8.40 0.57 -10.11
C GLU A 35 8.49 -0.15 -8.76
N ILE A 36 7.58 0.18 -7.86
CA ILE A 36 7.48 -0.51 -6.59
C ILE A 36 6.18 -1.31 -6.55
N ASN A 37 6.29 -2.60 -6.28
CA ASN A 37 5.10 -3.43 -6.23
C ASN A 37 4.72 -3.73 -4.80
N ILE A 38 3.44 -3.61 -4.51
CA ILE A 38 2.91 -4.00 -3.22
C ILE A 38 2.69 -5.50 -3.22
N ASP A 39 3.68 -6.23 -2.70
CA ASP A 39 3.69 -7.68 -2.72
C ASP A 39 2.40 -8.26 -2.14
N HIS A 40 2.13 -7.91 -0.89
CA HIS A 40 0.89 -8.33 -0.25
C HIS A 40 0.46 -7.29 0.78
N THR A 41 -0.83 -7.12 0.94
CA THR A 41 -1.36 -6.23 1.95
C THR A 41 -2.09 -7.06 2.99
N GLY A 42 -1.33 -7.54 3.97
CA GLY A 42 -1.87 -8.44 4.97
C GLY A 42 -2.68 -7.70 6.01
N VAL A 43 -3.93 -7.43 5.69
CA VAL A 43 -4.81 -6.70 6.58
C VAL A 43 -5.88 -7.61 7.16
N SER A 44 -6.06 -7.53 8.47
CA SER A 44 -7.13 -8.23 9.13
C SER A 44 -8.36 -7.34 9.16
N ASP A 45 -9.49 -7.93 8.82
CA ASP A 45 -10.73 -7.16 8.69
C ASP A 45 -11.56 -7.26 9.96
N GLU A 46 -10.92 -7.73 11.03
CA GLU A 46 -11.53 -7.77 12.35
C GLU A 46 -11.89 -6.37 12.82
N LEU A 47 -11.00 -5.43 12.54
CA LEU A 47 -11.18 -4.04 12.95
C LEU A 47 -10.26 -3.13 12.15
N GLY A 48 -9.06 -3.64 11.85
CA GLY A 48 -8.11 -2.89 11.06
C GLY A 48 -8.55 -2.73 9.62
N GLY A 49 -7.75 -2.02 8.84
CA GLY A 49 -8.08 -1.81 7.45
C GLY A 49 -8.83 -0.51 7.21
N GLN A 50 -9.84 -0.27 8.04
CA GLN A 50 -10.67 0.93 7.95
C GLN A 50 -9.82 2.20 7.84
N GLY A 51 -9.08 2.50 8.89
CA GLY A 51 -8.19 3.64 8.87
C GLY A 51 -6.74 3.22 8.75
N VAL A 52 -6.43 2.04 9.28
CA VAL A 52 -5.07 1.51 9.25
C VAL A 52 -4.61 1.22 7.83
N GLY A 53 -5.54 0.74 6.99
CA GLY A 53 -5.21 0.36 5.63
C GLY A 53 -4.71 1.54 4.82
N LYS A 54 -5.48 2.61 4.79
CA LYS A 54 -5.12 3.79 4.03
C LYS A 54 -3.96 4.53 4.68
N LYS A 55 -3.78 4.33 5.99
CA LYS A 55 -2.69 4.98 6.71
C LYS A 55 -1.35 4.46 6.20
N LEU A 56 -1.22 3.13 6.18
CA LEU A 56 0.00 2.49 5.71
C LEU A 56 0.18 2.75 4.21
N LEU A 57 -0.93 2.71 3.49
CA LEU A 57 -0.91 2.98 2.05
C LEU A 57 -0.45 4.41 1.78
N LYS A 58 -0.96 5.35 2.59
CA LYS A 58 -0.64 6.76 2.43
C LYS A 58 0.86 7.01 2.51
N ALA A 59 1.50 6.41 3.51
CA ALA A 59 2.94 6.57 3.70
C ALA A 59 3.71 6.04 2.49
N VAL A 60 3.24 4.94 1.91
CA VAL A 60 3.86 4.36 0.74
C VAL A 60 3.66 5.29 -0.48
N VAL A 61 2.44 5.79 -0.64
CA VAL A 61 2.13 6.71 -1.72
C VAL A 61 2.95 8.00 -1.58
N GLU A 62 3.07 8.48 -0.35
CA GLU A 62 3.87 9.66 -0.05
C GLU A 62 5.33 9.43 -0.42
N HIS A 63 5.85 8.26 -0.04
CA HIS A 63 7.22 7.91 -0.34
C HIS A 63 7.43 7.75 -1.85
N ALA A 64 6.42 7.22 -2.53
CA ALA A 64 6.45 7.07 -3.98
C ALA A 64 6.40 8.44 -4.66
N ARG A 65 5.53 9.31 -4.17
CA ARG A 65 5.44 10.67 -4.67
C ARG A 65 6.76 11.41 -4.46
N GLU A 66 7.31 11.25 -3.28
CA GLU A 66 8.52 11.95 -2.88
C GLU A 66 9.72 11.56 -3.75
N ASN A 67 9.90 10.26 -3.97
CA ASN A 67 11.05 9.76 -4.72
C ASN A 67 10.74 9.62 -6.21
N ASN A 68 9.53 10.02 -6.58
CA ASN A 68 9.06 9.93 -7.96
C ASN A 68 9.10 8.48 -8.44
N LEU A 69 8.19 7.69 -7.88
CA LEU A 69 8.11 6.28 -8.20
C LEU A 69 6.72 5.95 -8.74
N LYS A 70 6.54 4.72 -9.18
CA LYS A 70 5.24 4.26 -9.65
C LYS A 70 4.82 3.02 -8.86
N ILE A 71 3.60 3.05 -8.36
CA ILE A 71 3.09 1.98 -7.53
C ILE A 71 2.28 0.99 -8.36
N ILE A 72 2.63 -0.28 -8.26
CA ILE A 72 1.84 -1.35 -8.86
C ILE A 72 1.37 -2.31 -7.78
N ALA A 73 0.09 -2.64 -7.82
CA ALA A 73 -0.51 -3.46 -6.78
C ALA A 73 -0.52 -4.94 -7.18
N SER A 74 0.21 -5.75 -6.43
CA SER A 74 0.20 -7.18 -6.64
C SER A 74 -0.91 -7.82 -5.81
N CYS A 75 -1.27 -7.13 -4.74
CA CYS A 75 -2.33 -7.58 -3.85
C CYS A 75 -3.67 -6.98 -4.28
N SER A 76 -4.72 -7.80 -4.22
CA SER A 76 -6.05 -7.37 -4.64
C SER A 76 -6.63 -6.32 -3.71
N PHE A 77 -6.24 -6.37 -2.43
CA PHE A 77 -6.73 -5.42 -1.45
C PHE A 77 -6.22 -4.02 -1.79
N ALA A 78 -4.92 -3.90 -2.00
CA ALA A 78 -4.31 -2.64 -2.37
C ALA A 78 -4.82 -2.17 -3.73
N LYS A 79 -5.04 -3.12 -4.62
CA LYS A 79 -5.56 -2.83 -5.96
C LYS A 79 -6.89 -2.10 -5.87
N HIS A 80 -7.82 -2.64 -5.09
CA HIS A 80 -9.17 -2.10 -5.01
C HIS A 80 -9.20 -0.75 -4.31
N MET A 81 -8.14 -0.40 -3.60
CA MET A 81 -8.05 0.91 -2.99
C MET A 81 -7.52 1.93 -3.97
N LEU A 82 -6.41 1.58 -4.63
CA LEU A 82 -5.73 2.49 -5.55
C LEU A 82 -6.51 2.66 -6.86
N GLU A 83 -7.07 1.57 -7.35
CA GLU A 83 -7.75 1.55 -8.64
C GLU A 83 -9.03 2.40 -8.63
N LYS A 84 -9.65 2.49 -7.47
CA LYS A 84 -10.95 3.14 -7.37
C LYS A 84 -10.85 4.59 -6.89
N GLU A 85 -9.87 4.88 -6.04
CA GLU A 85 -9.77 6.20 -5.44
C GLU A 85 -8.79 7.08 -6.21
N ASP A 86 -9.29 8.24 -6.63
CA ASP A 86 -8.50 9.18 -7.45
C ASP A 86 -7.44 9.89 -6.62
N SER A 87 -7.58 9.82 -5.30
CA SER A 87 -6.68 10.54 -4.40
C SER A 87 -5.23 10.03 -4.53
N TYR A 88 -5.07 8.76 -4.86
CA TYR A 88 -3.74 8.16 -4.96
C TYR A 88 -3.33 7.96 -6.41
N GLN A 89 -4.25 8.17 -7.33
CA GLN A 89 -3.99 7.88 -8.73
C GLN A 89 -3.24 9.01 -9.43
N ASP A 90 -1.95 9.10 -9.13
CA ASP A 90 -1.05 9.98 -9.84
C ASP A 90 0.30 9.28 -10.01
N VAL A 91 0.77 8.69 -8.93
CA VAL A 91 1.98 7.87 -8.96
C VAL A 91 1.62 6.39 -9.11
N TYR A 92 0.33 6.14 -9.27
CA TYR A 92 -0.18 4.79 -9.45
C TYR A 92 -0.47 4.53 -10.92
N LEU A 93 -0.13 3.35 -11.40
CA LEU A 93 -0.36 3.01 -12.79
C LEU A 93 -1.79 2.53 -13.01
N GLY A 94 -2.66 3.49 -13.28
CA GLY A 94 -4.05 3.18 -13.57
C GLY A 94 -4.70 4.31 -14.34
N LEU A 95 -5.45 5.16 -13.64
CA LEU A 95 -6.05 6.35 -14.24
C LEU A 95 -6.94 6.00 -15.42
N GLU A 96 -8.06 5.33 -15.14
CA GLU A 96 -8.98 4.96 -16.20
C GLU A 96 -10.12 5.99 -16.26
N HIS A 97 -9.95 6.96 -17.13
CA HIS A 97 -11.02 7.91 -17.41
C HIS A 97 -11.76 7.46 -18.66
N HIS A 98 -12.90 6.82 -18.46
CA HIS A 98 -13.61 6.14 -19.52
C HIS A 98 -14.25 7.14 -20.48
N HIS A 99 -13.93 6.97 -21.76
CA HIS A 99 -14.53 7.76 -22.82
C HIS A 99 -15.60 6.95 -23.52
N HIS A 100 -16.40 7.60 -24.36
CA HIS A 100 -17.47 6.91 -25.07
C HIS A 100 -16.93 6.11 -26.24
N HIS A 101 -16.47 4.91 -25.94
CA HIS A 101 -16.05 3.96 -26.96
C HIS A 101 -16.73 2.63 -26.69
N HIS A 102 -16.37 2.05 -25.57
CA HIS A 102 -16.98 0.80 -25.12
C HIS A 102 -16.70 0.62 -23.63
N MET A 1 -1.69 -3.19 23.40
CA MET A 1 -1.11 -1.90 23.82
C MET A 1 0.17 -1.61 23.06
N SER A 2 0.07 -0.71 22.09
CA SER A 2 1.20 -0.32 21.27
C SER A 2 0.85 0.94 20.49
N ASN A 3 1.71 1.33 19.56
CA ASN A 3 1.48 2.50 18.74
C ASN A 3 0.78 2.11 17.45
N LEU A 4 -0.23 2.89 17.07
CA LEU A 4 -0.96 2.69 15.83
C LEU A 4 -0.17 3.25 14.64
N GLU A 5 1.08 3.59 14.91
CA GLU A 5 1.96 4.15 13.89
C GLU A 5 2.61 3.05 13.07
N ILE A 6 3.00 3.40 11.86
CA ILE A 6 3.61 2.47 10.94
C ILE A 6 5.02 2.09 11.39
N LYS A 7 5.20 0.83 11.73
CA LYS A 7 6.51 0.33 12.09
C LYS A 7 7.21 -0.25 10.87
N GLN A 8 8.40 0.25 10.61
CA GLN A 8 9.16 -0.17 9.44
C GLN A 8 9.89 -1.49 9.69
N GLY A 9 9.99 -2.30 8.64
CA GLY A 9 10.69 -3.57 8.73
C GLY A 9 11.29 -3.96 7.41
N GLU A 10 11.72 -5.20 7.29
CA GLU A 10 12.36 -5.69 6.07
C GLU A 10 11.39 -5.67 4.89
N ASN A 11 11.50 -4.64 4.06
CA ASN A 11 10.69 -4.51 2.84
C ASN A 11 9.20 -4.45 3.16
N LYS A 12 8.87 -4.07 4.39
CA LYS A 12 7.49 -4.06 4.83
C LYS A 12 7.23 -2.92 5.80
N PHE A 13 5.99 -2.45 5.80
CA PHE A 13 5.53 -1.49 6.77
C PHE A 13 4.31 -2.09 7.48
N TYR A 14 4.40 -2.28 8.78
CA TYR A 14 3.33 -2.95 9.50
C TYR A 14 2.87 -2.14 10.71
N ILE A 15 1.56 -1.99 10.82
CA ILE A 15 0.94 -1.43 12.00
C ILE A 15 0.42 -2.55 12.85
N GLY A 16 1.16 -2.88 13.90
CA GLY A 16 0.78 -3.99 14.73
C GLY A 16 0.89 -3.69 16.19
N ASP A 17 -0.13 -4.08 16.93
CA ASP A 17 -0.15 -3.96 18.38
C ASP A 17 0.86 -4.94 18.96
N ASP A 18 1.00 -6.05 18.26
CA ASP A 18 2.02 -7.04 18.53
C ASP A 18 2.57 -7.51 17.20
N GLU A 19 3.79 -8.05 17.17
CA GLU A 19 4.39 -8.48 15.92
C GLU A 19 3.78 -9.79 15.42
N ASN A 20 3.16 -10.55 16.31
CA ASN A 20 2.43 -11.75 15.93
C ASN A 20 1.00 -11.38 15.56
N ASN A 21 0.56 -10.23 16.07
CA ASN A 21 -0.78 -9.73 15.79
C ASN A 21 -0.69 -8.44 14.98
N ALA A 22 0.14 -8.46 13.96
CA ALA A 22 0.24 -7.33 13.05
C ALA A 22 -1.06 -7.17 12.28
N LEU A 23 -1.87 -6.23 12.71
CA LEU A 23 -3.20 -6.03 12.14
C LEU A 23 -3.11 -5.70 10.66
N ALA A 24 -2.37 -4.67 10.34
CA ALA A 24 -2.27 -4.21 8.96
C ALA A 24 -0.80 -4.10 8.54
N GLU A 25 -0.38 -4.96 7.63
CA GLU A 25 0.97 -4.91 7.12
C GLU A 25 0.97 -4.83 5.60
N ILE A 26 1.80 -3.94 5.07
CA ILE A 26 1.93 -3.80 3.63
C ILE A 26 3.38 -4.03 3.21
N THR A 27 3.56 -4.84 2.18
CA THR A 27 4.88 -5.15 1.67
C THR A 27 5.00 -4.68 0.23
N TYR A 28 6.14 -4.14 -0.14
CA TYR A 28 6.36 -3.68 -1.51
C TYR A 28 7.80 -3.95 -1.94
N ARG A 29 7.98 -4.19 -3.22
CA ARG A 29 9.29 -4.52 -3.73
C ARG A 29 9.64 -3.59 -4.88
N PHE A 30 10.93 -3.40 -5.10
CA PHE A 30 11.39 -2.63 -6.24
C PHE A 30 11.59 -3.55 -7.44
N VAL A 31 10.65 -3.52 -8.37
CA VAL A 31 10.76 -4.32 -9.58
C VAL A 31 11.79 -3.70 -10.51
N ASP A 32 11.88 -2.38 -10.44
CA ASP A 32 12.89 -1.62 -11.16
C ASP A 32 13.32 -0.46 -10.28
N ASN A 33 14.40 0.22 -10.64
CA ASN A 33 14.92 1.31 -9.81
C ASN A 33 14.13 2.58 -10.06
N ASN A 34 12.82 2.50 -9.86
CA ASN A 34 11.89 3.63 -10.05
C ASN A 34 10.45 3.15 -9.93
N GLU A 35 10.21 1.87 -10.19
CA GLU A 35 8.86 1.30 -10.08
C GLU A 35 8.79 0.31 -8.93
N ILE A 36 7.76 0.44 -8.12
CA ILE A 36 7.55 -0.42 -6.97
C ILE A 36 6.22 -1.15 -7.10
N ASN A 37 6.20 -2.41 -6.68
CA ASN A 37 4.97 -3.18 -6.72
C ASN A 37 4.53 -3.53 -5.30
N ILE A 38 3.23 -3.43 -5.05
CA ILE A 38 2.68 -3.89 -3.79
C ILE A 38 2.63 -5.40 -3.80
N ASP A 39 3.51 -6.00 -3.01
CA ASP A 39 3.66 -7.45 -2.95
C ASP A 39 2.49 -8.06 -2.20
N HIS A 40 2.12 -7.45 -1.08
CA HIS A 40 1.04 -7.94 -0.24
C HIS A 40 0.52 -6.81 0.65
N THR A 41 -0.77 -6.84 0.94
CA THR A 41 -1.37 -5.87 1.85
C THR A 41 -2.39 -6.57 2.74
N GLY A 42 -1.98 -6.86 3.97
CA GLY A 42 -2.86 -7.55 4.88
C GLY A 42 -3.40 -6.62 5.94
N VAL A 43 -4.59 -6.10 5.72
CA VAL A 43 -5.20 -5.18 6.66
C VAL A 43 -6.38 -5.84 7.37
N SER A 44 -6.12 -6.31 8.59
CA SER A 44 -7.16 -6.87 9.42
C SER A 44 -7.81 -5.75 10.24
N ASP A 45 -9.10 -5.84 10.42
CA ASP A 45 -9.83 -4.79 11.14
C ASP A 45 -10.54 -5.36 12.35
N GLU A 46 -10.02 -5.02 13.51
CA GLU A 46 -10.64 -5.36 14.76
C GLU A 46 -11.10 -4.08 15.45
N LEU A 47 -10.89 -2.96 14.79
CA LEU A 47 -11.12 -1.66 15.39
C LEU A 47 -12.44 -1.05 14.93
N GLY A 48 -12.79 -1.24 13.67
CA GLY A 48 -14.04 -0.73 13.16
C GLY A 48 -13.85 0.15 11.94
N GLY A 49 -12.84 -0.16 11.14
CA GLY A 49 -12.59 0.57 9.92
C GLY A 49 -12.26 2.04 10.16
N GLN A 50 -11.39 2.31 11.14
CA GLN A 50 -11.04 3.68 11.47
C GLN A 50 -9.93 4.20 10.57
N GLY A 51 -9.52 3.39 9.61
CA GLY A 51 -8.55 3.84 8.62
C GLY A 51 -7.13 3.39 8.92
N VAL A 52 -6.97 2.12 9.29
CA VAL A 52 -5.64 1.58 9.59
C VAL A 52 -4.86 1.36 8.30
N GLY A 53 -5.53 0.75 7.32
CA GLY A 53 -4.92 0.52 6.02
C GLY A 53 -4.63 1.81 5.30
N LYS A 54 -5.40 2.84 5.63
CA LYS A 54 -5.21 4.15 5.02
C LYS A 54 -3.88 4.76 5.47
N LYS A 55 -3.54 4.52 6.74
CA LYS A 55 -2.26 4.99 7.28
C LYS A 55 -1.12 4.38 6.49
N LEU A 56 -1.20 3.06 6.27
CA LEU A 56 -0.19 2.33 5.51
C LEU A 56 -0.01 2.91 4.11
N LEU A 57 -1.09 2.88 3.34
CA LEU A 57 -1.04 3.32 1.95
C LEU A 57 -0.62 4.78 1.83
N LYS A 58 -0.99 5.59 2.81
CA LYS A 58 -0.62 7.01 2.82
C LYS A 58 0.89 7.15 2.75
N ALA A 59 1.59 6.55 3.71
CA ALA A 59 3.05 6.69 3.81
C ALA A 59 3.74 6.09 2.59
N VAL A 60 3.20 5.00 2.06
CA VAL A 60 3.76 4.38 0.87
C VAL A 60 3.68 5.32 -0.31
N VAL A 61 2.51 5.95 -0.48
CA VAL A 61 2.32 6.90 -1.56
C VAL A 61 3.16 8.15 -1.34
N GLU A 62 3.25 8.60 -0.09
CA GLU A 62 4.09 9.75 0.26
C GLU A 62 5.54 9.48 -0.13
N HIS A 63 6.03 8.29 0.22
CA HIS A 63 7.40 7.91 -0.11
C HIS A 63 7.57 7.76 -1.62
N ALA A 64 6.50 7.32 -2.28
CA ALA A 64 6.49 7.21 -3.73
C ALA A 64 6.54 8.60 -4.37
N ARG A 65 5.79 9.53 -3.81
CA ARG A 65 5.80 10.92 -4.27
C ARG A 65 7.16 11.55 -4.04
N GLU A 66 7.81 11.14 -2.96
CA GLU A 66 9.15 11.62 -2.61
C GLU A 66 10.18 11.15 -3.63
N ASN A 67 10.19 9.86 -3.89
CA ASN A 67 11.23 9.23 -4.71
C ASN A 67 10.81 9.13 -6.17
N ASN A 68 9.64 9.70 -6.50
CA ASN A 68 9.09 9.65 -7.86
C ASN A 68 8.88 8.19 -8.29
N LEU A 69 8.39 7.38 -7.36
CA LEU A 69 8.18 5.97 -7.60
C LEU A 69 6.83 5.75 -8.27
N LYS A 70 6.82 4.90 -9.28
CA LYS A 70 5.58 4.52 -9.94
C LYS A 70 5.00 3.29 -9.27
N ILE A 71 3.77 3.42 -8.78
CA ILE A 71 3.15 2.37 -7.99
C ILE A 71 2.34 1.40 -8.85
N ILE A 72 2.80 0.16 -8.89
CA ILE A 72 2.04 -0.92 -9.47
C ILE A 72 1.68 -1.91 -8.37
N ALA A 73 0.67 -2.74 -8.59
CA ALA A 73 0.23 -3.65 -7.55
C ALA A 73 0.15 -5.09 -8.03
N SER A 74 0.62 -6.01 -7.21
CA SER A 74 0.49 -7.43 -7.49
C SER A 74 -0.80 -7.97 -6.87
N CYS A 75 -0.98 -7.71 -5.57
CA CYS A 75 -2.18 -8.13 -4.88
C CYS A 75 -3.41 -7.35 -5.36
N SER A 76 -4.39 -8.09 -5.85
CA SER A 76 -5.61 -7.48 -6.38
C SER A 76 -6.37 -6.71 -5.29
N PHE A 77 -6.20 -7.14 -4.05
CA PHE A 77 -6.81 -6.46 -2.91
C PHE A 77 -6.35 -5.01 -2.84
N ALA A 78 -5.03 -4.82 -2.79
CA ALA A 78 -4.46 -3.49 -2.69
C ALA A 78 -4.66 -2.71 -3.99
N LYS A 79 -4.62 -3.43 -5.12
CA LYS A 79 -4.80 -2.81 -6.42
C LYS A 79 -6.21 -2.21 -6.52
N HIS A 80 -7.17 -2.88 -5.91
CA HIS A 80 -8.54 -2.38 -5.86
C HIS A 80 -8.62 -1.14 -4.97
N MET A 81 -7.82 -1.11 -3.90
CA MET A 81 -7.81 0.01 -2.96
C MET A 81 -7.25 1.26 -3.63
N LEU A 82 -6.13 1.09 -4.32
CA LEU A 82 -5.45 2.20 -5.00
C LEU A 82 -6.33 2.79 -6.11
N GLU A 83 -7.14 1.92 -6.71
CA GLU A 83 -8.00 2.31 -7.82
C GLU A 83 -9.31 2.91 -7.31
N LYS A 84 -9.77 2.43 -6.16
CA LYS A 84 -11.08 2.79 -5.63
C LYS A 84 -11.17 4.27 -5.29
N GLU A 85 -10.20 4.79 -4.56
CA GLU A 85 -10.22 6.20 -4.19
C GLU A 85 -9.17 6.98 -4.97
N ASP A 86 -9.42 8.27 -5.16
CA ASP A 86 -8.62 9.10 -6.05
C ASP A 86 -7.32 9.55 -5.41
N SER A 87 -7.18 9.27 -4.12
CA SER A 87 -6.02 9.74 -3.36
C SER A 87 -4.73 9.08 -3.83
N TYR A 88 -4.74 7.76 -3.89
CA TYR A 88 -3.54 6.99 -4.21
C TYR A 88 -3.44 6.73 -5.70
N GLN A 89 -4.50 7.07 -6.43
CA GLN A 89 -4.60 6.79 -7.86
C GLN A 89 -3.63 7.67 -8.67
N ASP A 90 -3.13 8.72 -8.03
CA ASP A 90 -2.27 9.71 -8.72
C ASP A 90 -1.04 9.05 -9.34
N VAL A 91 -0.28 8.33 -8.53
CA VAL A 91 0.94 7.68 -8.99
C VAL A 91 0.73 6.19 -9.22
N TYR A 92 -0.53 5.78 -9.24
CA TYR A 92 -0.90 4.40 -9.45
C TYR A 92 -0.94 4.06 -10.93
N LEU A 93 -0.23 3.01 -11.32
CA LEU A 93 -0.22 2.56 -12.69
C LEU A 93 -1.07 1.30 -12.84
N GLY A 94 -2.30 1.49 -13.28
CA GLY A 94 -3.17 0.38 -13.57
C GLY A 94 -3.42 0.27 -15.05
N LEU A 95 -3.80 1.39 -15.66
CA LEU A 95 -4.04 1.45 -17.09
C LEU A 95 -3.26 2.60 -17.70
N GLU A 96 -3.16 2.58 -19.02
CA GLU A 96 -2.48 3.64 -19.76
C GLU A 96 -3.56 4.54 -20.38
N HIS A 97 -3.20 5.35 -21.36
CA HIS A 97 -4.19 6.06 -22.15
C HIS A 97 -5.03 5.03 -22.89
N HIS A 98 -6.16 4.66 -22.28
CA HIS A 98 -6.92 3.49 -22.70
C HIS A 98 -7.54 3.68 -24.08
N HIS A 99 -7.78 4.92 -24.48
CA HIS A 99 -8.26 5.19 -25.82
C HIS A 99 -7.12 5.01 -26.82
N HIS A 100 -7.11 3.89 -27.50
CA HIS A 100 -6.08 3.61 -28.49
C HIS A 100 -6.24 4.54 -29.68
N HIS A 101 -5.13 4.78 -30.38
CA HIS A 101 -5.09 5.74 -31.48
C HIS A 101 -5.26 7.15 -30.93
N HIS A 102 -4.15 7.81 -30.69
CA HIS A 102 -4.17 9.12 -30.05
C HIS A 102 -3.21 10.08 -30.75
N MET A 1 -4.04 4.03 24.96
CA MET A 1 -4.54 3.65 23.62
C MET A 1 -3.55 4.05 22.55
N SER A 2 -2.99 3.07 21.85
CA SER A 2 -2.06 3.33 20.78
C SER A 2 -2.81 3.77 19.53
N ASN A 3 -2.09 4.40 18.62
CA ASN A 3 -2.70 5.03 17.44
C ASN A 3 -2.64 4.09 16.25
N LEU A 4 -2.31 2.84 16.52
CA LEU A 4 -2.04 1.86 15.46
C LEU A 4 -0.85 2.33 14.64
N GLU A 5 0.27 2.53 15.33
CA GLU A 5 1.47 3.09 14.74
C GLU A 5 1.99 2.23 13.60
N ILE A 6 2.32 2.88 12.50
CA ILE A 6 2.97 2.22 11.39
C ILE A 6 4.43 2.00 11.73
N LYS A 7 4.80 0.75 11.96
CA LYS A 7 6.15 0.41 12.34
C LYS A 7 7.02 0.22 11.11
N GLN A 8 8.19 0.84 11.13
CA GLN A 8 9.12 0.76 10.01
C GLN A 8 9.68 -0.64 9.86
N GLY A 9 9.81 -1.07 8.62
CA GLY A 9 10.38 -2.36 8.33
C GLY A 9 11.03 -2.38 6.97
N GLU A 10 11.88 -3.36 6.73
CA GLU A 10 12.63 -3.45 5.48
C GLU A 10 11.67 -3.69 4.31
N ASN A 11 11.27 -2.61 3.66
CA ASN A 11 10.38 -2.63 2.51
C ASN A 11 9.01 -3.24 2.84
N LYS A 12 8.65 -3.20 4.12
CA LYS A 12 7.33 -3.61 4.56
C LYS A 12 6.89 -2.79 5.77
N PHE A 13 5.70 -2.22 5.67
CA PHE A 13 5.12 -1.47 6.78
C PHE A 13 4.12 -2.37 7.50
N TYR A 14 4.13 -2.34 8.82
CA TYR A 14 3.24 -3.19 9.59
C TYR A 14 2.67 -2.47 10.79
N ILE A 15 1.35 -2.56 10.94
CA ILE A 15 0.67 -2.04 12.10
C ILE A 15 0.53 -3.14 13.15
N GLY A 16 1.24 -2.95 14.25
CA GLY A 16 1.21 -3.91 15.32
C GLY A 16 2.21 -3.54 16.40
N ASP A 17 2.05 -4.11 17.58
CA ASP A 17 2.97 -3.83 18.69
C ASP A 17 4.23 -4.68 18.57
N ASP A 18 4.14 -5.70 17.73
CA ASP A 18 5.26 -6.60 17.46
C ASP A 18 4.99 -7.28 16.13
N GLU A 19 6.01 -7.86 15.51
CA GLU A 19 5.82 -8.60 14.27
C GLU A 19 4.93 -9.83 14.50
N ASN A 20 4.93 -10.32 15.72
CA ASN A 20 4.06 -11.44 16.10
C ASN A 20 2.63 -10.94 16.35
N ASN A 21 2.47 -9.63 16.34
CA ASN A 21 1.18 -9.01 16.58
C ASN A 21 0.84 -8.04 15.46
N ALA A 22 1.42 -8.28 14.29
CA ALA A 22 1.15 -7.45 13.12
C ALA A 22 -0.23 -7.75 12.59
N LEU A 23 -1.19 -6.90 12.92
CA LEU A 23 -2.58 -7.10 12.53
C LEU A 23 -2.80 -6.62 11.10
N ALA A 24 -1.86 -5.84 10.60
CA ALA A 24 -1.92 -5.37 9.23
C ALA A 24 -0.53 -5.09 8.68
N GLU A 25 -0.01 -5.96 7.83
CA GLU A 25 1.28 -5.71 7.20
C GLU A 25 1.12 -5.58 5.69
N ILE A 26 1.84 -4.62 5.12
CA ILE A 26 1.80 -4.38 3.68
C ILE A 26 3.21 -4.31 3.12
N THR A 27 3.44 -5.04 2.04
CA THR A 27 4.73 -5.04 1.39
C THR A 27 4.71 -4.14 0.17
N TYR A 28 5.78 -3.40 -0.03
CA TYR A 28 5.91 -2.54 -1.21
C TYR A 28 7.29 -2.76 -1.82
N ARG A 29 7.57 -4.01 -2.14
CA ARG A 29 8.91 -4.41 -2.53
C ARG A 29 9.21 -3.99 -3.96
N PHE A 30 10.49 -3.82 -4.24
CA PHE A 30 10.93 -3.34 -5.55
C PHE A 30 11.02 -4.49 -6.54
N VAL A 31 10.14 -4.48 -7.54
CA VAL A 31 10.25 -5.43 -8.63
C VAL A 31 11.23 -4.91 -9.66
N ASP A 32 11.50 -3.62 -9.56
CA ASP A 32 12.48 -2.95 -10.40
C ASP A 32 13.07 -1.79 -9.62
N ASN A 33 13.67 -0.82 -10.30
CA ASN A 33 14.36 0.26 -9.61
C ASN A 33 13.39 1.28 -9.03
N ASN A 34 12.34 1.61 -9.79
CA ASN A 34 11.40 2.65 -9.39
C ASN A 34 10.06 2.03 -9.03
N GLU A 35 9.82 0.88 -9.63
CA GLU A 35 8.55 0.21 -9.55
C GLU A 35 8.45 -0.64 -8.28
N ILE A 36 7.73 -0.13 -7.30
CA ILE A 36 7.44 -0.88 -6.10
C ILE A 36 6.07 -1.51 -6.21
N ASN A 37 5.91 -2.71 -5.69
CA ASN A 37 4.65 -3.40 -5.80
C ASN A 37 4.16 -3.90 -4.45
N ILE A 38 2.86 -3.75 -4.23
CA ILE A 38 2.22 -4.32 -3.08
C ILE A 38 1.80 -5.75 -3.41
N ASP A 39 2.68 -6.68 -3.13
CA ASP A 39 2.45 -8.07 -3.51
C ASP A 39 1.74 -8.83 -2.40
N HIS A 40 1.61 -8.20 -1.24
CA HIS A 40 0.88 -8.78 -0.12
C HIS A 40 0.21 -7.68 0.70
N THR A 41 -1.04 -7.92 1.05
CA THR A 41 -1.79 -6.98 1.87
C THR A 41 -2.57 -7.73 2.95
N GLY A 42 -1.97 -7.86 4.12
CA GLY A 42 -2.63 -8.56 5.21
C GLY A 42 -3.18 -7.60 6.23
N VAL A 43 -4.14 -6.78 5.80
CA VAL A 43 -4.69 -5.75 6.64
C VAL A 43 -6.06 -6.15 7.17
N SER A 44 -6.16 -6.26 8.49
CA SER A 44 -7.45 -6.49 9.14
C SER A 44 -8.31 -5.24 9.05
N ASP A 45 -9.58 -5.42 8.69
CA ASP A 45 -10.46 -4.29 8.43
C ASP A 45 -11.77 -4.42 9.20
N GLU A 46 -11.91 -5.52 9.93
CA GLU A 46 -13.12 -5.80 10.69
C GLU A 46 -13.42 -4.66 11.67
N LEU A 47 -12.38 -4.13 12.30
CA LEU A 47 -12.52 -3.03 13.24
C LEU A 47 -12.95 -1.74 12.53
N GLY A 48 -12.51 -1.57 11.30
CA GLY A 48 -12.80 -0.35 10.56
C GLY A 48 -12.20 0.86 11.24
N GLY A 49 -10.96 0.73 11.70
CA GLY A 49 -10.32 1.80 12.44
C GLY A 49 -9.84 2.93 11.55
N GLN A 50 -10.78 3.71 11.04
CA GLN A 50 -10.49 4.90 10.24
C GLN A 50 -9.60 4.54 9.04
N GLY A 51 -9.98 3.50 8.32
CA GLY A 51 -9.21 3.05 7.17
C GLY A 51 -7.84 2.54 7.55
N VAL A 52 -7.78 1.35 8.14
CA VAL A 52 -6.52 0.75 8.55
C VAL A 52 -5.61 0.54 7.34
N GLY A 53 -6.18 -0.01 6.27
CA GLY A 53 -5.41 -0.23 5.06
C GLY A 53 -5.06 1.09 4.38
N LYS A 54 -5.95 2.07 4.51
CA LYS A 54 -5.74 3.37 3.90
C LYS A 54 -4.57 4.08 4.56
N LYS A 55 -4.44 3.88 5.87
CA LYS A 55 -3.34 4.45 6.64
C LYS A 55 -2.00 3.94 6.11
N LEU A 56 -1.92 2.62 5.93
CA LEU A 56 -0.70 1.99 5.41
C LEU A 56 -0.44 2.40 3.97
N LEU A 57 -1.47 2.34 3.15
CA LEU A 57 -1.35 2.69 1.73
C LEU A 57 -0.90 4.14 1.58
N LYS A 58 -1.39 5.01 2.46
CA LYS A 58 -1.02 6.41 2.43
C LYS A 58 0.48 6.57 2.61
N ALA A 59 1.04 5.84 3.57
CA ALA A 59 2.48 5.91 3.85
C ALA A 59 3.30 5.50 2.63
N VAL A 60 2.85 4.46 1.96
CA VAL A 60 3.54 3.97 0.77
C VAL A 60 3.45 5.00 -0.35
N VAL A 61 2.24 5.46 -0.65
CA VAL A 61 2.02 6.45 -1.70
C VAL A 61 2.76 7.75 -1.40
N GLU A 62 2.70 8.17 -0.15
CA GLU A 62 3.29 9.42 0.30
C GLU A 62 4.81 9.39 0.13
N HIS A 63 5.43 8.30 0.54
CA HIS A 63 6.88 8.16 0.45
C HIS A 63 7.32 7.96 -1.00
N ALA A 64 6.53 7.22 -1.76
CA ALA A 64 6.81 7.01 -3.17
C ALA A 64 6.69 8.32 -3.93
N ARG A 65 5.76 9.15 -3.49
CA ARG A 65 5.55 10.46 -4.08
C ARG A 65 6.79 11.33 -3.90
N GLU A 66 7.45 11.15 -2.75
CA GLU A 66 8.69 11.86 -2.47
C GLU A 66 9.80 11.44 -3.43
N ASN A 67 10.02 10.13 -3.51
CA ASN A 67 11.18 9.58 -4.21
C ASN A 67 10.92 9.43 -5.71
N ASN A 68 9.73 9.85 -6.15
CA ASN A 68 9.36 9.77 -7.58
C ASN A 68 9.27 8.31 -8.03
N LEU A 69 8.76 7.47 -7.13
CA LEU A 69 8.66 6.04 -7.41
C LEU A 69 7.33 5.72 -8.09
N LYS A 70 7.22 4.49 -8.57
CA LYS A 70 5.99 4.04 -9.23
C LYS A 70 5.33 2.96 -8.38
N ILE A 71 4.05 3.09 -8.13
CA ILE A 71 3.34 2.12 -7.32
C ILE A 71 2.42 1.23 -8.16
N ILE A 72 2.69 -0.07 -8.11
CA ILE A 72 1.81 -1.06 -8.69
C ILE A 72 1.39 -2.05 -7.60
N ALA A 73 0.33 -2.79 -7.83
CA ALA A 73 -0.19 -3.68 -6.79
C ALA A 73 -0.46 -5.07 -7.34
N SER A 74 0.06 -6.07 -6.66
CA SER A 74 -0.18 -7.46 -7.00
C SER A 74 -1.49 -7.92 -6.35
N CYS A 75 -1.65 -7.56 -5.08
CA CYS A 75 -2.88 -7.84 -4.36
C CYS A 75 -4.03 -7.03 -4.96
N SER A 76 -5.07 -7.72 -5.41
CA SER A 76 -6.21 -7.06 -6.05
C SER A 76 -6.89 -6.09 -5.10
N PHE A 77 -6.84 -6.39 -3.81
CA PHE A 77 -7.43 -5.53 -2.80
C PHE A 77 -6.82 -4.14 -2.83
N ALA A 78 -5.49 -4.07 -2.67
CA ALA A 78 -4.78 -2.81 -2.67
C ALA A 78 -4.87 -2.14 -4.03
N LYS A 79 -4.84 -2.94 -5.08
CA LYS A 79 -4.96 -2.44 -6.44
C LYS A 79 -6.31 -1.76 -6.62
N HIS A 80 -7.34 -2.36 -6.05
CA HIS A 80 -8.70 -1.84 -6.18
C HIS A 80 -8.90 -0.61 -5.30
N MET A 81 -8.06 -0.46 -4.28
CA MET A 81 -8.07 0.73 -3.44
C MET A 81 -7.55 1.91 -4.25
N LEU A 82 -6.59 1.63 -5.12
CA LEU A 82 -6.02 2.65 -6.00
C LEU A 82 -7.03 3.02 -7.09
N GLU A 83 -7.85 2.05 -7.48
CA GLU A 83 -8.92 2.31 -8.43
C GLU A 83 -10.01 3.16 -7.80
N LYS A 84 -10.27 2.90 -6.52
CA LYS A 84 -11.32 3.59 -5.78
C LYS A 84 -11.10 5.10 -5.77
N GLU A 85 -9.91 5.51 -5.39
CA GLU A 85 -9.66 6.91 -5.11
C GLU A 85 -8.68 7.50 -6.11
N ASP A 86 -9.14 8.47 -6.88
CA ASP A 86 -8.33 9.11 -7.93
C ASP A 86 -7.29 10.04 -7.32
N SER A 87 -7.27 10.12 -6.00
CA SER A 87 -6.33 10.96 -5.28
C SER A 87 -4.98 10.25 -5.13
N TYR A 88 -4.92 9.00 -5.56
CA TYR A 88 -3.68 8.23 -5.53
C TYR A 88 -3.06 8.17 -6.93
N GLN A 89 -3.62 8.93 -7.85
CA GLN A 89 -3.25 8.85 -9.26
C GLN A 89 -1.92 9.56 -9.52
N ASP A 90 -1.30 10.09 -8.47
CA ASP A 90 -0.01 10.75 -8.60
C ASP A 90 1.07 9.73 -8.95
N VAL A 91 1.22 8.72 -8.11
CA VAL A 91 2.24 7.69 -8.30
C VAL A 91 1.64 6.43 -8.90
N TYR A 92 0.32 6.43 -9.07
CA TYR A 92 -0.36 5.33 -9.73
C TYR A 92 -0.30 5.53 -11.23
N LEU A 93 0.41 4.62 -11.90
CA LEU A 93 0.63 4.72 -13.35
C LEU A 93 -0.68 4.57 -14.12
N GLY A 94 -1.58 3.76 -13.59
CA GLY A 94 -2.86 3.53 -14.24
C GLY A 94 -2.78 2.52 -15.35
N LEU A 95 -3.89 1.90 -15.66
CA LEU A 95 -3.95 0.93 -16.75
C LEU A 95 -4.62 1.56 -17.95
N GLU A 96 -5.87 1.92 -17.78
CA GLU A 96 -6.66 2.53 -18.84
C GLU A 96 -7.53 3.64 -18.23
N HIS A 97 -6.99 4.86 -18.23
CA HIS A 97 -7.70 6.01 -17.67
C HIS A 97 -8.99 6.30 -18.45
N HIS A 98 -10.12 6.09 -17.79
CA HIS A 98 -11.41 6.28 -18.43
C HIS A 98 -12.46 6.71 -17.42
N HIS A 99 -12.86 7.97 -17.51
CA HIS A 99 -13.94 8.49 -16.69
C HIS A 99 -14.96 9.17 -17.58
N HIS A 100 -14.66 10.40 -17.97
CA HIS A 100 -15.48 11.15 -18.92
C HIS A 100 -14.84 12.52 -19.18
N HIS A 101 -13.87 12.88 -18.34
CA HIS A 101 -13.18 14.17 -18.40
C HIS A 101 -14.08 15.28 -17.87
N HIS A 102 -15.17 15.54 -18.58
CA HIS A 102 -16.17 16.50 -18.13
C HIS A 102 -17.55 15.99 -18.53
#